data_8RAH
#
_entry.id   8RAH
#
_cell.length_a   173.710
_cell.length_b   173.710
_cell.length_c   157.890
_cell.angle_alpha   90.000
_cell.angle_beta   90.000
_cell.angle_gamma   120.000
#
_symmetry.space_group_name_H-M   'P 31 2 1'
#
loop_
_entity.id
_entity.type
_entity.pdbx_description
1 polymer 'ribonucleoside-diphosphate reductase'
2 water water
#
_entity_poly.entity_id   1
_entity_poly.type   'polypeptide(L)'
_entity_poly.pdbx_seq_one_letter_code
;MTELSPTALDPTELRSSLDKPFGTNRVIADDAMMADSITPAQYRYHHGSRVRPVNWNNIVDDKDLDVWNRLIANFWLPEK
VPLSNDIPSWRSLTDLERKTTTRVFTGLTLLDTSQATIGELCQIEHARTEHEQAIYTNIAFMQSIHARS(DAH)SSIFST
LCSSEEIDEAYRWAVGNDVLQQRVTTVLCEYESEDPLKRKIAATMLSSLLLYAGFYLPLYFASRGKMMNTADMIRLILRD
KAIHGYYSGYKFQRGLELRSENDKKNLEKFTMNLLDTLYDLEVEYSGQIYEGFDFHDDVFDFVRYNANKALMNLGYPAKY
SEEETHVSPEILAALSPAADENHDFFSGSGSSYIMGKSVETDDDDWDFLEHHHHHH
;
_entity_poly.pdbx_strand_id   A,B,C,D
#
# COMPACT_ATOMS: atom_id res chain seq x y z
N THR A 7 5.30 -9.81 -15.16
CA THR A 7 6.40 -9.36 -14.32
C THR A 7 7.54 -10.39 -14.34
N ALA A 8 8.65 -10.09 -13.65
CA ALA A 8 9.88 -10.86 -13.77
C ALA A 8 10.00 -12.00 -12.75
N LEU A 9 9.01 -12.21 -11.91
CA LEU A 9 9.03 -13.35 -11.00
C LEU A 9 8.97 -14.65 -11.79
N ASP A 10 9.84 -15.59 -11.44
CA ASP A 10 9.84 -16.93 -12.04
C ASP A 10 8.42 -17.50 -12.07
N PRO A 11 7.96 -18.03 -13.21
CA PRO A 11 6.54 -18.41 -13.34
C PRO A 11 6.11 -19.57 -12.46
N THR A 12 7.04 -20.34 -11.91
CA THR A 12 6.67 -21.42 -10.99
C THR A 12 6.52 -20.94 -9.55
N GLU A 13 6.93 -19.71 -9.23
CA GLU A 13 6.89 -19.23 -7.87
C GLU A 13 5.51 -18.66 -7.53
N LEU A 14 5.15 -18.76 -6.25
CA LEU A 14 3.92 -18.15 -5.77
C LEU A 14 4.12 -16.64 -5.65
N ARG A 15 3.08 -15.88 -6.01
CA ARG A 15 3.19 -14.42 -5.90
C ARG A 15 3.37 -13.98 -4.45
N SER A 16 2.79 -14.73 -3.49
CA SER A 16 3.00 -14.44 -2.07
C SER A 16 4.45 -14.57 -1.63
N SER A 17 5.30 -15.25 -2.41
CA SER A 17 6.71 -15.32 -2.03
C SER A 17 7.39 -13.97 -2.06
N LEU A 18 6.78 -12.96 -2.70
CA LEU A 18 7.36 -11.63 -2.70
C LEU A 18 7.17 -10.89 -1.38
N ASP A 19 6.28 -11.36 -0.53
CA ASP A 19 5.88 -10.66 0.68
C ASP A 19 6.48 -11.35 1.91
N LYS A 20 6.70 -10.58 2.96
CA LYS A 20 7.10 -11.17 4.23
C LYS A 20 5.96 -12.08 4.70
N PRO A 21 6.24 -13.34 5.00
CA PRO A 21 5.18 -14.24 5.48
C PRO A 21 4.70 -13.85 6.86
N PHE A 22 3.45 -14.21 7.16
CA PHE A 22 2.98 -14.14 8.53
C PHE A 22 3.73 -15.15 9.39
N GLY A 23 3.78 -14.88 10.69
CA GLY A 23 4.49 -15.75 11.60
C GLY A 23 3.72 -17.03 11.90
N THR A 24 3.92 -17.54 13.12
CA THR A 24 3.23 -18.71 13.62
C THR A 24 2.48 -18.42 14.91
N ASN A 25 2.19 -17.16 15.19
CA ASN A 25 1.47 -16.79 16.41
C ASN A 25 -0.04 -17.02 16.25
N ARG A 26 -0.69 -17.22 17.38
CA ARG A 26 -2.14 -17.28 17.43
C ARG A 26 -2.59 -16.47 18.64
N VAL A 27 -3.25 -15.35 18.41
CA VAL A 27 -3.72 -14.49 19.48
C VAL A 27 -5.19 -14.20 19.24
N ILE A 28 -5.86 -13.78 20.31
CA ILE A 28 -7.20 -13.23 20.20
C ILE A 28 -7.01 -11.74 19.90
N ALA A 29 -7.22 -11.36 18.63
CA ALA A 29 -6.91 -10.00 18.19
C ALA A 29 -7.50 -8.97 19.15
N ASP A 30 -6.68 -8.02 19.59
CA ASP A 30 -7.19 -6.93 20.41
C ASP A 30 -7.87 -5.90 19.50
N ASP A 31 -8.33 -4.80 20.12
CA ASP A 31 -9.12 -3.84 19.37
C ASP A 31 -8.32 -3.18 18.26
N ALA A 32 -7.03 -2.86 18.53
CA ALA A 32 -6.22 -2.24 17.49
C ALA A 32 -5.99 -3.17 16.32
N MET A 33 -5.70 -4.44 16.60
CA MET A 33 -5.52 -5.40 15.50
C MET A 33 -6.80 -5.55 14.69
N MET A 34 -7.96 -5.60 15.36
CA MET A 34 -9.21 -5.71 14.63
C MET A 34 -9.46 -4.46 13.79
N ALA A 35 -9.17 -3.28 14.34
CA ALA A 35 -9.41 -2.04 13.62
C ALA A 35 -8.53 -1.94 12.37
N ASP A 36 -7.32 -2.51 12.42
CA ASP A 36 -6.45 -2.50 11.26
C ASP A 36 -6.72 -3.64 10.29
N SER A 37 -7.60 -4.59 10.62
CA SER A 37 -7.87 -5.65 9.66
C SER A 37 -8.73 -5.10 8.52
N ILE A 38 -8.73 -5.81 7.40
CA ILE A 38 -9.34 -5.33 6.16
C ILE A 38 -10.18 -6.44 5.54
N THR A 39 -11.02 -6.06 4.56
CA THR A 39 -11.73 -7.07 3.80
C THR A 39 -10.82 -7.69 2.75
N PRO A 40 -11.12 -8.92 2.30
CA PRO A 40 -10.33 -9.52 1.21
C PRO A 40 -10.14 -8.63 0.00
N ALA A 41 -11.18 -7.90 -0.41
CA ALA A 41 -11.09 -7.11 -1.63
C ALA A 41 -10.14 -5.95 -1.50
N GLN A 42 -9.77 -5.57 -0.27
CA GLN A 42 -8.82 -4.49 -0.06
C GLN A 42 -7.37 -4.98 -0.01
N TYR A 43 -7.14 -6.29 -0.11
CA TYR A 43 -5.80 -6.81 0.15
C TYR A 43 -4.80 -6.38 -0.92
N ARG A 44 -5.26 -6.24 -2.17
CA ARG A 44 -4.37 -5.97 -3.31
C ARG A 44 -3.40 -4.82 -3.02
N TYR A 45 -3.89 -3.77 -2.37
CA TYR A 45 -2.97 -2.67 -2.11
CA TYR A 45 -3.16 -2.55 -2.06
C TYR A 45 -2.62 -2.53 -0.64
N HIS A 46 -2.88 -3.57 0.16
CA HIS A 46 -2.46 -3.60 1.56
C HIS A 46 -1.88 -4.97 1.89
N HIS A 47 -0.94 -5.44 1.07
CA HIS A 47 -0.22 -6.67 1.38
C HIS A 47 0.39 -6.59 2.78
N GLY A 48 0.31 -7.69 3.51
CA GLY A 48 0.77 -7.74 4.88
C GLY A 48 -0.28 -7.39 5.92
N SER A 49 -1.40 -6.81 5.52
CA SER A 49 -2.51 -6.58 6.44
C SER A 49 -3.24 -7.90 6.70
N ARG A 50 -3.92 -7.95 7.84
CA ARG A 50 -4.71 -9.12 8.19
C ARG A 50 -6.12 -9.00 7.60
N VAL A 51 -6.65 -10.12 7.13
CA VAL A 51 -7.91 -10.15 6.39
C VAL A 51 -8.99 -10.74 7.27
N ARG A 52 -10.16 -10.11 7.26
CA ARG A 52 -11.23 -10.39 8.21
C ARG A 52 -12.44 -11.01 7.50
N PRO A 53 -13.00 -12.11 8.01
CA PRO A 53 -14.20 -12.68 7.39
C PRO A 53 -15.42 -11.80 7.64
N VAL A 54 -16.41 -11.90 6.74
CA VAL A 54 -17.64 -11.14 6.91
C VAL A 54 -18.38 -11.64 8.16
N ASN A 55 -18.96 -10.71 8.91
CA ASN A 55 -19.65 -11.03 10.16
C ASN A 55 -21.07 -10.48 10.09
N TRP A 56 -22.03 -11.33 9.78
CA TRP A 56 -23.40 -10.84 9.66
C TRP A 56 -24.07 -10.64 11.01
N ASN A 57 -23.40 -10.97 12.11
CA ASN A 57 -23.88 -10.64 13.44
C ASN A 57 -23.24 -9.39 14.00
N ASN A 58 -22.55 -8.63 13.15
CA ASN A 58 -21.95 -7.35 13.52
C ASN A 58 -22.24 -6.36 12.39
N ILE A 59 -23.51 -5.97 12.27
CA ILE A 59 -23.96 -5.09 11.19
C ILE A 59 -23.50 -3.67 11.48
N VAL A 60 -22.78 -3.07 10.53
CA VAL A 60 -22.28 -1.71 10.72
C VAL A 60 -23.34 -0.67 10.36
N ASP A 61 -24.11 -0.92 9.31
CA ASP A 61 -25.16 -0.01 8.84
C ASP A 61 -26.42 -0.84 8.66
N ASP A 62 -27.44 -0.58 9.48
CA ASP A 62 -28.67 -1.37 9.43
C ASP A 62 -29.29 -1.37 8.04
N LYS A 63 -29.06 -0.33 7.26
CA LYS A 63 -29.57 -0.30 5.88
C LYS A 63 -29.05 -1.48 5.07
N ASP A 64 -27.82 -1.91 5.32
CA ASP A 64 -27.26 -3.02 4.55
C ASP A 64 -28.07 -4.30 4.78
N LEU A 65 -28.41 -4.59 6.04
CA LEU A 65 -29.17 -5.80 6.31
C LEU A 65 -30.55 -5.72 5.67
N ASP A 66 -31.20 -4.55 5.73
CA ASP A 66 -32.53 -4.41 5.12
C ASP A 66 -32.48 -4.58 3.61
N VAL A 67 -31.45 -4.02 2.97
CA VAL A 67 -31.36 -4.09 1.51
C VAL A 67 -31.05 -5.52 1.06
N TRP A 68 -30.07 -6.16 1.70
CA TRP A 68 -29.78 -7.56 1.46
C TRP A 68 -31.03 -8.42 1.53
N ASN A 69 -31.77 -8.30 2.64
CA ASN A 69 -32.97 -9.12 2.84
C ASN A 69 -34.02 -8.85 1.78
N ARG A 70 -34.18 -7.59 1.37
CA ARG A 70 -35.19 -7.26 0.37
C ARG A 70 -34.80 -7.78 -1.00
N LEU A 71 -33.55 -7.59 -1.41
CA LEU A 71 -33.12 -8.03 -2.73
C LEU A 71 -33.18 -9.54 -2.87
N ILE A 72 -32.83 -10.26 -1.80
CA ILE A 72 -32.86 -11.71 -1.85
C ILE A 72 -34.30 -12.22 -1.84
N ALA A 73 -35.19 -11.57 -1.10
CA ALA A 73 -36.58 -11.97 -1.14
C ALA A 73 -37.21 -11.73 -2.51
N ASN A 74 -36.66 -10.81 -3.29
CA ASN A 74 -37.20 -10.47 -4.59
C ASN A 74 -36.58 -11.30 -5.71
N PHE A 75 -35.82 -12.35 -5.38
CA PHE A 75 -35.21 -13.19 -6.41
C PHE A 75 -36.27 -13.74 -7.37
N TRP A 76 -35.98 -13.72 -8.66
CA TRP A 76 -36.90 -14.25 -9.66
C TRP A 76 -36.08 -14.75 -10.84
N LEU A 77 -36.72 -15.55 -11.68
CA LEU A 77 -36.10 -16.06 -12.90
C LEU A 77 -37.04 -15.88 -14.09
N PRO A 78 -36.52 -15.58 -15.28
CA PRO A 78 -37.42 -15.34 -16.43
C PRO A 78 -38.22 -16.57 -16.82
N GLU A 79 -37.69 -17.76 -16.52
CA GLU A 79 -38.38 -19.01 -16.81
C GLU A 79 -39.74 -19.10 -16.12
N LYS A 80 -39.99 -18.29 -15.08
CA LYS A 80 -41.26 -18.35 -14.37
C LYS A 80 -42.31 -17.41 -14.94
N VAL A 81 -41.94 -16.54 -15.89
CA VAL A 81 -42.90 -15.65 -16.53
C VAL A 81 -43.39 -16.34 -17.79
N PRO A 82 -44.73 -16.42 -18.01
CA PRO A 82 -45.25 -17.10 -19.22
C PRO A 82 -45.14 -16.23 -20.46
N LEU A 83 -43.89 -15.98 -20.88
CA LEU A 83 -43.67 -15.07 -22.02
C LEU A 83 -44.32 -15.58 -23.30
N SER A 84 -44.45 -16.91 -23.45
CA SER A 84 -45.03 -17.41 -24.69
C SER A 84 -46.49 -17.01 -24.86
N ASN A 85 -47.15 -16.57 -23.78
CA ASN A 85 -48.52 -16.08 -23.94
C ASN A 85 -48.58 -14.71 -24.64
N ASP A 86 -47.43 -14.05 -24.86
CA ASP A 86 -47.36 -12.82 -25.63
C ASP A 86 -47.20 -13.03 -27.13
N ILE A 87 -47.04 -14.28 -27.59
CA ILE A 87 -46.78 -14.52 -29.01
C ILE A 87 -47.87 -13.93 -29.90
N PRO A 88 -49.18 -14.13 -29.63
CA PRO A 88 -50.20 -13.46 -30.47
C PRO A 88 -50.10 -11.95 -30.44
N SER A 89 -49.89 -11.36 -29.28
CA SER A 89 -49.74 -9.90 -29.21
C SER A 89 -48.54 -9.44 -30.02
N TRP A 90 -47.42 -10.15 -29.91
CA TRP A 90 -46.22 -9.79 -30.65
C TRP A 90 -46.47 -9.82 -32.15
N ARG A 91 -47.19 -10.83 -32.63
CA ARG A 91 -47.48 -10.91 -34.05
C ARG A 91 -48.48 -9.84 -34.50
N SER A 92 -49.26 -9.28 -33.58
CA SER A 92 -50.20 -8.23 -33.97
C SER A 92 -49.52 -6.87 -34.10
N LEU A 93 -48.30 -6.72 -33.59
CA LEU A 93 -47.53 -5.51 -33.80
C LEU A 93 -47.17 -5.36 -35.28
N THR A 94 -46.66 -4.19 -35.66
CA THR A 94 -46.09 -3.99 -36.98
C THR A 94 -44.64 -4.48 -37.03
N ASP A 95 -44.09 -4.61 -38.24
CA ASP A 95 -42.69 -4.96 -38.39
C ASP A 95 -41.78 -3.95 -37.71
N LEU A 96 -42.09 -2.65 -37.86
CA LEU A 96 -41.27 -1.62 -37.22
C LEU A 96 -41.33 -1.74 -35.70
N GLU A 97 -42.51 -2.02 -35.14
CA GLU A 97 -42.60 -2.19 -33.70
C GLU A 97 -41.77 -3.38 -33.22
N ARG A 98 -41.81 -4.49 -33.96
CA ARG A 98 -41.02 -5.65 -33.54
C ARG A 98 -39.53 -5.37 -33.64
N LYS A 99 -39.09 -4.83 -34.78
CA LYS A 99 -37.67 -4.51 -34.96
C LYS A 99 -37.19 -3.55 -33.87
N THR A 100 -37.96 -2.48 -33.63
CA THR A 100 -37.60 -1.50 -32.60
C THR A 100 -37.50 -2.17 -31.24
N THR A 101 -38.39 -3.10 -30.93
CA THR A 101 -38.35 -3.74 -29.62
C THR A 101 -37.11 -4.60 -29.46
N THR A 102 -36.78 -5.41 -30.47
CA THR A 102 -35.62 -6.28 -30.31
C THR A 102 -34.34 -5.45 -30.22
N ARG A 103 -34.25 -4.38 -30.99
CA ARG A 103 -33.07 -3.51 -30.93
C ARG A 103 -32.98 -2.80 -29.58
N VAL A 104 -34.07 -2.16 -29.14
CA VAL A 104 -34.08 -1.52 -27.83
C VAL A 104 -33.66 -2.52 -26.74
N PHE A 105 -34.21 -3.72 -26.78
CA PHE A 105 -33.89 -4.70 -25.73
C PHE A 105 -32.45 -5.19 -25.86
N THR A 106 -31.89 -5.22 -27.07
CA THR A 106 -30.50 -5.60 -27.20
C THR A 106 -29.58 -4.52 -26.62
N GLY A 107 -29.95 -3.25 -26.79
CA GLY A 107 -29.17 -2.17 -26.18
C GLY A 107 -29.27 -2.18 -24.66
N LEU A 108 -30.43 -2.56 -24.12
CA LEU A 108 -30.57 -2.73 -22.67
C LEU A 108 -29.71 -3.87 -22.17
N THR A 109 -29.71 -4.99 -22.90
CA THR A 109 -28.81 -6.10 -22.60
C THR A 109 -27.37 -5.64 -22.47
N LEU A 110 -26.92 -4.78 -23.39
CA LEU A 110 -25.54 -4.30 -23.34
C LEU A 110 -25.27 -3.56 -22.04
N LEU A 111 -26.23 -2.73 -21.59
CA LEU A 111 -26.01 -1.98 -20.35
C LEU A 111 -25.99 -2.90 -19.15
N ASP A 112 -26.92 -3.87 -19.10
CA ASP A 112 -26.95 -4.79 -17.97
C ASP A 112 -25.78 -5.77 -18.00
N THR A 113 -25.36 -6.20 -19.19
CA THR A 113 -24.15 -7.01 -19.30
C THR A 113 -22.95 -6.29 -18.71
N SER A 114 -22.82 -4.99 -19.04
CA SER A 114 -21.69 -4.21 -18.52
C SER A 114 -21.77 -4.06 -17.00
N GLN A 115 -22.96 -3.79 -16.47
CA GLN A 115 -23.06 -3.60 -15.03
C GLN A 115 -22.78 -4.92 -14.29
N ALA A 116 -23.26 -6.04 -14.84
CA ALA A 116 -23.13 -7.33 -14.17
C ALA A 116 -21.68 -7.79 -14.10
N THR A 117 -20.89 -7.55 -15.15
CA THR A 117 -19.58 -8.16 -15.27
C THR A 117 -18.44 -7.20 -14.93
N ILE A 118 -18.72 -5.93 -14.64
CA ILE A 118 -17.65 -5.03 -14.19
C ILE A 118 -18.25 -3.85 -13.42
N GLY A 119 -19.36 -3.30 -13.91
CA GLY A 119 -19.86 -2.05 -13.35
C GLY A 119 -20.23 -2.14 -11.88
N GLU A 120 -21.03 -3.15 -11.52
CA GLU A 120 -21.37 -3.30 -10.11
C GLU A 120 -20.24 -3.95 -9.35
N LEU A 121 -19.43 -4.79 -10.01
CA LEU A 121 -18.41 -5.53 -9.29
C LEU A 121 -17.27 -4.62 -8.85
N CYS A 122 -16.99 -3.58 -9.61
CA CYS A 122 -15.92 -2.66 -9.24
C CYS A 122 -16.27 -1.78 -8.05
N GLN A 123 -17.51 -1.88 -7.56
CA GLN A 123 -17.93 -1.14 -6.38
C GLN A 123 -17.51 -1.84 -5.09
N ILE A 124 -17.09 -3.10 -5.18
CA ILE A 124 -16.80 -3.89 -4.00
C ILE A 124 -15.52 -3.42 -3.33
N GLU A 125 -14.46 -3.18 -4.10
CA GLU A 125 -13.16 -2.98 -3.44
C GLU A 125 -13.18 -1.78 -2.49
N HIS A 126 -13.89 -0.71 -2.84
CA HIS A 126 -13.95 0.45 -1.95
C HIS A 126 -15.29 0.58 -1.24
N ALA A 127 -16.03 -0.52 -1.08
CA ALA A 127 -17.27 -0.49 -0.32
C ALA A 127 -17.03 0.01 1.10
N ARG A 128 -18.04 0.67 1.66
CA ARG A 128 -17.93 1.16 3.04
C ARG A 128 -18.04 0.05 4.08
N THR A 129 -18.83 -0.99 3.81
CA THR A 129 -18.98 -2.08 4.77
C THR A 129 -18.79 -3.40 4.05
N GLU A 130 -18.45 -4.43 4.82
CA GLU A 130 -18.32 -5.77 4.24
C GLU A 130 -19.67 -6.33 3.79
N HIS A 131 -20.75 -5.96 4.46
CA HIS A 131 -22.06 -6.46 4.07
C HIS A 131 -22.50 -5.86 2.75
N GLU A 132 -22.12 -4.60 2.51
CA GLU A 132 -22.33 -3.95 1.22
C GLU A 132 -21.59 -4.69 0.11
N GLN A 133 -20.38 -5.19 0.39
CA GLN A 133 -19.67 -6.00 -0.59
C GLN A 133 -20.48 -7.23 -0.99
N ALA A 134 -21.06 -7.93 -0.01
CA ALA A 134 -21.90 -9.08 -0.34
C ALA A 134 -23.12 -8.65 -1.16
N ILE A 135 -23.70 -7.49 -0.83
CA ILE A 135 -24.87 -7.01 -1.58
C ILE A 135 -24.51 -6.83 -3.05
N TYR A 136 -23.31 -6.29 -3.34
CA TYR A 136 -22.94 -6.09 -4.73
C TYR A 136 -22.81 -7.41 -5.48
N THR A 137 -22.45 -8.51 -4.80
CA THR A 137 -22.43 -9.78 -5.51
C THR A 137 -23.84 -10.21 -5.89
N ASN A 138 -24.82 -9.94 -5.02
CA ASN A 138 -26.21 -10.25 -5.37
C ASN A 138 -26.71 -9.38 -6.51
N ILE A 139 -26.39 -8.08 -6.46
CA ILE A 139 -26.86 -7.15 -7.48
C ILE A 139 -26.28 -7.53 -8.84
N ALA A 140 -24.97 -7.83 -8.89
CA ALA A 140 -24.35 -8.20 -10.15
C ALA A 140 -24.96 -9.47 -10.71
N PHE A 141 -25.20 -10.47 -9.87
CA PHE A 141 -25.91 -11.66 -10.32
C PHE A 141 -27.28 -11.32 -10.89
N MET A 142 -28.03 -10.44 -10.20
CA MET A 142 -29.37 -10.15 -10.68
C MET A 142 -29.33 -9.34 -11.96
N GLN A 143 -28.27 -8.54 -12.16
CA GLN A 143 -28.08 -7.89 -13.45
C GLN A 143 -27.76 -8.89 -14.55
N SER A 144 -27.03 -9.96 -14.24
CA SER A 144 -26.90 -11.03 -15.23
C SER A 144 -28.25 -11.66 -15.54
N ILE A 145 -29.12 -11.75 -14.52
CA ILE A 145 -30.48 -12.26 -14.75
C ILE A 145 -31.24 -11.31 -15.66
N HIS A 146 -31.17 -10.00 -15.38
CA HIS A 146 -31.83 -9.03 -16.25
C HIS A 146 -31.37 -9.20 -17.69
N ALA A 147 -30.05 -9.29 -17.89
CA ALA A 147 -29.53 -9.40 -19.26
C ALA A 147 -29.99 -10.70 -19.89
N ARG A 148 -29.93 -11.79 -19.13
CA ARG A 148 -30.40 -13.08 -19.63
C ARG A 148 -31.89 -13.03 -19.99
N SER A 149 -32.65 -12.17 -19.32
CA SER A 149 -34.10 -12.21 -19.47
C SER A 149 -34.52 -11.62 -20.83
N SER A 151 -32.80 -11.99 -23.54
CA SER A 151 -32.58 -13.17 -24.40
C SER A 151 -33.74 -14.19 -24.29
N SER A 152 -34.34 -14.31 -23.09
CA SER A 152 -35.50 -15.20 -22.94
C SER A 152 -36.68 -14.68 -23.75
N ILE A 153 -36.91 -13.37 -23.74
CA ILE A 153 -37.91 -12.79 -24.62
C ILE A 153 -37.63 -13.16 -26.06
N PHE A 154 -36.37 -12.95 -26.50
CA PHE A 154 -36.02 -13.18 -27.89
C PHE A 154 -36.23 -14.63 -28.29
N SER A 155 -35.86 -15.55 -27.39
CA SER A 155 -36.00 -16.97 -27.67
C SER A 155 -37.47 -17.34 -27.84
N THR A 156 -38.37 -16.65 -27.14
CA THR A 156 -39.78 -16.96 -27.18
C THR A 156 -40.45 -16.38 -28.43
N LEU A 157 -40.04 -15.16 -28.83
CA LEU A 157 -40.76 -14.37 -29.82
C LEU A 157 -40.08 -14.24 -31.16
N CYS A 158 -38.75 -14.31 -31.23
CA CYS A 158 -38.02 -13.88 -32.42
C CYS A 158 -37.42 -15.05 -33.18
N SER A 159 -37.24 -14.83 -34.48
CA SER A 159 -36.50 -15.78 -35.30
C SER A 159 -35.00 -15.61 -35.09
N SER A 160 -34.23 -16.63 -35.51
CA SER A 160 -32.78 -16.55 -35.38
C SER A 160 -32.23 -15.37 -36.15
N GLU A 161 -32.80 -15.11 -37.33
CA GLU A 161 -32.36 -13.99 -38.16
C GLU A 161 -32.59 -12.66 -37.46
N GLU A 162 -33.76 -12.50 -36.85
CA GLU A 162 -34.09 -11.27 -36.13
C GLU A 162 -33.14 -11.05 -34.96
N ILE A 163 -32.85 -12.10 -34.18
CA ILE A 163 -31.92 -11.96 -33.06
C ILE A 163 -30.54 -11.56 -33.58
N ASP A 164 -30.05 -12.28 -34.60
CA ASP A 164 -28.73 -12.01 -35.15
C ASP A 164 -28.60 -10.56 -35.62
N GLU A 165 -29.61 -10.05 -36.35
CA GLU A 165 -29.49 -8.69 -36.87
C GLU A 165 -29.51 -7.66 -35.74
N ALA A 166 -30.30 -7.90 -34.69
CA ALA A 166 -30.34 -6.97 -33.56
C ALA A 166 -28.99 -6.90 -32.85
N TYR A 167 -28.29 -8.04 -32.71
CA TYR A 167 -26.98 -7.97 -32.08
C TYR A 167 -25.97 -7.26 -32.97
N ARG A 168 -26.08 -7.46 -34.29
CA ARG A 168 -25.24 -6.74 -35.23
C ARG A 168 -25.54 -5.24 -35.24
N TRP A 169 -26.83 -4.89 -35.09
CA TRP A 169 -27.24 -3.48 -34.97
C TRP A 169 -26.61 -2.82 -33.76
N ALA A 170 -26.57 -3.55 -32.64
CA ALA A 170 -26.05 -2.99 -31.39
C ALA A 170 -24.54 -2.77 -31.49
N VAL A 171 -23.80 -3.75 -32.01
CA VAL A 171 -22.36 -3.57 -32.14
C VAL A 171 -22.07 -2.42 -33.11
N GLY A 172 -22.88 -2.28 -34.15
CA GLY A 172 -22.66 -1.26 -35.16
C GLY A 172 -23.27 0.10 -34.88
N ASN A 173 -23.89 0.30 -33.71
CA ASN A 173 -24.53 1.57 -33.37
C ASN A 173 -23.50 2.41 -32.61
N ASP A 174 -22.93 3.40 -33.29
CA ASP A 174 -21.88 4.24 -32.69
C ASP A 174 -22.36 4.93 -31.42
N VAL A 175 -23.60 5.42 -31.42
CA VAL A 175 -24.10 6.15 -30.26
C VAL A 175 -24.29 5.21 -29.08
N LEU A 176 -24.84 4.01 -29.33
CA LEU A 176 -24.88 2.99 -28.28
C LEU A 176 -23.49 2.74 -27.70
N GLN A 177 -22.49 2.63 -28.58
CA GLN A 177 -21.13 2.37 -28.12
C GLN A 177 -20.59 3.53 -27.30
N GLN A 178 -20.89 4.76 -27.70
CA GLN A 178 -20.46 5.92 -26.91
C GLN A 178 -21.12 5.90 -25.54
N ARG A 179 -22.41 5.57 -25.48
CA ARG A 179 -23.10 5.49 -24.20
C ARG A 179 -22.45 4.47 -23.26
N VAL A 180 -22.25 3.24 -23.74
CA VAL A 180 -21.75 2.22 -22.82
C VAL A 180 -20.31 2.52 -22.42
N THR A 181 -19.49 3.01 -23.36
CA THR A 181 -18.09 3.20 -23.01
C THR A 181 -17.90 4.44 -22.15
N THR A 182 -18.80 5.42 -22.25
CA THR A 182 -18.75 6.54 -21.31
C THR A 182 -18.85 6.05 -19.88
N VAL A 183 -19.74 5.09 -19.62
CA VAL A 183 -19.90 4.56 -18.28
C VAL A 183 -18.72 3.65 -17.92
N LEU A 184 -18.30 2.79 -18.85
CA LEU A 184 -17.21 1.87 -18.56
C LEU A 184 -15.93 2.60 -18.18
N CYS A 185 -15.66 3.74 -18.80
CA CYS A 185 -14.45 4.49 -18.45
C CYS A 185 -14.50 5.00 -17.01
N GLU A 186 -15.68 5.40 -16.52
CA GLU A 186 -15.72 5.92 -15.16
C GLU A 186 -15.47 4.82 -14.14
N TYR A 187 -15.84 3.58 -14.46
CA TYR A 187 -15.53 2.45 -13.59
C TYR A 187 -14.04 2.21 -13.46
N GLU A 188 -13.22 2.78 -14.35
CA GLU A 188 -11.76 2.73 -14.22
C GLU A 188 -11.20 3.85 -13.33
N SER A 189 -12.02 4.81 -12.90
CA SER A 189 -11.50 5.84 -12.00
C SER A 189 -11.00 5.22 -10.70
N GLU A 190 -9.96 5.81 -10.13
CA GLU A 190 -9.56 5.42 -8.78
C GLU A 190 -10.43 6.06 -7.71
N ASP A 191 -11.25 7.04 -8.06
CA ASP A 191 -12.15 7.61 -7.09
C ASP A 191 -13.40 6.74 -6.99
N PRO A 192 -13.59 6.04 -5.87
CA PRO A 192 -14.77 5.16 -5.75
C PRO A 192 -16.09 5.90 -5.85
N LEU A 193 -16.11 7.19 -5.52
CA LEU A 193 -17.36 7.92 -5.64
C LEU A 193 -17.72 8.19 -7.10
N LYS A 194 -16.71 8.33 -7.98
CA LYS A 194 -17.04 8.40 -9.40
C LYS A 194 -17.66 7.09 -9.88
N ARG A 195 -17.15 5.96 -9.38
CA ARG A 195 -17.76 4.67 -9.72
C ARG A 195 -19.20 4.61 -9.25
N LYS A 196 -19.46 5.12 -8.04
CA LYS A 196 -20.81 5.06 -7.48
C LYS A 196 -21.79 5.92 -8.27
N ILE A 197 -21.33 7.11 -8.71
CA ILE A 197 -22.19 8.01 -9.48
C ILE A 197 -22.60 7.33 -10.78
N ALA A 198 -21.64 6.74 -11.48
CA ALA A 198 -21.93 6.05 -12.73
C ALA A 198 -22.89 4.89 -12.51
N ALA A 199 -22.67 4.09 -11.47
CA ALA A 199 -23.58 2.99 -11.21
C ALA A 199 -24.99 3.50 -10.92
N THR A 200 -25.10 4.60 -10.18
CA THR A 200 -26.41 5.16 -9.90
C THR A 200 -27.08 5.62 -11.20
N MET A 201 -26.33 6.29 -12.08
CA MET A 201 -26.88 6.70 -13.37
C MET A 201 -27.34 5.48 -14.16
N LEU A 202 -26.55 4.40 -14.14
CA LEU A 202 -26.93 3.24 -14.92
C LEU A 202 -28.25 2.67 -14.44
N SER A 203 -28.39 2.47 -13.11
CA SER A 203 -29.57 1.81 -12.55
C SER A 203 -30.79 2.73 -12.50
N SER A 204 -30.60 4.04 -12.32
CA SER A 204 -31.70 4.95 -12.14
C SER A 204 -32.04 5.79 -13.39
N LEU A 205 -31.27 5.68 -14.46
CA LEU A 205 -31.53 6.51 -15.63
C LEU A 205 -31.37 5.80 -16.98
N LEU A 206 -30.21 5.16 -17.22
CA LEU A 206 -29.82 4.92 -18.61
C LEU A 206 -30.71 3.93 -19.36
N LEU A 207 -31.43 3.05 -18.66
CA LEU A 207 -32.29 2.11 -19.36
C LEU A 207 -33.72 2.60 -19.56
N TYR A 208 -34.08 3.76 -19.00
CA TYR A 208 -35.51 4.06 -18.87
C TYR A 208 -36.12 4.51 -20.19
N ALA A 209 -35.35 5.10 -21.09
CA ALA A 209 -35.93 5.36 -22.42
C ALA A 209 -36.28 4.05 -23.12
N GLY A 210 -35.56 2.98 -22.79
CA GLY A 210 -35.88 1.68 -23.31
C GLY A 210 -37.07 1.05 -22.60
N PHE A 211 -37.10 1.12 -21.26
CA PHE A 211 -38.25 0.58 -20.53
C PHE A 211 -39.55 1.27 -20.93
N TYR A 212 -39.48 2.51 -21.42
CA TYR A 212 -40.68 3.19 -21.90
C TYR A 212 -41.46 2.34 -22.90
N LEU A 213 -40.75 1.63 -23.79
CA LEU A 213 -41.43 0.93 -24.87
C LEU A 213 -42.33 -0.18 -24.37
N PRO A 214 -41.87 -1.15 -23.56
CA PRO A 214 -42.81 -2.15 -23.06
C PRO A 214 -43.88 -1.58 -22.15
N LEU A 215 -43.58 -0.50 -21.42
CA LEU A 215 -44.63 0.19 -20.66
C LEU A 215 -45.68 0.76 -21.60
N TYR A 216 -45.25 1.33 -22.72
CA TYR A 216 -46.18 1.82 -23.73
C TYR A 216 -47.07 0.70 -24.26
N PHE A 217 -46.47 -0.43 -24.62
CA PHE A 217 -47.28 -1.55 -25.14
C PHE A 217 -48.32 -1.98 -24.10
N ALA A 218 -47.90 -2.12 -22.85
CA ALA A 218 -48.82 -2.51 -21.79
C ALA A 218 -49.96 -1.49 -21.63
N SER A 219 -49.64 -0.19 -21.74
CA SER A 219 -50.70 0.81 -21.66
C SER A 219 -51.69 0.69 -22.81
N ARG A 220 -51.28 0.08 -23.93
CA ARG A 220 -52.15 -0.19 -25.06
CA ARG A 220 -52.18 -0.17 -25.04
C ARG A 220 -52.72 -1.60 -25.04
N GLY A 221 -52.47 -2.36 -23.98
CA GLY A 221 -53.00 -3.71 -23.88
C GLY A 221 -52.23 -4.78 -24.63
N LYS A 222 -50.96 -4.54 -24.95
CA LYS A 222 -50.14 -5.46 -25.73
C LYS A 222 -48.95 -5.91 -24.90
N MET A 223 -48.39 -7.07 -25.26
CA MET A 223 -47.19 -7.59 -24.59
C MET A 223 -47.34 -7.56 -23.07
N MET A 224 -48.44 -8.14 -22.58
CA MET A 224 -48.79 -8.01 -21.16
C MET A 224 -47.88 -8.85 -20.29
N ASN A 225 -47.55 -10.07 -20.70
CA ASN A 225 -46.70 -10.91 -19.85
C ASN A 225 -45.27 -10.38 -19.85
N THR A 226 -44.80 -9.87 -20.99
CA THR A 226 -43.49 -9.22 -21.03
C THR A 226 -43.44 -8.04 -20.07
N ALA A 227 -44.54 -7.27 -19.97
CA ALA A 227 -44.59 -6.15 -19.04
C ALA A 227 -44.40 -6.61 -17.59
N ASP A 228 -44.97 -7.76 -17.23
CA ASP A 228 -44.75 -8.28 -15.88
C ASP A 228 -43.25 -8.48 -15.62
N MET A 229 -42.54 -9.08 -16.60
CA MET A 229 -41.12 -9.31 -16.40
C MET A 229 -40.35 -8.01 -16.30
N ILE A 230 -40.71 -7.04 -17.14
CA ILE A 230 -40.07 -5.73 -17.07
C ILE A 230 -40.26 -5.13 -15.68
N ARG A 231 -41.44 -5.31 -15.08
CA ARG A 231 -41.68 -4.77 -13.75
C ARG A 231 -40.85 -5.51 -12.69
N LEU A 232 -40.58 -6.79 -12.88
CA LEU A 232 -39.65 -7.47 -11.99
C LEU A 232 -38.25 -6.86 -12.11
N ILE A 233 -37.82 -6.55 -13.33
CA ILE A 233 -36.55 -5.86 -13.53
C ILE A 233 -36.57 -4.51 -12.84
N LEU A 234 -37.66 -3.74 -13.03
CA LEU A 234 -37.75 -2.41 -12.44
C LEU A 234 -37.76 -2.47 -10.92
N ARG A 235 -38.40 -3.48 -10.34
CA ARG A 235 -38.41 -3.64 -8.89
C ARG A 235 -36.99 -3.79 -8.35
N ASP A 236 -36.12 -4.49 -9.08
CA ASP A 236 -34.72 -4.59 -8.66
C ASP A 236 -34.00 -3.26 -8.86
N LYS A 237 -34.10 -2.69 -10.06
CA LYS A 237 -33.29 -1.52 -10.38
C LYS A 237 -33.63 -0.32 -9.51
N ALA A 238 -34.88 -0.18 -9.10
CA ALA A 238 -35.21 0.94 -8.22
C ALA A 238 -34.43 0.84 -6.90
N ILE A 239 -34.30 -0.37 -6.36
CA ILE A 239 -33.48 -0.55 -5.17
C ILE A 239 -32.00 -0.40 -5.51
N HIS A 240 -31.57 -0.95 -6.65
CA HIS A 240 -30.15 -0.83 -7.01
C HIS A 240 -29.72 0.63 -7.07
N GLY A 241 -30.53 1.47 -7.72
CA GLY A 241 -30.16 2.88 -7.86
C GLY A 241 -30.27 3.64 -6.55
N TYR A 242 -31.32 3.35 -5.77
CA TYR A 242 -31.41 3.94 -4.44
C TYR A 242 -30.17 3.60 -3.61
N TYR A 243 -29.75 2.33 -3.62
CA TYR A 243 -28.67 1.89 -2.75
C TYR A 243 -27.32 2.46 -3.20
N SER A 244 -27.07 2.49 -4.51
CA SER A 244 -25.86 3.12 -5.03
C SER A 244 -25.79 4.58 -4.60
N GLY A 245 -26.89 5.32 -4.75
CA GLY A 245 -26.90 6.71 -4.36
C GLY A 245 -26.75 6.89 -2.85
N TYR A 246 -27.41 6.04 -2.08
CA TYR A 246 -27.24 6.06 -0.62
C TYR A 246 -25.78 5.91 -0.24
N LYS A 247 -25.11 4.92 -0.81
CA LYS A 247 -23.70 4.68 -0.47
C LYS A 247 -22.80 5.79 -0.98
N PHE A 248 -23.12 6.39 -2.14
CA PHE A 248 -22.42 7.58 -2.59
C PHE A 248 -22.45 8.66 -1.52
N GLN A 249 -23.64 8.93 -0.98
CA GLN A 249 -23.78 9.96 0.03
C GLN A 249 -23.04 9.61 1.32
N ARG A 250 -22.96 8.32 1.69
CA ARG A 250 -22.17 7.97 2.87
C ARG A 250 -20.69 8.26 2.66
N GLY A 251 -20.20 8.10 1.43
CA GLY A 251 -18.81 8.40 1.15
C GLY A 251 -18.61 9.89 1.01
N LEU A 252 -19.56 10.56 0.35
CA LEU A 252 -19.45 11.98 0.09
C LEU A 252 -19.31 12.79 1.38
N GLU A 253 -20.08 12.44 2.41
CA GLU A 253 -20.07 13.26 3.61
C GLU A 253 -18.76 13.17 4.37
N LEU A 254 -17.87 12.24 4.01
CA LEU A 254 -16.53 12.19 4.59
C LEU A 254 -15.48 12.90 3.73
N ARG A 255 -15.87 13.50 2.61
CA ARG A 255 -14.93 14.09 1.69
C ARG A 255 -14.73 15.57 2.01
N SER A 256 -13.59 16.09 1.56
CA SER A 256 -13.29 17.50 1.76
C SER A 256 -14.24 18.36 0.93
N GLU A 257 -14.30 19.65 1.28
CA GLU A 257 -15.10 20.57 0.47
C GLU A 257 -14.60 20.62 -0.97
N ASN A 258 -13.28 20.52 -1.15
CA ASN A 258 -12.73 20.48 -2.51
C ASN A 258 -13.30 19.31 -3.31
N ASP A 259 -13.23 18.10 -2.76
CA ASP A 259 -13.74 16.94 -3.46
C ASP A 259 -15.25 17.00 -3.64
N LYS A 260 -15.99 17.57 -2.67
CA LYS A 260 -17.44 17.66 -2.83
C LYS A 260 -17.82 18.52 -4.03
N LYS A 261 -17.09 19.62 -4.25
CA LYS A 261 -17.38 20.47 -5.40
C LYS A 261 -17.00 19.76 -6.71
N ASN A 262 -15.84 19.09 -6.72
CA ASN A 262 -15.44 18.35 -7.91
C ASN A 262 -16.49 17.32 -8.30
N LEU A 263 -16.98 16.57 -7.31
CA LEU A 263 -17.91 15.49 -7.57
C LEU A 263 -19.28 16.01 -8.00
N GLU A 264 -19.69 17.17 -7.48
CA GLU A 264 -20.95 17.77 -7.92
C GLU A 264 -20.86 18.19 -9.38
N LYS A 265 -19.78 18.87 -9.76
CA LYS A 265 -19.57 19.26 -11.14
C LYS A 265 -19.42 18.03 -12.04
N PHE A 266 -18.67 17.03 -11.58
CA PHE A 266 -18.52 15.82 -12.37
C PHE A 266 -19.87 15.14 -12.61
N THR A 267 -20.71 15.05 -11.57
CA THR A 267 -22.05 14.50 -11.72
C THR A 267 -22.85 15.23 -12.79
N MET A 268 -22.82 16.57 -12.78
CA MET A 268 -23.60 17.30 -13.78
C MET A 268 -23.01 17.12 -15.19
N ASN A 269 -21.69 17.04 -15.32
CA ASN A 269 -21.08 16.78 -16.62
CA ASN A 269 -21.10 16.79 -16.63
C ASN A 269 -21.48 15.41 -17.15
N LEU A 270 -21.46 14.40 -16.29
CA LEU A 270 -21.82 13.06 -16.71
C LEU A 270 -23.28 12.99 -17.13
N LEU A 271 -24.17 13.55 -16.30
CA LEU A 271 -25.60 13.59 -16.63
C LEU A 271 -25.84 14.30 -17.96
N ASP A 272 -25.27 15.49 -18.14
CA ASP A 272 -25.46 16.25 -19.38
C ASP A 272 -25.04 15.42 -20.59
N THR A 273 -23.86 14.82 -20.50
CA THR A 273 -23.34 14.01 -21.59
C THR A 273 -24.22 12.79 -21.86
N LEU A 274 -24.59 12.06 -20.80
CA LEU A 274 -25.46 10.91 -20.99
C LEU A 274 -26.85 11.31 -21.48
N TYR A 275 -27.36 12.46 -21.03
CA TYR A 275 -28.66 12.91 -21.52
C TYR A 275 -28.59 13.21 -23.01
N ASP A 276 -27.61 14.01 -23.44
CA ASP A 276 -27.47 14.31 -24.87
C ASP A 276 -27.35 13.02 -25.69
N LEU A 277 -26.60 12.04 -25.18
CA LEU A 277 -26.46 10.79 -25.92
C LEU A 277 -27.78 10.04 -25.99
N GLU A 278 -28.58 10.11 -24.92
CA GLU A 278 -29.91 9.49 -24.98
C GLU A 278 -30.77 10.14 -26.06
N VAL A 279 -30.78 11.47 -26.14
CA VAL A 279 -31.54 12.15 -27.20
C VAL A 279 -31.10 11.65 -28.58
N GLU A 280 -29.78 11.55 -28.79
CA GLU A 280 -29.31 11.09 -30.10
C GLU A 280 -29.69 9.63 -30.33
N TYR A 281 -29.48 8.78 -29.31
CA TYR A 281 -29.69 7.35 -29.43
C TYR A 281 -31.17 7.00 -29.52
N SER A 282 -31.94 7.34 -28.49
CA SER A 282 -33.35 6.97 -28.47
C SER A 282 -34.20 7.88 -29.36
N GLY A 283 -33.80 9.14 -29.53
CA GLY A 283 -34.50 9.99 -30.49
C GLY A 283 -34.50 9.40 -31.89
N GLN A 284 -33.37 8.81 -32.30
CA GLN A 284 -33.32 8.20 -33.62
C GLN A 284 -34.13 6.91 -33.66
N ILE A 285 -34.07 6.11 -32.59
CA ILE A 285 -34.84 4.87 -32.55
C ILE A 285 -36.34 5.14 -32.61
N TYR A 286 -36.81 6.17 -31.90
CA TYR A 286 -38.24 6.42 -31.74
C TYR A 286 -38.80 7.49 -32.68
N GLU A 287 -38.02 7.99 -33.64
CA GLU A 287 -38.50 9.14 -34.41
C GLU A 287 -39.74 8.83 -35.23
N GLY A 288 -40.00 7.57 -35.56
CA GLY A 288 -41.20 7.26 -36.30
C GLY A 288 -42.42 6.94 -35.44
N PHE A 289 -42.42 7.37 -34.18
CA PHE A 289 -43.47 7.03 -33.24
C PHE A 289 -44.06 8.28 -32.60
N ASP A 290 -45.38 8.24 -32.36
CA ASP A 290 -46.07 9.38 -31.76
C ASP A 290 -45.56 9.70 -30.36
N PHE A 291 -45.07 8.70 -29.64
CA PHE A 291 -44.70 8.91 -28.25
C PHE A 291 -43.30 9.47 -28.08
N HIS A 292 -42.68 9.97 -29.14
CA HIS A 292 -41.28 10.41 -29.09
C HIS A 292 -41.05 11.42 -27.96
N ASP A 293 -41.90 12.45 -27.90
CA ASP A 293 -41.70 13.51 -26.92
C ASP A 293 -41.96 13.03 -25.50
N ASP A 294 -42.98 12.17 -25.32
CA ASP A 294 -43.25 11.61 -23.99
C ASP A 294 -42.05 10.82 -23.47
N VAL A 295 -41.29 10.17 -24.36
CA VAL A 295 -40.13 9.40 -23.93
C VAL A 295 -39.17 10.27 -23.15
N PHE A 296 -38.93 11.49 -23.63
CA PHE A 296 -37.94 12.33 -23.00
C PHE A 296 -38.47 13.06 -21.78
N ASP A 297 -39.79 13.28 -21.69
CA ASP A 297 -40.37 13.58 -20.38
C ASP A 297 -40.01 12.47 -19.39
N PHE A 298 -40.14 11.22 -19.82
CA PHE A 298 -39.85 10.08 -18.95
C PHE A 298 -38.36 9.97 -18.61
N VAL A 299 -37.49 10.28 -19.58
CA VAL A 299 -36.04 10.29 -19.32
C VAL A 299 -35.70 11.34 -18.27
N ARG A 300 -36.18 12.56 -18.47
CA ARG A 300 -35.89 13.64 -17.53
C ARG A 300 -36.49 13.37 -16.17
N TYR A 301 -37.65 12.72 -16.13
CA TYR A 301 -38.28 12.35 -14.87
C TYR A 301 -37.40 11.38 -14.08
N ASN A 302 -36.83 10.38 -14.75
CA ASN A 302 -35.92 9.46 -14.07
C ASN A 302 -34.55 10.08 -13.83
N ALA A 303 -34.12 11.01 -14.69
CA ALA A 303 -32.90 11.75 -14.38
C ALA A 303 -33.02 12.46 -13.04
N ASN A 304 -34.20 13.03 -12.74
CA ASN A 304 -34.40 13.68 -11.44
C ASN A 304 -34.29 12.67 -10.30
N LYS A 305 -34.84 11.46 -10.48
CA LYS A 305 -34.71 10.43 -9.44
C LYS A 305 -33.26 10.02 -9.24
N ALA A 306 -32.50 9.90 -10.33
CA ALA A 306 -31.09 9.57 -10.22
C ALA A 306 -30.36 10.61 -9.38
N LEU A 307 -30.57 11.90 -9.71
CA LEU A 307 -29.99 12.98 -8.91
C LEU A 307 -30.45 12.90 -7.46
N MET A 308 -31.75 12.70 -7.23
CA MET A 308 -32.27 12.63 -5.87
CA MET A 308 -32.24 12.65 -5.86
C MET A 308 -31.67 11.44 -5.11
N ASN A 309 -31.47 10.31 -5.80
CA ASN A 309 -30.81 9.17 -5.17
C ASN A 309 -29.40 9.52 -4.70
N LEU A 310 -28.71 10.41 -5.44
CA LEU A 310 -27.39 10.90 -5.09
C LEU A 310 -27.43 12.03 -4.07
N GLY A 311 -28.60 12.55 -3.72
CA GLY A 311 -28.69 13.66 -2.80
C GLY A 311 -28.62 15.04 -3.43
N TYR A 312 -28.61 15.12 -4.76
CA TYR A 312 -28.55 16.41 -5.43
C TYR A 312 -29.94 16.91 -5.78
N PRO A 313 -30.13 18.22 -5.98
CA PRO A 313 -31.45 18.73 -6.37
C PRO A 313 -31.83 18.29 -7.78
N ALA A 314 -33.13 18.38 -8.06
CA ALA A 314 -33.64 18.05 -9.39
C ALA A 314 -33.11 19.03 -10.43
N LYS A 315 -32.87 18.53 -11.64
CA LYS A 315 -32.41 19.39 -12.72
C LYS A 315 -33.56 19.89 -13.59
N TYR A 316 -34.57 19.06 -13.81
CA TYR A 316 -35.64 19.38 -14.76
C TYR A 316 -36.92 19.73 -14.01
N SER A 317 -37.70 20.63 -14.59
CA SER A 317 -38.89 21.16 -13.95
C SER A 317 -40.06 20.19 -14.10
N GLU A 318 -41.14 20.48 -13.36
CA GLU A 318 -42.36 19.68 -13.51
C GLU A 318 -42.84 19.71 -14.95
N GLU A 319 -42.74 20.87 -15.60
CA GLU A 319 -43.09 21.03 -17.01
C GLU A 319 -42.33 20.04 -17.88
N GLU A 320 -41.04 19.86 -17.62
CA GLU A 320 -40.19 18.99 -18.42
C GLU A 320 -40.30 17.51 -18.06
N THR A 321 -41.05 17.16 -17.02
CA THR A 321 -41.05 15.76 -16.54
C THR A 321 -42.46 15.22 -16.45
N HIS A 322 -43.40 15.76 -17.22
CA HIS A 322 -44.80 15.36 -17.12
C HIS A 322 -45.03 14.14 -18.00
N VAL A 323 -44.91 12.96 -17.39
CA VAL A 323 -45.14 11.67 -18.03
C VAL A 323 -46.63 11.38 -18.09
N SER A 324 -47.10 10.91 -19.25
CA SER A 324 -48.52 10.66 -19.45
C SER A 324 -49.05 9.67 -18.40
N PRO A 325 -50.29 9.85 -17.95
CA PRO A 325 -50.81 8.99 -16.86
C PRO A 325 -50.85 7.52 -17.23
N GLU A 326 -51.03 7.20 -18.51
CA GLU A 326 -51.11 5.80 -18.92
C GLU A 326 -49.79 5.10 -18.70
N ILE A 327 -48.68 5.79 -18.93
CA ILE A 327 -47.37 5.19 -18.74
C ILE A 327 -47.12 4.97 -17.25
N LEU A 328 -47.41 5.99 -16.43
CA LEU A 328 -47.22 5.87 -14.99
C LEU A 328 -48.06 4.75 -14.40
N ALA A 329 -49.29 4.58 -14.91
CA ALA A 329 -50.12 3.47 -14.46
C ALA A 329 -49.52 2.12 -14.85
N ALA A 330 -48.86 2.06 -16.00
CA ALA A 330 -48.24 0.81 -16.42
C ALA A 330 -47.05 0.43 -15.54
N LEU A 331 -46.45 1.40 -14.84
CA LEU A 331 -45.34 1.13 -13.94
C LEU A 331 -45.71 0.23 -12.77
N SER A 332 -47.00 0.00 -12.52
CA SER A 332 -47.39 -0.87 -11.41
C SER A 332 -48.25 -2.03 -11.88
N ALA B 8 9.69 -17.19 20.51
CA ALA B 8 10.48 -15.98 20.74
C ALA B 8 10.53 -15.63 22.23
N LEU B 9 10.92 -14.39 22.52
CA LEU B 9 11.04 -13.86 23.87
C LEU B 9 9.68 -13.43 24.40
N ASP B 10 9.58 -13.39 25.73
CA ASP B 10 8.49 -12.66 26.35
C ASP B 10 8.64 -11.17 26.05
N PRO B 11 7.54 -10.44 25.81
CA PRO B 11 7.68 -9.04 25.38
C PRO B 11 8.48 -8.17 26.32
N THR B 12 8.56 -8.51 27.61
CA THR B 12 9.28 -7.68 28.58
C THR B 12 10.78 -7.93 28.57
N GLU B 13 11.28 -8.92 27.84
CA GLU B 13 12.69 -9.26 27.88
C GLU B 13 13.50 -8.42 26.91
N LEU B 14 14.76 -8.20 27.28
CA LEU B 14 15.70 -7.49 26.41
C LEU B 14 16.15 -8.41 25.27
N ARG B 15 16.27 -7.84 24.06
CA ARG B 15 16.66 -8.65 22.92
C ARG B 15 18.10 -9.15 23.04
N SER B 16 18.97 -8.39 23.70
CA SER B 16 20.35 -8.83 23.90
C SER B 16 20.44 -10.09 24.78
N SER B 17 19.38 -10.46 25.50
CA SER B 17 19.43 -11.70 26.27
C SER B 17 19.51 -12.94 25.39
N LEU B 18 19.30 -12.79 24.08
CA LEU B 18 19.46 -13.91 23.16
C LEU B 18 20.92 -14.22 22.86
N ASP B 19 21.83 -13.29 23.15
CA ASP B 19 23.22 -13.42 22.78
C ASP B 19 24.08 -13.70 24.01
N LYS B 20 25.12 -14.51 23.81
CA LYS B 20 26.15 -14.70 24.82
C LYS B 20 26.69 -13.32 25.24
N PRO B 21 26.61 -12.96 26.51
CA PRO B 21 27.05 -11.63 26.94
C PRO B 21 28.57 -11.51 26.93
N PHE B 22 29.05 -10.28 26.78
CA PHE B 22 30.47 -10.01 26.94
C PHE B 22 30.87 -10.21 28.39
N GLY B 23 32.15 -10.50 28.60
CA GLY B 23 32.61 -10.76 29.95
C GLY B 23 32.77 -9.51 30.78
N THR B 24 33.72 -9.54 31.71
CA THR B 24 34.06 -8.38 32.52
C THR B 24 35.52 -7.98 32.34
N ASN B 25 36.17 -8.46 31.27
CA ASN B 25 37.58 -8.14 31.05
C ASN B 25 37.73 -6.77 30.42
N ARG B 26 38.89 -6.15 30.65
CA ARG B 26 39.27 -4.91 30.00
C ARG B 26 40.71 -5.05 29.54
N VAL B 27 40.92 -5.01 28.22
CA VAL B 27 42.26 -5.09 27.65
C VAL B 27 42.44 -3.91 26.72
N ILE B 28 43.70 -3.63 26.40
CA ILE B 28 44.05 -2.70 25.33
C ILE B 28 44.07 -3.53 24.05
N ALA B 29 43.06 -3.35 23.21
CA ALA B 29 42.85 -4.24 22.08
C ALA B 29 44.09 -4.33 21.21
N ASP B 30 44.55 -5.56 20.95
CA ASP B 30 45.67 -5.75 20.04
C ASP B 30 45.19 -5.58 18.59
N ASP B 31 46.13 -5.74 17.65
CA ASP B 31 45.82 -5.46 16.24
C ASP B 31 44.80 -6.44 15.68
N ALA B 32 44.89 -7.71 16.06
CA ALA B 32 43.89 -8.68 15.59
C ALA B 32 42.50 -8.31 16.10
N MET B 33 42.40 -7.90 17.35
CA MET B 33 41.10 -7.54 17.90
C MET B 33 40.54 -6.27 17.26
N MET B 34 41.37 -5.27 17.01
CA MET B 34 40.91 -4.07 16.30
C MET B 34 40.44 -4.44 14.90
N ALA B 35 41.17 -5.34 14.23
CA ALA B 35 40.84 -5.73 12.87
C ALA B 35 39.48 -6.41 12.79
N ASP B 36 39.08 -7.13 13.83
CA ASP B 36 37.79 -7.79 13.86
C ASP B 36 36.66 -6.90 14.35
N SER B 37 36.96 -5.70 14.83
CA SER B 37 35.91 -4.81 15.29
C SER B 37 35.20 -4.19 14.10
N ILE B 38 33.94 -3.77 14.33
CA ILE B 38 33.05 -3.36 13.26
C ILE B 38 32.38 -2.05 13.64
N THR B 39 31.72 -1.42 12.66
CA THR B 39 30.93 -0.24 12.95
C THR B 39 29.57 -0.63 13.51
N PRO B 40 28.93 0.28 14.26
CA PRO B 40 27.58 -0.03 14.80
C PRO B 40 26.57 -0.47 13.76
N ALA B 41 26.57 0.16 12.58
CA ALA B 41 25.63 -0.23 11.54
C ALA B 41 25.84 -1.66 11.07
N GLN B 42 27.01 -2.24 11.31
CA GLN B 42 27.22 -3.63 10.95
C GLN B 42 26.83 -4.62 12.04
N TYR B 43 26.42 -4.14 13.22
CA TYR B 43 26.25 -5.05 14.35
C TYR B 43 25.11 -6.03 14.13
N ARG B 44 24.04 -5.62 13.44
CA ARG B 44 22.88 -6.51 13.31
C ARG B 44 23.22 -7.81 12.58
N TYR B 45 24.26 -7.79 11.74
CA TYR B 45 24.68 -8.98 11.03
C TYR B 45 25.77 -9.76 11.75
N HIS B 46 26.31 -9.25 12.86
CA HIS B 46 27.49 -9.83 13.49
C HIS B 46 27.39 -9.70 15.01
N HIS B 47 26.31 -10.23 15.58
CA HIS B 47 26.18 -10.19 17.02
C HIS B 47 27.37 -10.87 17.68
N GLY B 48 27.77 -10.33 18.84
CA GLY B 48 28.94 -10.80 19.53
C GLY B 48 30.22 -10.11 19.12
N SER B 49 30.23 -9.44 17.96
CA SER B 49 31.40 -8.68 17.55
C SER B 49 31.51 -7.41 18.39
N ARG B 50 32.73 -6.88 18.46
CA ARG B 50 32.98 -5.66 19.21
C ARG B 50 32.82 -4.45 18.29
N VAL B 51 32.21 -3.40 18.83
CA VAL B 51 31.81 -2.23 18.07
C VAL B 51 32.79 -1.10 18.34
N ARG B 52 33.18 -0.38 17.29
CA ARG B 52 34.29 0.56 17.37
C ARG B 52 33.81 1.99 17.17
N PRO B 53 34.20 2.92 18.04
CA PRO B 53 33.79 4.32 17.83
C PRO B 53 34.51 4.95 16.66
N VAL B 54 33.85 5.95 16.03
CA VAL B 54 34.46 6.64 14.89
C VAL B 54 35.70 7.40 15.36
N ASN B 55 36.76 7.34 14.55
CA ASN B 55 38.05 7.95 14.90
C ASN B 55 38.41 8.93 13.80
N TRP B 56 38.14 10.22 14.02
CA TRP B 56 38.46 11.22 13.00
C TRP B 56 39.92 11.58 12.98
N ASN B 57 40.72 11.06 13.89
CA ASN B 57 42.17 11.18 13.83
C ASN B 57 42.82 9.96 13.21
N ASN B 58 42.03 9.09 12.55
CA ASN B 58 42.53 7.92 11.86
C ASN B 58 41.78 7.80 10.53
N ILE B 59 42.09 8.70 9.61
CA ILE B 59 41.37 8.79 8.33
C ILE B 59 41.86 7.68 7.41
N VAL B 60 40.93 6.86 6.92
CA VAL B 60 41.27 5.75 6.04
C VAL B 60 41.41 6.21 4.58
N ASP B 61 40.53 7.10 4.12
CA ASP B 61 40.54 7.62 2.77
C ASP B 61 40.50 9.13 2.88
N ASP B 62 41.59 9.80 2.48
CA ASP B 62 41.68 11.26 2.59
C ASP B 62 40.50 11.95 1.96
N LYS B 63 39.94 11.35 0.90
CA LYS B 63 38.79 11.95 0.22
C LYS B 63 37.62 12.15 1.19
N ASP B 64 37.45 11.26 2.17
CA ASP B 64 36.33 11.39 3.10
C ASP B 64 36.44 12.68 3.91
N LEU B 65 37.64 13.00 4.41
CA LEU B 65 37.80 14.24 5.18
C LEU B 65 37.53 15.46 4.31
N ASP B 66 38.01 15.45 3.07
CA ASP B 66 37.78 16.58 2.16
C ASP B 66 36.30 16.80 1.90
N VAL B 67 35.55 15.71 1.68
CA VAL B 67 34.14 15.83 1.37
C VAL B 67 33.34 16.27 2.60
N TRP B 68 33.62 15.65 3.76
CA TRP B 68 33.00 16.08 5.02
C TRP B 68 33.16 17.57 5.23
N ASN B 69 34.40 18.06 5.16
CA ASN B 69 34.66 19.48 5.44
C ASN B 69 33.97 20.38 4.44
N ARG B 70 33.92 19.98 3.17
CA ARG B 70 33.32 20.86 2.16
C ARG B 70 31.80 20.88 2.28
N LEU B 71 31.18 19.72 2.53
CA LEU B 71 29.73 19.68 2.69
C LEU B 71 29.28 20.47 3.92
N ILE B 72 30.01 20.33 5.02
CA ILE B 72 29.72 21.08 6.25
C ILE B 72 29.87 22.57 6.00
N ALA B 73 30.98 22.95 5.37
CA ALA B 73 31.23 24.35 5.06
C ALA B 73 30.11 24.96 4.20
N ASN B 74 29.39 24.13 3.43
CA ASN B 74 28.36 24.61 2.53
C ASN B 74 26.96 24.61 3.15
N PHE B 75 26.86 24.40 4.45
CA PHE B 75 25.56 24.39 5.12
C PHE B 75 24.78 25.68 4.83
N TRP B 76 23.49 25.54 4.55
CA TRP B 76 22.63 26.70 4.30
C TRP B 76 21.21 26.34 4.70
N LEU B 77 20.38 27.37 4.88
CA LEU B 77 18.97 27.21 5.22
C LEU B 77 18.11 28.06 4.28
N PRO B 78 16.95 27.55 3.85
CA PRO B 78 16.13 28.35 2.92
C PRO B 78 15.73 29.69 3.49
N GLU B 79 15.60 29.79 4.82
CA GLU B 79 15.23 31.04 5.47
C GLU B 79 16.24 32.16 5.23
N LYS B 80 17.45 31.86 4.76
CA LYS B 80 18.43 32.90 4.49
C LYS B 80 18.37 33.43 3.05
N VAL B 81 17.51 32.88 2.21
CA VAL B 81 17.31 33.35 0.84
C VAL B 81 16.09 34.25 0.82
N PRO B 82 16.19 35.46 0.24
CA PRO B 82 15.03 36.38 0.24
C PRO B 82 14.02 36.05 -0.85
N LEU B 83 13.34 34.91 -0.68
CA LEU B 83 12.40 34.42 -1.68
C LEU B 83 11.21 35.37 -1.87
N SER B 84 10.85 36.13 -0.85
CA SER B 84 9.68 36.99 -1.03
C SER B 84 9.94 38.10 -2.06
N ASN B 85 11.20 38.36 -2.42
CA ASN B 85 11.49 39.35 -3.46
C ASN B 85 11.15 38.85 -4.85
N ASP B 86 10.79 37.57 -5.00
CA ASP B 86 10.32 36.99 -6.26
C ASP B 86 8.81 37.09 -6.44
N ILE B 87 8.06 37.63 -5.47
CA ILE B 87 6.59 37.63 -5.58
C ILE B 87 6.11 38.40 -6.81
N PRO B 88 6.58 39.63 -7.09
CA PRO B 88 6.17 40.29 -8.36
C PRO B 88 6.52 39.45 -9.59
N SER B 89 7.74 38.92 -9.67
CA SER B 89 8.12 38.09 -10.81
C SER B 89 7.19 36.89 -10.95
N TRP B 90 6.90 36.21 -9.83
CA TRP B 90 5.97 35.09 -9.83
C TRP B 90 4.59 35.50 -10.35
N ARG B 91 4.08 36.64 -9.89
CA ARG B 91 2.75 37.09 -10.29
C ARG B 91 2.72 37.56 -11.74
N SER B 92 3.88 37.90 -12.30
CA SER B 92 3.97 38.31 -13.70
C SER B 92 3.90 37.12 -14.65
N LEU B 93 4.05 35.90 -14.15
CA LEU B 93 3.96 34.71 -14.99
C LEU B 93 2.50 34.44 -15.36
N THR B 94 2.30 33.44 -16.23
CA THR B 94 0.95 32.99 -16.53
C THR B 94 0.49 31.98 -15.49
N ASP B 95 -0.82 31.70 -15.47
CA ASP B 95 -1.32 30.63 -14.62
C ASP B 95 -0.66 29.31 -14.97
N LEU B 96 -0.46 29.05 -16.27
CA LEU B 96 0.16 27.78 -16.68
C LEU B 96 1.59 27.66 -16.16
N GLU B 97 2.36 28.74 -16.25
CA GLU B 97 3.73 28.69 -15.75
C GLU B 97 3.78 28.47 -14.25
N ARG B 98 2.89 29.13 -13.51
CA ARG B 98 2.86 28.94 -12.05
C ARG B 98 2.50 27.50 -11.72
N LYS B 99 1.42 26.99 -12.31
CA LYS B 99 1.00 25.61 -12.03
C LYS B 99 2.11 24.62 -12.36
N THR B 100 2.73 24.76 -13.54
CA THR B 100 3.83 23.87 -13.94
C THR B 100 4.97 23.92 -12.94
N THR B 101 5.31 25.12 -12.45
CA THR B 101 6.41 25.25 -11.52
C THR B 101 6.12 24.55 -10.20
N THR B 102 4.92 24.75 -9.65
CA THR B 102 4.60 24.10 -8.37
C THR B 102 4.59 22.58 -8.52
N ARG B 103 4.11 22.07 -9.66
CA ARG B 103 4.09 20.62 -9.86
C ARG B 103 5.51 20.07 -10.03
N VAL B 104 6.32 20.70 -10.89
CA VAL B 104 7.72 20.28 -11.03
C VAL B 104 8.41 20.25 -9.66
N PHE B 105 8.23 21.30 -8.86
CA PHE B 105 8.90 21.34 -7.56
C PHE B 105 8.36 20.29 -6.60
N THR B 106 7.08 19.95 -6.73
CA THR B 106 6.55 18.90 -5.86
C THR B 106 7.13 17.54 -6.27
N GLY B 107 7.28 17.29 -7.58
CA GLY B 107 7.98 16.09 -8.01
C GLY B 107 9.41 16.04 -7.51
N LEU B 108 10.09 17.20 -7.51
CA LEU B 108 11.46 17.24 -6.96
C LEU B 108 11.46 16.93 -5.47
N THR B 109 10.49 17.51 -4.74
CA THR B 109 10.34 17.21 -3.33
C THR B 109 10.23 15.72 -3.09
N LEU B 110 9.49 15.03 -3.97
CA LEU B 110 9.29 13.59 -3.81
C LEU B 110 10.62 12.83 -3.88
N LEU B 111 11.49 13.21 -4.82
CA LEU B 111 12.78 12.54 -4.96
C LEU B 111 13.68 12.83 -3.78
N ASP B 112 13.72 14.10 -3.35
CA ASP B 112 14.56 14.46 -2.21
C ASP B 112 14.02 13.89 -0.92
N THR B 113 12.69 13.80 -0.76
CA THR B 113 12.13 13.12 0.41
C THR B 113 12.60 11.68 0.47
N SER B 114 12.55 10.99 -0.68
CA SER B 114 12.95 9.58 -0.73
C SER B 114 14.42 9.41 -0.39
N GLN B 115 15.28 10.28 -0.95
CA GLN B 115 16.70 10.17 -0.68
C GLN B 115 17.02 10.49 0.77
N ALA B 116 16.37 11.51 1.35
CA ALA B 116 16.68 11.91 2.72
C ALA B 116 16.34 10.81 3.72
N THR B 117 15.22 10.12 3.51
CA THR B 117 14.67 9.27 4.55
C THR B 117 14.88 7.78 4.31
N ILE B 118 15.47 7.38 3.18
CA ILE B 118 15.86 5.98 2.97
C ILE B 118 17.02 5.90 1.96
N GLY B 119 16.92 6.65 0.87
CA GLY B 119 17.87 6.49 -0.22
C GLY B 119 19.32 6.71 0.18
N GLU B 120 19.59 7.80 0.88
CA GLU B 120 20.97 8.01 1.29
C GLU B 120 21.30 7.18 2.54
N LEU B 121 20.30 6.90 3.38
CA LEU B 121 20.60 6.24 4.64
C LEU B 121 20.93 4.76 4.45
N CYS B 122 20.34 4.12 3.43
CA CYS B 122 20.64 2.71 3.17
C CYS B 122 22.07 2.51 2.69
N GLN B 123 22.82 3.58 2.41
CA GLN B 123 24.23 3.49 2.02
C GLN B 123 25.15 3.30 3.21
N ILE B 124 24.66 3.55 4.42
CA ILE B 124 25.53 3.55 5.59
C ILE B 124 26.02 2.15 5.92
N GLU B 125 25.13 1.16 5.87
CA GLU B 125 25.49 -0.11 6.48
C GLU B 125 26.60 -0.81 5.71
N HIS B 126 26.69 -0.62 4.40
CA HIS B 126 27.78 -1.22 3.63
C HIS B 126 28.83 -0.20 3.23
N ALA B 127 28.91 0.92 3.94
CA ALA B 127 29.91 1.93 3.64
C ALA B 127 31.32 1.36 3.82
N ARG B 128 32.24 1.89 3.03
CA ARG B 128 33.63 1.42 3.10
C ARG B 128 34.36 1.96 4.32
N THR B 129 34.04 3.16 4.80
CA THR B 129 34.73 3.72 5.95
C THR B 129 33.72 4.26 6.95
N GLU B 130 34.15 4.39 8.20
CA GLU B 130 33.27 4.95 9.21
C GLU B 130 33.03 6.44 8.97
N HIS B 131 34.00 7.14 8.40
CA HIS B 131 33.81 8.56 8.12
C HIS B 131 32.82 8.76 6.99
N GLU B 132 32.81 7.84 6.02
CA GLU B 132 31.78 7.83 4.99
C GLU B 132 30.39 7.68 5.59
N GLN B 133 30.23 6.83 6.62
CA GLN B 133 28.94 6.70 7.28
C GLN B 133 28.49 8.03 7.88
N ALA B 134 29.41 8.75 8.54
CA ALA B 134 29.08 10.09 9.02
C ALA B 134 28.67 11.02 7.88
N ILE B 135 29.34 10.93 6.74
CA ILE B 135 29.01 11.82 5.64
C ILE B 135 27.59 11.57 5.15
N TYR B 136 27.15 10.31 5.12
CA TYR B 136 25.78 10.05 4.67
C TYR B 136 24.76 10.64 5.63
N THR B 137 25.08 10.73 6.93
CA THR B 137 24.12 11.42 7.81
C THR B 137 24.03 12.90 7.46
N ASN B 138 25.16 13.53 7.12
CA ASN B 138 25.09 14.93 6.71
C ASN B 138 24.33 15.08 5.38
N ILE B 139 24.61 14.21 4.42
CA ILE B 139 23.94 14.32 3.12
C ILE B 139 22.45 14.12 3.27
N ALA B 140 22.03 13.13 4.07
CA ALA B 140 20.60 12.88 4.23
C ALA B 140 19.90 14.08 4.86
N PHE B 141 20.53 14.70 5.86
CA PHE B 141 19.99 15.91 6.45
C PHE B 141 19.87 17.01 5.39
N MET B 142 20.91 17.21 4.59
CA MET B 142 20.84 18.28 3.61
C MET B 142 19.81 17.98 2.53
N GLN B 143 19.55 16.70 2.25
CA GLN B 143 18.45 16.36 1.36
C GLN B 143 17.10 16.69 2.00
N SER B 144 16.98 16.54 3.33
CA SER B 144 15.80 17.05 4.02
C SER B 144 15.68 18.56 3.89
N ILE B 145 16.83 19.25 3.92
CA ILE B 145 16.82 20.70 3.72
C ILE B 145 16.36 21.02 2.29
N HIS B 146 16.85 20.26 1.31
CA HIS B 146 16.43 20.49 -0.07
C HIS B 146 14.93 20.34 -0.21
N ALA B 147 14.40 19.23 0.34
CA ALA B 147 12.96 18.98 0.25
C ALA B 147 12.19 20.06 0.98
N ARG B 148 12.67 20.48 2.15
CA ARG B 148 12.03 21.54 2.90
C ARG B 148 12.03 22.85 2.12
N SER B 149 13.10 23.11 1.37
CA SER B 149 13.22 24.40 0.67
C SER B 149 12.16 24.59 -0.42
N SER B 151 9.11 23.60 -0.15
CA SER B 151 7.96 24.05 0.64
C SER B 151 8.12 25.51 1.06
N SER B 152 9.36 25.96 1.28
CA SER B 152 9.58 27.38 1.60
C SER B 152 9.18 28.27 0.42
N ILE B 153 9.49 27.84 -0.80
CA ILE B 153 9.04 28.55 -1.99
C ILE B 153 7.53 28.64 -2.00
N PHE B 154 6.85 27.50 -1.82
CA PHE B 154 5.41 27.46 -1.87
C PHE B 154 4.79 28.36 -0.81
N SER B 155 5.35 28.30 0.41
CA SER B 155 4.83 29.14 1.49
C SER B 155 4.93 30.62 1.13
N THR B 156 6.00 31.00 0.42
CA THR B 156 6.20 32.39 0.04
C THR B 156 5.28 32.81 -1.10
N LEU B 157 5.02 31.91 -2.05
CA LEU B 157 4.44 32.28 -3.34
C LEU B 157 3.02 31.79 -3.58
N CYS B 158 2.62 30.67 -3.00
CA CYS B 158 1.41 29.98 -3.42
C CYS B 158 0.31 30.09 -2.38
N SER B 159 -0.93 30.00 -2.86
CA SER B 159 -2.08 29.87 -1.98
C SER B 159 -2.18 28.44 -1.47
N SER B 160 -2.97 28.25 -0.40
CA SER B 160 -3.16 26.92 0.15
C SER B 160 -3.73 25.97 -0.88
N GLU B 161 -4.68 26.46 -1.71
CA GLU B 161 -5.31 25.61 -2.71
CA GLU B 161 -5.32 25.61 -2.71
C GLU B 161 -4.31 25.18 -3.78
N GLU B 162 -3.40 26.09 -4.16
CA GLU B 162 -2.38 25.74 -5.15
C GLU B 162 -1.43 24.67 -4.62
N ILE B 163 -1.01 24.79 -3.35
CA ILE B 163 -0.14 23.78 -2.76
C ILE B 163 -0.86 22.44 -2.71
N ASP B 164 -2.09 22.43 -2.20
CA ASP B 164 -2.86 21.20 -2.10
C ASP B 164 -3.03 20.54 -3.45
N GLU B 165 -3.33 21.33 -4.50
CA GLU B 165 -3.53 20.72 -5.81
C GLU B 165 -2.24 20.10 -6.35
N ALA B 166 -1.11 20.75 -6.12
CA ALA B 166 0.18 20.22 -6.57
C ALA B 166 0.51 18.89 -5.89
N TYR B 167 0.24 18.78 -4.58
CA TYR B 167 0.55 17.52 -3.90
C TYR B 167 -0.40 16.41 -4.35
N ARG B 168 -1.66 16.75 -4.67
CA ARG B 168 -2.58 15.76 -5.24
C ARG B 168 -2.12 15.32 -6.63
N TRP B 169 -1.58 16.26 -7.41
CA TRP B 169 -1.07 15.95 -8.73
C TRP B 169 0.10 14.99 -8.67
N ALA B 170 0.97 15.15 -7.66
CA ALA B 170 2.13 14.29 -7.50
C ALA B 170 1.70 12.88 -7.15
N VAL B 171 0.82 12.74 -6.15
CA VAL B 171 0.33 11.42 -5.77
C VAL B 171 -0.41 10.77 -6.93
N GLY B 172 -1.14 11.56 -7.73
CA GLY B 172 -1.90 10.99 -8.83
C GLY B 172 -1.18 10.86 -10.15
N ASN B 173 0.12 11.16 -10.21
CA ASN B 173 0.87 11.08 -11.47
C ASN B 173 1.53 9.70 -11.55
N ASP B 174 0.95 8.80 -12.35
CA ASP B 174 1.43 7.42 -12.40
C ASP B 174 2.90 7.36 -12.82
N VAL B 175 3.31 8.22 -13.74
CA VAL B 175 4.68 8.16 -14.23
C VAL B 175 5.65 8.62 -13.14
N LEU B 176 5.29 9.67 -12.40
CA LEU B 176 6.11 10.08 -11.26
C LEU B 176 6.22 8.93 -10.26
N GLN B 177 5.11 8.28 -9.96
CA GLN B 177 5.15 7.14 -9.04
C GLN B 177 6.05 6.03 -9.57
N GLN B 178 6.01 5.76 -10.89
CA GLN B 178 6.90 4.74 -11.41
C GLN B 178 8.36 5.14 -11.26
N ARG B 179 8.67 6.43 -11.45
CA ARG B 179 10.06 6.89 -11.34
C ARG B 179 10.60 6.70 -9.93
N VAL B 180 9.85 7.17 -8.92
CA VAL B 180 10.37 7.11 -7.55
C VAL B 180 10.44 5.67 -7.07
N THR B 181 9.45 4.84 -7.43
CA THR B 181 9.49 3.45 -6.95
C THR B 181 10.52 2.61 -7.68
N THR B 182 10.86 2.96 -8.93
CA THR B 182 12.00 2.31 -9.58
C THR B 182 13.26 2.48 -8.74
N VAL B 183 13.49 3.69 -8.24
CA VAL B 183 14.69 3.96 -7.45
C VAL B 183 14.57 3.33 -6.06
N LEU B 184 13.41 3.46 -5.43
CA LEU B 184 13.22 2.91 -4.08
C LEU B 184 13.45 1.39 -4.04
N CYS B 185 13.06 0.69 -5.09
CA CYS B 185 13.27 -0.77 -5.11
C CYS B 185 14.74 -1.12 -5.14
N GLU B 186 15.56 -0.34 -5.86
CA GLU B 186 16.98 -0.64 -5.89
C GLU B 186 17.63 -0.40 -4.54
N TYR B 187 17.11 0.55 -3.75
CA TYR B 187 17.64 0.72 -2.39
C TYR B 187 17.39 -0.48 -1.50
N GLU B 188 16.48 -1.37 -1.89
CA GLU B 188 16.29 -2.63 -1.18
C GLU B 188 17.22 -3.72 -1.66
N SER B 189 18.03 -3.47 -2.69
CA SER B 189 18.92 -4.51 -3.19
C SER B 189 19.88 -4.99 -2.11
N GLU B 190 20.18 -6.29 -2.12
CA GLU B 190 21.24 -6.81 -1.27
C GLU B 190 22.62 -6.39 -1.74
N ASP B 191 22.76 -5.98 -3.00
CA ASP B 191 24.03 -5.55 -3.55
C ASP B 191 24.29 -4.09 -3.20
N PRO B 192 25.26 -3.81 -2.32
CA PRO B 192 25.53 -2.40 -1.94
C PRO B 192 25.83 -1.50 -3.12
N LEU B 193 26.41 -2.04 -4.19
CA LEU B 193 26.79 -1.19 -5.30
C LEU B 193 25.59 -0.82 -6.15
N LYS B 194 24.55 -1.64 -6.19
CA LYS B 194 23.32 -1.20 -6.84
C LYS B 194 22.70 -0.02 -6.09
N ARG B 195 22.75 -0.05 -4.76
CA ARG B 195 22.29 1.10 -3.99
C ARG B 195 23.08 2.34 -4.36
N LYS B 196 24.39 2.20 -4.58
CA LYS B 196 25.23 3.34 -4.91
C LYS B 196 24.91 3.85 -6.30
N ILE B 197 24.68 2.95 -7.27
CA ILE B 197 24.32 3.37 -8.61
C ILE B 197 23.03 4.19 -8.57
N ALA B 198 22.02 3.68 -7.86
CA ALA B 198 20.75 4.40 -7.77
C ALA B 198 20.93 5.78 -7.14
N ALA B 199 21.68 5.85 -6.04
CA ALA B 199 21.90 7.16 -5.40
C ALA B 199 22.61 8.11 -6.35
N THR B 200 23.60 7.61 -7.10
CA THR B 200 24.30 8.46 -8.05
C THR B 200 23.34 8.97 -9.14
N MET B 201 22.47 8.10 -9.63
CA MET B 201 21.47 8.50 -10.62
CA MET B 201 21.50 8.54 -10.63
C MET B 201 20.51 9.55 -10.05
N LEU B 202 20.09 9.37 -8.79
CA LEU B 202 19.15 10.34 -8.23
C LEU B 202 19.82 11.71 -8.11
N SER B 203 21.04 11.75 -7.54
CA SER B 203 21.69 13.04 -7.29
C SER B 203 22.23 13.67 -8.59
N SER B 204 22.66 12.88 -9.56
CA SER B 204 23.30 13.45 -10.74
C SER B 204 22.40 13.49 -11.97
N LEU B 205 21.21 12.89 -11.92
CA LEU B 205 20.38 12.88 -13.12
C LEU B 205 18.91 13.24 -12.88
N LEU B 206 18.25 12.53 -11.95
CA LEU B 206 16.79 12.46 -11.98
C LEU B 206 16.09 13.79 -11.72
N LEU B 207 16.75 14.77 -11.11
CA LEU B 207 16.07 16.03 -10.84
C LEU B 207 16.31 17.09 -11.91
N TYR B 208 17.18 16.84 -12.89
CA TYR B 208 17.67 17.94 -13.71
C TYR B 208 16.67 18.40 -14.75
N ALA B 209 15.77 17.52 -15.23
CA ALA B 209 14.69 18.03 -16.08
C ALA B 209 13.81 18.99 -15.29
N GLY B 210 13.75 18.82 -13.97
CA GLY B 210 13.05 19.75 -13.10
C GLY B 210 13.84 21.02 -12.86
N PHE B 211 15.13 20.89 -12.51
CA PHE B 211 15.96 22.08 -12.32
C PHE B 211 16.06 22.92 -13.58
N TYR B 212 15.86 22.31 -14.76
CA TYR B 212 15.86 23.10 -15.99
C TYR B 212 14.94 24.30 -15.89
N LEU B 213 13.75 24.12 -15.32
CA LEU B 213 12.76 25.19 -15.31
C LEU B 213 13.21 26.42 -14.53
N PRO B 214 13.64 26.34 -13.26
CA PRO B 214 14.10 27.57 -12.59
C PRO B 214 15.30 28.19 -13.30
N LEU B 215 16.17 27.38 -13.91
CA LEU B 215 17.27 27.93 -14.68
C LEU B 215 16.76 28.68 -15.90
N TYR B 216 15.74 28.12 -16.56
CA TYR B 216 15.10 28.79 -17.67
C TYR B 216 14.54 30.15 -17.25
N PHE B 217 13.77 30.19 -16.16
CA PHE B 217 13.25 31.45 -15.66
C PHE B 217 14.37 32.46 -15.41
N ALA B 218 15.43 32.03 -14.73
CA ALA B 218 16.55 32.93 -14.46
C ALA B 218 17.15 33.47 -15.76
N SER B 219 17.27 32.60 -16.78
CA SER B 219 17.82 33.02 -18.07
C SER B 219 16.93 34.07 -18.74
N ARG B 220 15.62 34.07 -18.48
CA ARG B 220 14.78 35.14 -18.99
CA ARG B 220 14.70 35.09 -18.96
C ARG B 220 14.54 36.24 -17.96
N GLY B 221 15.33 36.26 -16.88
CA GLY B 221 15.23 37.36 -15.93
C GLY B 221 14.13 37.24 -14.91
N LYS B 222 13.61 36.04 -14.67
CA LYS B 222 12.48 35.81 -13.76
C LYS B 222 12.92 34.93 -12.60
N MET B 223 12.22 35.07 -11.47
CA MET B 223 12.44 34.19 -10.30
C MET B 223 13.92 34.15 -9.91
N MET B 224 14.51 35.34 -9.77
CA MET B 224 15.95 35.44 -9.60
C MET B 224 16.40 34.95 -8.23
N ASN B 225 15.64 35.26 -7.18
CA ASN B 225 16.05 34.80 -5.86
C ASN B 225 15.83 33.31 -5.69
N THR B 226 14.76 32.77 -6.30
CA THR B 226 14.59 31.31 -6.31
C THR B 226 15.77 30.63 -6.97
N ALA B 227 16.28 31.22 -8.05
CA ALA B 227 17.43 30.64 -8.74
C ALA B 227 18.66 30.53 -7.85
N ASP B 228 18.89 31.54 -6.99
CA ASP B 228 19.99 31.46 -6.03
C ASP B 228 19.85 30.24 -5.15
N MET B 229 18.64 29.99 -4.66
CA MET B 229 18.44 28.84 -3.79
C MET B 229 18.64 27.54 -4.54
N ILE B 230 18.09 27.47 -5.76
CA ILE B 230 18.32 26.31 -6.62
C ILE B 230 19.82 26.05 -6.77
N ARG B 231 20.60 27.12 -6.91
CA ARG B 231 22.03 26.94 -7.06
C ARG B 231 22.68 26.44 -5.76
N LEU B 232 22.13 26.80 -4.60
CA LEU B 232 22.63 26.21 -3.36
C LEU B 232 22.37 24.71 -3.33
N ILE B 233 21.20 24.29 -3.81
CA ILE B 233 20.86 22.87 -3.89
C ILE B 233 21.81 22.15 -4.85
N LEU B 234 22.01 22.73 -6.04
CA LEU B 234 22.89 22.11 -7.03
C LEU B 234 24.32 22.04 -6.53
N ARG B 235 24.77 23.05 -5.78
CA ARG B 235 26.10 22.96 -5.18
C ARG B 235 26.24 21.73 -4.30
N ASP B 236 25.17 21.37 -3.57
CA ASP B 236 25.22 20.15 -2.76
C ASP B 236 25.17 18.92 -3.65
N LYS B 237 24.20 18.87 -4.56
CA LYS B 237 23.97 17.65 -5.32
C LYS B 237 25.16 17.28 -6.19
N ALA B 238 25.90 18.27 -6.70
CA ALA B 238 27.08 17.95 -7.51
C ALA B 238 28.09 17.14 -6.71
N ILE B 239 28.30 17.51 -5.43
CA ILE B 239 29.19 16.74 -4.57
C ILE B 239 28.56 15.41 -4.20
N HIS B 240 27.25 15.41 -3.90
CA HIS B 240 26.59 14.16 -3.52
C HIS B 240 26.74 13.11 -4.61
N GLY B 241 26.49 13.50 -5.86
CA GLY B 241 26.56 12.54 -6.94
C GLY B 241 27.98 12.12 -7.24
N TYR B 242 28.93 13.07 -7.15
CA TYR B 242 30.34 12.73 -7.29
C TYR B 242 30.77 11.74 -6.20
N TYR B 243 30.36 12.00 -4.96
CA TYR B 243 30.81 11.14 -3.85
C TYR B 243 30.19 9.75 -3.94
N SER B 244 28.91 9.67 -4.30
CA SER B 244 28.26 8.38 -4.54
C SER B 244 29.01 7.57 -5.59
N GLY B 245 29.30 8.21 -6.73
CA GLY B 245 29.99 7.49 -7.79
C GLY B 245 31.42 7.13 -7.42
N TYR B 246 32.10 8.01 -6.68
CA TYR B 246 33.45 7.69 -6.22
C TYR B 246 33.44 6.46 -5.33
N LYS B 247 32.48 6.38 -4.41
CA LYS B 247 32.42 5.24 -3.52
C LYS B 247 32.01 3.97 -4.26
N PHE B 248 31.15 4.09 -5.27
CA PHE B 248 30.83 2.97 -6.14
C PHE B 248 32.09 2.40 -6.79
N GLN B 249 32.94 3.29 -7.32
CA GLN B 249 34.14 2.83 -8.00
C GLN B 249 35.11 2.16 -7.02
N ARG B 250 35.23 2.68 -5.79
CA ARG B 250 36.07 2.02 -4.79
CA ARG B 250 36.09 2.01 -4.82
C ARG B 250 35.56 0.62 -4.50
N GLY B 251 34.23 0.44 -4.47
CA GLY B 251 33.69 -0.89 -4.29
C GLY B 251 33.85 -1.75 -5.54
N LEU B 252 33.63 -1.15 -6.72
CA LEU B 252 33.64 -1.92 -7.96
C LEU B 252 34.99 -2.57 -8.22
N GLU B 253 36.08 -1.89 -7.86
CA GLU B 253 37.41 -2.42 -8.17
C GLU B 253 37.76 -3.65 -7.36
N LEU B 254 36.96 -3.97 -6.34
CA LEU B 254 37.13 -5.18 -5.54
C LEU B 254 36.19 -6.30 -5.97
N ARG B 255 35.38 -6.08 -7.00
CA ARG B 255 34.45 -7.08 -7.50
C ARG B 255 35.07 -7.86 -8.64
N SER B 256 34.58 -9.08 -8.82
CA SER B 256 35.04 -9.95 -9.91
C SER B 256 34.71 -9.36 -11.27
N GLU B 257 35.39 -9.86 -12.31
CA GLU B 257 35.00 -9.49 -13.66
C GLU B 257 33.56 -9.91 -13.93
N ASN B 258 33.17 -11.09 -13.43
CA ASN B 258 31.79 -11.55 -13.56
C ASN B 258 30.82 -10.48 -13.08
N ASP B 259 31.04 -9.93 -11.89
CA ASP B 259 30.10 -8.96 -11.33
C ASP B 259 30.25 -7.58 -11.98
N LYS B 260 31.47 -7.19 -12.37
CA LYS B 260 31.64 -5.91 -13.04
C LYS B 260 30.83 -5.84 -14.32
N LYS B 261 30.90 -6.89 -15.14
CA LYS B 261 30.15 -6.88 -16.40
C LYS B 261 28.66 -6.78 -16.13
N ASN B 262 28.16 -7.49 -15.12
CA ASN B 262 26.74 -7.44 -14.78
C ASN B 262 26.35 -6.08 -14.22
N LEU B 263 27.22 -5.45 -13.43
CA LEU B 263 26.90 -4.13 -12.89
C LEU B 263 26.86 -3.06 -13.97
N GLU B 264 27.70 -3.19 -15.00
CA GLU B 264 27.63 -2.22 -16.10
C GLU B 264 26.33 -2.40 -16.88
N LYS B 265 25.94 -3.65 -17.16
CA LYS B 265 24.66 -3.90 -17.83
C LYS B 265 23.49 -3.41 -16.98
N PHE B 266 23.51 -3.68 -15.67
CA PHE B 266 22.48 -3.18 -14.77
C PHE B 266 22.39 -1.66 -14.82
N THR B 267 23.54 -0.99 -14.75
CA THR B 267 23.59 0.47 -14.82
C THR B 267 22.92 0.98 -16.09
N MET B 268 23.21 0.36 -17.23
CA MET B 268 22.63 0.82 -18.48
C MET B 268 21.14 0.52 -18.56
N ASN B 269 20.70 -0.62 -17.99
CA ASN B 269 19.27 -0.89 -17.94
CA ASN B 269 19.27 -0.89 -17.93
C ASN B 269 18.56 0.12 -17.05
N LEU B 270 19.12 0.44 -15.89
CA LEU B 270 18.51 1.43 -15.01
C LEU B 270 18.48 2.80 -15.68
N LEU B 271 19.58 3.21 -16.32
CA LEU B 271 19.61 4.49 -17.01
C LEU B 271 18.57 4.56 -18.12
N ASP B 272 18.51 3.51 -18.95
CA ASP B 272 17.57 3.53 -20.07
C ASP B 272 16.13 3.58 -19.58
N THR B 273 15.80 2.81 -18.54
CA THR B 273 14.47 2.85 -17.95
C THR B 273 14.16 4.24 -17.38
N LEU B 274 15.11 4.82 -16.65
CA LEU B 274 14.88 6.12 -16.05
C LEU B 274 14.78 7.21 -17.11
N TYR B 275 15.55 7.08 -18.20
CA TYR B 275 15.48 8.06 -19.28
C TYR B 275 14.14 8.00 -20.00
N ASP B 276 13.69 6.79 -20.35
CA ASP B 276 12.36 6.66 -20.96
C ASP B 276 11.28 7.25 -20.07
N LEU B 277 11.38 7.03 -18.74
CA LEU B 277 10.36 7.57 -17.84
C LEU B 277 10.45 9.10 -17.77
N GLU B 278 11.66 9.66 -17.85
CA GLU B 278 11.81 11.10 -17.91
C GLU B 278 11.16 11.69 -19.16
N VAL B 279 11.35 11.03 -20.31
CA VAL B 279 10.71 11.50 -21.53
C VAL B 279 9.19 11.48 -21.36
N GLU B 280 8.67 10.42 -20.75
CA GLU B 280 7.24 10.35 -20.47
C GLU B 280 6.83 11.45 -19.50
N TYR B 281 7.55 11.56 -18.38
CA TYR B 281 7.17 12.43 -17.28
C TYR B 281 7.31 13.91 -17.64
N SER B 282 8.52 14.33 -17.96
CA SER B 282 8.75 15.74 -18.27
C SER B 282 8.31 16.09 -19.68
N GLY B 283 8.25 15.13 -20.60
CA GLY B 283 7.64 15.41 -21.89
C GLY B 283 6.21 15.89 -21.75
N GLN B 284 5.45 15.26 -20.85
CA GLN B 284 4.07 15.66 -20.65
C GLN B 284 3.98 16.98 -19.88
N ILE B 285 4.87 17.20 -18.92
CA ILE B 285 4.80 18.45 -18.14
C ILE B 285 5.12 19.65 -19.03
N TYR B 286 6.12 19.54 -19.90
CA TYR B 286 6.60 20.64 -20.71
C TYR B 286 5.99 20.67 -22.11
N GLU B 287 4.93 19.90 -22.36
CA GLU B 287 4.42 19.75 -23.72
C GLU B 287 3.99 21.09 -24.31
N GLY B 288 3.57 22.04 -23.47
CA GLY B 288 3.17 23.35 -23.96
C GLY B 288 4.22 24.44 -23.87
N PHE B 289 5.52 24.09 -23.87
CA PHE B 289 6.59 25.08 -23.84
C PHE B 289 7.57 24.86 -24.98
N ASP B 290 8.11 25.96 -25.49
CA ASP B 290 9.02 25.92 -26.63
C ASP B 290 10.34 25.24 -26.31
N PHE B 291 10.72 25.13 -25.04
CA PHE B 291 12.05 24.64 -24.69
C PHE B 291 12.10 23.12 -24.56
N HIS B 292 11.10 22.40 -25.07
CA HIS B 292 11.01 20.96 -24.87
C HIS B 292 12.27 20.23 -25.30
N ASP B 293 12.77 20.52 -26.51
CA ASP B 293 13.98 19.86 -27.00
C ASP B 293 15.18 20.19 -26.13
N ASP B 294 15.30 21.44 -25.68
CA ASP B 294 16.45 21.81 -24.86
C ASP B 294 16.45 21.07 -23.53
N VAL B 295 15.26 20.81 -22.97
CA VAL B 295 15.19 20.08 -21.71
C VAL B 295 15.89 18.74 -21.83
N PHE B 296 15.70 18.04 -22.96
CA PHE B 296 16.23 16.69 -23.04
C PHE B 296 17.69 16.67 -23.46
N ASP B 297 18.16 17.70 -24.19
CA ASP B 297 19.60 17.93 -24.27
C ASP B 297 20.19 18.00 -22.86
N PHE B 298 19.51 18.74 -21.97
CA PHE B 298 20.00 18.92 -20.60
C PHE B 298 19.93 17.61 -19.83
N VAL B 299 18.87 16.83 -20.02
CA VAL B 299 18.77 15.51 -19.38
C VAL B 299 19.93 14.62 -19.79
N ARG B 300 20.17 14.50 -21.11
CA ARG B 300 21.25 13.65 -21.58
C ARG B 300 22.62 14.19 -21.17
N TYR B 301 22.78 15.50 -21.12
CA TYR B 301 24.02 16.11 -20.62
C TYR B 301 24.30 15.66 -19.20
N ASN B 302 23.27 15.65 -18.34
CA ASN B 302 23.46 15.24 -16.95
C ASN B 302 23.52 13.72 -16.81
N ALA B 303 22.90 12.98 -17.72
CA ALA B 303 23.07 11.53 -17.73
C ALA B 303 24.53 11.16 -17.98
N ASN B 304 25.19 11.87 -18.89
CA ASN B 304 26.62 11.66 -19.10
C ASN B 304 27.41 11.93 -17.82
N LYS B 305 27.03 12.97 -17.07
CA LYS B 305 27.75 13.26 -15.82
C LYS B 305 27.52 12.16 -14.79
N ALA B 306 26.29 11.66 -14.69
CA ALA B 306 26.03 10.52 -13.80
C ALA B 306 26.91 9.33 -14.16
N LEU B 307 26.96 8.98 -15.45
CA LEU B 307 27.82 7.88 -15.88
C LEU B 307 29.27 8.17 -15.54
N MET B 308 29.74 9.38 -15.86
CA MET B 308 31.13 9.72 -15.57
CA MET B 308 31.13 9.70 -15.58
C MET B 308 31.43 9.63 -14.08
N ASN B 309 30.49 10.10 -13.24
CA ASN B 309 30.68 9.98 -11.79
C ASN B 309 30.85 8.53 -11.37
N LEU B 310 30.21 7.60 -12.11
CA LEU B 310 30.35 6.16 -11.86
C LEU B 310 31.59 5.55 -12.50
N GLY B 311 32.32 6.31 -13.33
CA GLY B 311 33.48 5.75 -14.02
C GLY B 311 33.19 5.13 -15.37
N TYR B 312 31.95 5.19 -15.86
CA TYR B 312 31.60 4.63 -17.16
C TYR B 312 31.72 5.66 -18.27
N PRO B 313 31.92 5.24 -19.52
CA PRO B 313 32.00 6.22 -20.62
C PRO B 313 30.67 6.92 -20.86
N ALA B 314 30.77 8.08 -21.52
CA ALA B 314 29.58 8.83 -21.88
C ALA B 314 28.70 8.02 -22.81
N LYS B 315 27.39 8.13 -22.62
CA LYS B 315 26.46 7.45 -23.51
C LYS B 315 26.01 8.33 -24.66
N TYR B 316 25.81 9.61 -24.43
CA TYR B 316 25.23 10.50 -25.42
C TYR B 316 26.29 11.40 -26.06
N SER B 317 26.07 11.72 -27.32
CA SER B 317 27.05 12.45 -28.11
C SER B 317 27.00 13.94 -27.78
N GLU B 318 28.00 14.65 -28.29
CA GLU B 318 28.07 16.09 -28.09
C GLU B 318 26.85 16.78 -28.70
N GLU B 319 26.40 16.30 -29.86
CA GLU B 319 25.20 16.84 -30.49
C GLU B 319 23.97 16.60 -29.62
N GLU B 320 23.90 15.44 -28.97
CA GLU B 320 22.74 15.08 -28.16
C GLU B 320 22.74 15.74 -26.80
N THR B 321 23.80 16.49 -26.46
CA THR B 321 23.91 17.09 -25.13
C THR B 321 24.16 18.59 -25.22
N HIS B 322 23.80 19.21 -26.34
CA HIS B 322 24.15 20.61 -26.61
C HIS B 322 23.12 21.53 -25.96
N VAL B 323 23.31 21.75 -24.66
CA VAL B 323 22.50 22.67 -23.88
C VAL B 323 22.70 24.10 -24.37
N SER B 324 21.60 24.86 -24.43
CA SER B 324 21.67 26.25 -24.88
C SER B 324 22.62 27.05 -24.00
N PRO B 325 23.31 28.04 -24.57
CA PRO B 325 24.24 28.85 -23.75
C PRO B 325 23.55 29.57 -22.60
N GLU B 326 22.28 29.98 -22.79
CA GLU B 326 21.58 30.71 -21.75
C GLU B 326 21.35 29.85 -20.51
N ILE B 327 21.07 28.57 -20.69
CA ILE B 327 20.85 27.70 -19.53
C ILE B 327 22.16 27.45 -18.79
N LEU B 328 23.24 27.22 -19.52
CA LEU B 328 24.53 26.99 -18.88
C LEU B 328 24.97 28.22 -18.08
N ALA B 329 24.76 29.42 -18.63
CA ALA B 329 25.10 30.64 -17.91
C ALA B 329 24.29 30.79 -16.63
N ALA B 330 23.04 30.32 -16.62
CA ALA B 330 22.23 30.40 -15.42
C ALA B 330 22.71 29.42 -14.36
N LEU B 331 23.40 28.36 -14.76
CA LEU B 331 23.97 27.41 -13.79
C LEU B 331 24.97 28.07 -12.85
N SER B 332 25.73 29.04 -13.33
CA SER B 332 26.72 29.67 -12.45
C SER B 332 26.17 30.92 -11.78
N ALA C 8 -3.85 13.90 -19.49
CA ALA C 8 -4.08 14.52 -18.18
C ALA C 8 -5.49 15.13 -18.07
N LEU C 9 -6.19 14.83 -16.98
CA LEU C 9 -7.61 15.17 -16.88
C LEU C 9 -7.90 15.96 -15.61
N ASP C 10 -8.68 17.03 -15.76
CA ASP C 10 -9.26 17.73 -14.63
C ASP C 10 -10.25 16.80 -13.93
N PRO C 11 -10.36 16.86 -12.59
CA PRO C 11 -11.20 15.88 -11.88
C PRO C 11 -12.69 15.99 -12.16
N THR C 12 -13.17 17.10 -12.73
CA THR C 12 -14.58 17.21 -13.09
C THR C 12 -14.90 16.63 -14.48
N GLU C 13 -13.88 16.26 -15.25
CA GLU C 13 -14.05 15.83 -16.63
C GLU C 13 -14.30 14.31 -16.71
N LEU C 14 -14.88 13.87 -17.82
CA LEU C 14 -15.20 12.46 -18.01
C LEU C 14 -13.98 11.73 -18.54
N ARG C 15 -13.70 10.55 -17.98
CA ARG C 15 -12.52 9.80 -18.40
C ARG C 15 -12.59 9.42 -19.88
N SER C 16 -13.80 9.21 -20.42
CA SER C 16 -13.92 8.88 -21.83
C SER C 16 -13.48 10.02 -22.75
N SER C 17 -13.36 11.25 -22.22
CA SER C 17 -12.92 12.36 -23.06
C SER C 17 -11.45 12.22 -23.47
N LEU C 18 -10.69 11.35 -22.81
CA LEU C 18 -9.31 11.07 -23.22
C LEU C 18 -9.24 10.20 -24.46
N ASP C 19 -10.34 9.55 -24.82
CA ASP C 19 -10.40 8.62 -25.94
C ASP C 19 -11.07 9.29 -27.13
N LYS C 20 -10.77 8.76 -28.30
CA LYS C 20 -11.46 9.22 -29.49
C LYS C 20 -12.92 8.82 -29.39
N PRO C 21 -13.86 9.72 -29.68
CA PRO C 21 -15.28 9.33 -29.59
C PRO C 21 -15.67 8.41 -30.74
N PHE C 22 -16.63 7.54 -30.46
CA PHE C 22 -17.34 6.90 -31.55
C PHE C 22 -18.12 7.97 -32.31
N GLY C 23 -18.47 7.67 -33.55
CA GLY C 23 -19.20 8.68 -34.29
C GLY C 23 -20.69 8.64 -33.98
N THR C 24 -21.48 8.89 -35.03
CA THR C 24 -22.93 8.77 -35.00
C THR C 24 -23.41 7.86 -36.12
N ASN C 25 -22.51 7.07 -36.70
CA ASN C 25 -22.91 6.09 -37.70
C ASN C 25 -23.69 4.95 -37.05
N ARG C 26 -24.57 4.35 -37.82
CA ARG C 26 -25.32 3.18 -37.39
C ARG C 26 -25.30 2.20 -38.54
N VAL C 27 -24.70 1.02 -38.35
CA VAL C 27 -24.64 0.01 -39.39
C VAL C 27 -24.97 -1.33 -38.78
N ILE C 28 -25.43 -2.25 -39.62
CA ILE C 28 -25.55 -3.64 -39.22
C ILE C 28 -24.15 -4.24 -39.34
N ALA C 29 -23.55 -4.57 -38.19
CA ALA C 29 -22.16 -5.04 -38.16
C ALA C 29 -21.97 -6.24 -39.07
N ASP C 30 -20.90 -6.21 -39.87
CA ASP C 30 -20.57 -7.40 -40.65
C ASP C 30 -19.74 -8.37 -39.79
N ASP C 31 -19.28 -9.48 -40.40
CA ASP C 31 -18.62 -10.52 -39.61
C ASP C 31 -17.33 -10.01 -38.97
N ALA C 32 -16.55 -9.19 -39.71
CA ALA C 32 -15.31 -8.68 -39.12
C ALA C 32 -15.60 -7.79 -37.92
N MET C 33 -16.61 -6.92 -38.03
CA MET C 33 -16.93 -6.05 -36.91
C MET C 33 -17.40 -6.85 -35.70
N MET C 34 -18.21 -7.90 -35.93
CA MET C 34 -18.62 -8.75 -34.81
C MET C 34 -17.43 -9.51 -34.21
N ALA C 35 -16.52 -10.01 -35.05
CA ALA C 35 -15.39 -10.78 -34.56
C ALA C 35 -14.46 -9.94 -33.71
N ASP C 36 -14.35 -8.65 -34.00
CA ASP C 36 -13.49 -7.74 -33.24
C ASP C 36 -14.19 -7.16 -32.02
N SER C 37 -15.49 -7.38 -31.86
CA SER C 37 -16.17 -6.84 -30.69
C SER C 37 -15.76 -7.64 -29.45
N ILE C 38 -15.95 -7.04 -28.27
CA ILE C 38 -15.43 -7.62 -27.03
C ILE C 38 -16.49 -7.54 -25.94
N THR C 39 -16.24 -8.26 -24.84
CA THR C 39 -17.11 -8.18 -23.69
C THR C 39 -16.80 -6.92 -22.89
N PRO C 40 -17.77 -6.40 -22.14
CA PRO C 40 -17.50 -5.19 -21.34
C PRO C 40 -16.29 -5.31 -20.41
N ALA C 41 -16.08 -6.48 -19.79
CA ALA C 41 -14.96 -6.64 -18.87
C ALA C 41 -13.60 -6.57 -19.57
N GLN C 42 -13.57 -6.68 -20.89
CA GLN C 42 -12.31 -6.53 -21.61
C GLN C 42 -12.05 -5.09 -22.05
N TYR C 43 -13.03 -4.19 -21.88
CA TYR C 43 -12.91 -2.86 -22.48
C TYR C 43 -11.70 -2.11 -21.93
N ARG C 44 -11.40 -2.28 -20.64
CA ARG C 44 -10.31 -1.51 -20.05
CA ARG C 44 -10.30 -1.53 -20.02
C ARG C 44 -8.98 -1.77 -20.74
N TYR C 45 -8.81 -2.91 -21.39
CA TYR C 45 -7.58 -3.20 -22.10
C TYR C 45 -7.65 -2.85 -23.58
N HIS C 46 -8.81 -2.37 -24.05
CA HIS C 46 -9.05 -2.19 -25.48
C HIS C 46 -9.99 -1.01 -25.71
N HIS C 47 -9.61 0.17 -25.20
CA HIS C 47 -10.41 1.36 -25.46
C HIS C 47 -10.52 1.58 -26.97
N GLY C 48 -11.69 2.06 -27.40
CA GLY C 48 -11.99 2.20 -28.81
C GLY C 48 -12.61 0.97 -29.45
N SER C 49 -12.53 -0.19 -28.80
CA SER C 49 -13.19 -1.37 -29.32
C SER C 49 -14.69 -1.29 -29.04
N ARG C 50 -15.45 -2.01 -29.86
CA ARG C 50 -16.88 -2.08 -29.68
C ARG C 50 -17.23 -3.20 -28.71
N VAL C 51 -18.22 -2.95 -27.86
CA VAL C 51 -18.61 -3.82 -26.77
C VAL C 51 -19.92 -4.51 -27.13
N ARG C 52 -20.03 -5.79 -26.81
CA ARG C 52 -21.09 -6.66 -27.31
C ARG C 52 -21.94 -7.16 -26.15
N PRO C 53 -23.28 -7.08 -26.25
CA PRO C 53 -24.12 -7.64 -25.18
C PRO C 53 -24.11 -9.15 -25.22
N VAL C 54 -24.35 -9.75 -24.05
CA VAL C 54 -24.38 -11.21 -23.96
C VAL C 54 -25.57 -11.74 -24.75
N ASN C 55 -25.38 -12.88 -25.41
CA ASN C 55 -26.40 -13.46 -26.29
C ASN C 55 -26.64 -14.91 -25.86
N TRP C 56 -27.68 -15.13 -25.07
CA TRP C 56 -27.93 -16.49 -24.61
C TRP C 56 -28.56 -17.36 -25.68
N ASN C 57 -28.84 -16.82 -26.87
CA ASN C 57 -29.26 -17.64 -28.00
C ASN C 57 -28.10 -17.91 -28.95
N ASN C 58 -26.87 -17.65 -28.50
CA ASN C 58 -25.67 -17.94 -29.27
C ASN C 58 -24.65 -18.52 -28.28
N ILE C 59 -24.92 -19.74 -27.81
CA ILE C 59 -24.03 -20.43 -26.88
C ILE C 59 -22.76 -20.88 -27.60
N VAL C 60 -21.60 -20.54 -27.04
CA VAL C 60 -20.32 -20.93 -27.63
C VAL C 60 -19.88 -22.30 -27.15
N ASP C 61 -20.02 -22.57 -25.85
CA ASP C 61 -19.67 -23.84 -25.23
C ASP C 61 -20.93 -24.36 -24.52
N ASP C 62 -21.47 -25.48 -25.01
CA ASP C 62 -22.72 -25.99 -24.43
C ASP C 62 -22.59 -26.25 -22.93
N LYS C 63 -21.38 -26.55 -22.47
CA LYS C 63 -21.17 -26.75 -21.03
C LYS C 63 -21.57 -25.51 -20.21
N ASP C 64 -21.42 -24.31 -20.77
CA ASP C 64 -21.78 -23.10 -20.03
C ASP C 64 -23.27 -23.08 -19.71
N LEU C 65 -24.11 -23.41 -20.71
CA LEU C 65 -25.55 -23.39 -20.47
C LEU C 65 -25.96 -24.43 -19.44
N ASP C 66 -25.36 -25.64 -19.52
CA ASP C 66 -25.65 -26.68 -18.54
C ASP C 66 -25.27 -26.27 -17.12
N VAL C 67 -24.11 -25.63 -16.97
CA VAL C 67 -23.66 -25.23 -15.63
C VAL C 67 -24.51 -24.07 -15.10
N TRP C 68 -24.79 -23.08 -15.94
CA TRP C 68 -25.69 -21.98 -15.55
C TRP C 68 -27.03 -22.53 -15.06
N ASN C 69 -27.66 -23.42 -15.84
CA ASN C 69 -28.97 -23.93 -15.44
C ASN C 69 -28.90 -24.74 -14.16
N ARG C 70 -27.88 -25.61 -14.02
CA ARG C 70 -27.76 -26.40 -12.80
CA ARG C 70 -27.74 -26.40 -12.80
C ARG C 70 -27.57 -25.51 -11.57
N LEU C 71 -26.69 -24.52 -11.68
CA LEU C 71 -26.39 -23.70 -10.50
C LEU C 71 -27.60 -22.87 -10.09
N ILE C 72 -28.32 -22.33 -11.07
CA ILE C 72 -29.51 -21.54 -10.78
C ILE C 72 -30.59 -22.42 -10.16
N ALA C 73 -30.77 -23.64 -10.68
CA ALA C 73 -31.76 -24.53 -10.10
C ALA C 73 -31.43 -24.94 -8.67
N ASN C 74 -30.16 -24.83 -8.27
CA ASN C 74 -29.72 -25.24 -6.93
C ASN C 74 -29.72 -24.08 -5.95
N PHE C 75 -30.26 -22.93 -6.34
CA PHE C 75 -30.36 -21.78 -5.45
C PHE C 75 -30.99 -22.17 -4.11
N TRP C 76 -30.42 -21.67 -3.02
CA TRP C 76 -30.94 -21.94 -1.68
C TRP C 76 -30.55 -20.79 -0.78
N LEU C 77 -31.21 -20.72 0.37
CA LEU C 77 -30.92 -19.71 1.39
C LEU C 77 -30.85 -20.36 2.76
N PRO C 78 -29.93 -19.93 3.63
CA PRO C 78 -29.85 -20.58 4.95
C PRO C 78 -31.12 -20.45 5.74
N GLU C 79 -31.94 -19.44 5.46
CA GLU C 79 -33.20 -19.24 6.18
C GLU C 79 -34.18 -20.39 5.97
N LYS C 80 -34.02 -21.21 4.91
CA LYS C 80 -34.92 -22.35 4.71
C LYS C 80 -34.42 -23.63 5.37
N VAL C 81 -33.30 -23.60 6.08
CA VAL C 81 -32.81 -24.74 6.84
C VAL C 81 -33.21 -24.54 8.29
N PRO C 82 -33.83 -25.52 8.94
CA PRO C 82 -34.24 -25.30 10.34
C PRO C 82 -33.08 -25.50 11.31
N LEU C 83 -32.12 -24.55 11.26
CA LEU C 83 -30.92 -24.65 12.10
C LEU C 83 -31.25 -24.67 13.59
N SER C 84 -32.34 -24.00 14.00
CA SER C 84 -32.66 -23.98 15.41
C SER C 84 -33.04 -25.35 15.97
N ASN C 85 -33.31 -26.32 15.10
CA ASN C 85 -33.54 -27.68 15.60
C ASN C 85 -32.25 -28.35 16.04
N ASP C 86 -31.09 -27.73 15.77
CA ASP C 86 -29.81 -28.21 16.25
C ASP C 86 -29.46 -27.72 17.66
N ILE C 87 -30.27 -26.84 18.26
CA ILE C 87 -29.88 -26.25 19.55
C ILE C 87 -29.67 -27.32 20.63
N PRO C 88 -30.57 -28.29 20.82
CA PRO C 88 -30.28 -29.34 21.83
C PRO C 88 -29.01 -30.11 21.52
N SER C 89 -28.77 -30.46 20.25
CA SER C 89 -27.56 -31.19 19.90
C SER C 89 -26.32 -30.36 20.21
N TRP C 90 -26.35 -29.08 19.82
CA TRP C 90 -25.23 -28.16 20.10
C TRP C 90 -24.93 -28.11 21.59
N ARG C 91 -25.97 -28.01 22.42
CA ARG C 91 -25.79 -27.96 23.86
C ARG C 91 -25.26 -29.27 24.43
N SER C 92 -25.46 -30.40 23.73
CA SER C 92 -24.94 -31.67 24.20
C SER C 92 -23.46 -31.86 23.88
N LEU C 93 -22.87 -30.99 23.06
CA LEU C 93 -21.44 -31.08 22.78
C LEU C 93 -20.63 -30.68 24.02
N THR C 94 -19.32 -30.92 23.96
CA THR C 94 -18.41 -30.40 24.97
C THR C 94 -18.04 -28.96 24.66
N ASP C 95 -17.43 -28.30 25.66
CA ASP C 95 -16.93 -26.94 25.46
C ASP C 95 -15.94 -26.88 24.31
N LEU C 96 -14.99 -27.81 24.27
CA LEU C 96 -14.02 -27.84 23.18
C LEU C 96 -14.70 -27.97 21.82
N GLU C 97 -15.71 -28.85 21.72
CA GLU C 97 -16.37 -29.03 20.44
C GLU C 97 -17.06 -27.75 19.98
N ARG C 98 -17.75 -27.06 20.89
CA ARG C 98 -18.41 -25.81 20.50
C ARG C 98 -17.39 -24.76 20.06
N LYS C 99 -16.33 -24.57 20.85
CA LYS C 99 -15.33 -23.56 20.50
C LYS C 99 -14.68 -23.86 19.16
N THR C 100 -14.26 -25.12 18.96
CA THR C 100 -13.67 -25.55 17.70
C THR C 100 -14.60 -25.32 16.52
N THR C 101 -15.91 -25.54 16.71
CA THR C 101 -16.84 -25.35 15.60
C THR C 101 -16.91 -23.87 15.18
N THR C 102 -16.99 -22.96 16.16
CA THR C 102 -17.08 -21.55 15.78
C THR C 102 -15.80 -21.08 15.12
N ARG C 103 -14.65 -21.59 15.58
CA ARG C 103 -13.38 -21.19 14.98
C ARG C 103 -13.25 -21.77 13.57
N VAL C 104 -13.53 -23.06 13.42
CA VAL C 104 -13.49 -23.68 12.09
C VAL C 104 -14.38 -22.90 11.11
N PHE C 105 -15.64 -22.64 11.52
CA PHE C 105 -16.58 -21.98 10.62
C PHE C 105 -16.19 -20.53 10.34
N THR C 106 -15.56 -19.86 11.31
CA THR C 106 -15.11 -18.50 11.03
C THR C 106 -13.97 -18.52 10.02
N GLY C 107 -13.10 -19.54 10.10
CA GLY C 107 -12.07 -19.69 9.10
C GLY C 107 -12.63 -20.01 7.72
N LEU C 108 -13.69 -20.83 7.66
CA LEU C 108 -14.32 -21.09 6.37
C LEU C 108 -14.97 -19.83 5.83
N THR C 109 -15.60 -19.05 6.71
CA THR C 109 -16.16 -17.78 6.30
C THR C 109 -15.12 -16.92 5.61
N LEU C 110 -13.89 -16.91 6.14
CA LEU C 110 -12.85 -16.06 5.58
C LEU C 110 -12.52 -16.47 4.15
N LEU C 111 -12.45 -17.78 3.89
CA LEU C 111 -12.16 -18.25 2.54
C LEU C 111 -13.29 -17.93 1.58
N ASP C 112 -14.55 -18.16 1.99
CA ASP C 112 -15.68 -17.87 1.12
C ASP C 112 -15.89 -16.37 0.94
N THR C 113 -15.64 -15.57 1.98
CA THR C 113 -15.68 -14.11 1.80
C THR C 113 -14.69 -13.69 0.72
N SER C 114 -13.48 -14.24 0.78
CA SER C 114 -12.44 -13.93 -0.20
C SER C 114 -12.85 -14.35 -1.61
N GLN C 115 -13.43 -15.54 -1.76
CA GLN C 115 -13.81 -15.98 -3.10
C GLN C 115 -14.99 -15.15 -3.64
N ALA C 116 -15.97 -14.85 -2.77
CA ALA C 116 -17.15 -14.13 -3.23
C ALA C 116 -16.81 -12.72 -3.69
N THR C 117 -15.89 -12.04 -3.01
CA THR C 117 -15.71 -10.60 -3.22
C THR C 117 -14.51 -10.26 -4.09
N ILE C 118 -13.70 -11.24 -4.48
CA ILE C 118 -12.57 -10.97 -5.38
C ILE C 118 -12.17 -12.25 -6.13
N GLY C 119 -12.07 -13.37 -5.40
CA GLY C 119 -11.58 -14.63 -5.96
C GLY C 119 -12.31 -15.10 -7.21
N GLU C 120 -13.63 -15.25 -7.12
CA GLU C 120 -14.37 -15.67 -8.30
C GLU C 120 -14.51 -14.54 -9.31
N LEU C 121 -14.60 -13.29 -8.84
CA LEU C 121 -14.83 -12.17 -9.75
C LEU C 121 -13.62 -11.88 -10.62
N CYS C 122 -12.41 -12.15 -10.14
CA CYS C 122 -11.25 -11.85 -10.95
C CYS C 122 -11.09 -12.81 -12.13
N GLN C 123 -11.94 -13.83 -12.21
CA GLN C 123 -11.96 -14.76 -13.33
C GLN C 123 -12.75 -14.23 -14.52
N ILE C 124 -13.50 -13.15 -14.33
CA ILE C 124 -14.41 -12.68 -15.36
C ILE C 124 -13.65 -12.09 -16.53
N GLU C 125 -12.67 -11.22 -16.25
CA GLU C 125 -12.12 -10.40 -17.32
C GLU C 125 -11.41 -11.23 -18.39
N HIS C 126 -10.79 -12.37 -18.02
CA HIS C 126 -10.15 -13.23 -19.00
C HIS C 126 -10.93 -14.51 -19.29
N ALA C 127 -12.22 -14.53 -18.96
CA ALA C 127 -13.05 -15.69 -19.27
C ALA C 127 -13.08 -15.97 -20.76
N ARG C 128 -13.23 -17.25 -21.11
CA ARG C 128 -13.29 -17.63 -22.52
C ARG C 128 -14.62 -17.29 -23.18
N THR C 129 -15.73 -17.25 -22.45
CA THR C 129 -17.01 -16.93 -23.09
C THR C 129 -17.79 -15.94 -22.22
N GLU C 130 -18.70 -15.21 -22.87
CA GLU C 130 -19.54 -14.26 -22.15
C GLU C 130 -20.50 -14.98 -21.20
N HIS C 131 -20.95 -16.18 -21.55
CA HIS C 131 -21.86 -16.89 -20.66
C HIS C 131 -21.13 -17.35 -19.41
N GLU C 132 -19.85 -17.75 -19.57
CA GLU C 132 -19.00 -18.06 -18.42
C GLU C 132 -18.86 -16.85 -17.49
N GLN C 133 -18.76 -15.65 -18.06
CA GLN C 133 -18.71 -14.45 -17.24
C GLN C 133 -19.96 -14.31 -16.38
N ALA C 134 -21.14 -14.54 -16.97
CA ALA C 134 -22.38 -14.48 -16.22
C ALA C 134 -22.40 -15.52 -15.11
N ILE C 135 -21.87 -16.72 -15.39
CA ILE C 135 -21.83 -17.79 -14.39
C ILE C 135 -20.99 -17.38 -13.17
N TYR C 136 -19.85 -16.71 -13.39
CA TYR C 136 -19.06 -16.27 -12.24
C TYR C 136 -19.84 -15.28 -11.39
N THR C 137 -20.74 -14.47 -11.98
CA THR C 137 -21.55 -13.62 -11.11
C THR C 137 -22.49 -14.43 -10.24
N ASN C 138 -23.05 -15.52 -10.79
CA ASN C 138 -23.86 -16.39 -9.93
C ASN C 138 -23.02 -17.07 -8.87
N ILE C 139 -21.82 -17.52 -9.24
CA ILE C 139 -21.01 -18.28 -8.29
C ILE C 139 -20.56 -17.39 -7.15
N ALA C 140 -20.16 -16.15 -7.46
CA ALA C 140 -19.75 -15.21 -6.41
C ALA C 140 -20.91 -14.91 -5.46
N PHE C 141 -22.11 -14.68 -5.99
CA PHE C 141 -23.28 -14.49 -5.14
C PHE C 141 -23.50 -15.70 -4.23
N MET C 142 -23.42 -16.91 -4.78
CA MET C 142 -23.65 -18.08 -3.94
C MET C 142 -22.53 -18.25 -2.92
N GLN C 143 -21.31 -17.82 -3.25
CA GLN C 143 -20.25 -17.83 -2.25
C GLN C 143 -20.52 -16.82 -1.15
N SER C 144 -21.14 -15.67 -1.47
CA SER C 144 -21.61 -14.78 -0.39
C SER C 144 -22.69 -15.46 0.45
N ILE C 145 -23.52 -16.30 -0.17
CA ILE C 145 -24.51 -17.08 0.58
C ILE C 145 -23.81 -18.08 1.50
N HIS C 146 -22.81 -18.80 0.98
CA HIS C 146 -22.05 -19.73 1.82
C HIS C 146 -21.49 -19.00 3.04
N ALA C 147 -20.84 -17.86 2.81
CA ALA C 147 -20.24 -17.12 3.92
C ALA C 147 -21.30 -16.64 4.89
N ARG C 148 -22.42 -16.15 4.36
CA ARG C 148 -23.53 -15.69 5.20
C ARG C 148 -24.07 -16.82 6.05
N SER C 149 -24.11 -18.04 5.51
CA SER C 149 -24.75 -19.16 6.19
C SER C 149 -24.02 -19.55 7.47
N SER C 151 -22.63 -17.45 9.50
CA SER C 151 -23.17 -16.47 10.44
C SER C 151 -24.61 -16.84 10.86
N SER C 152 -25.37 -17.44 9.94
CA SER C 152 -26.71 -17.92 10.30
C SER C 152 -26.64 -18.99 11.37
N ILE C 153 -25.66 -19.91 11.26
CA ILE C 153 -25.42 -20.88 12.32
C ILE C 153 -25.09 -20.18 13.63
N PHE C 154 -24.15 -19.23 13.60
CA PHE C 154 -23.73 -18.54 14.82
C PHE C 154 -24.90 -17.80 15.45
N SER C 155 -25.71 -17.15 14.63
CA SER C 155 -26.86 -16.43 15.15
C SER C 155 -27.82 -17.35 15.86
N THR C 156 -27.97 -18.59 15.36
CA THR C 156 -28.91 -19.53 15.95
C THR C 156 -28.38 -20.12 17.26
N LEU C 157 -27.08 -20.41 17.29
CA LEU C 157 -26.47 -21.26 18.31
C LEU C 157 -25.61 -20.55 19.33
N CYS C 158 -24.98 -19.43 18.98
CA CYS C 158 -23.87 -18.91 19.76
C CYS C 158 -24.24 -17.65 20.52
N SER C 159 -23.48 -17.38 21.57
CA SER C 159 -23.57 -16.11 22.28
C SER C 159 -22.78 -15.04 21.53
N SER C 160 -23.06 -13.77 21.87
CA SER C 160 -22.27 -12.68 21.31
C SER C 160 -20.79 -12.85 21.64
N GLU C 161 -20.48 -13.24 22.88
CA GLU C 161 -19.09 -13.42 23.29
C GLU C 161 -18.38 -14.48 22.45
N GLU C 162 -19.06 -15.61 22.21
CA GLU C 162 -18.49 -16.66 21.37
C GLU C 162 -18.19 -16.16 19.96
N ILE C 163 -19.15 -15.45 19.36
CA ILE C 163 -18.95 -14.91 18.01
C ILE C 163 -17.78 -13.94 18.02
N ASP C 164 -17.77 -13.00 18.97
CA ASP C 164 -16.70 -12.00 19.04
C ASP C 164 -15.33 -12.66 19.14
N GLU C 165 -15.19 -13.65 20.02
CA GLU C 165 -13.88 -14.26 20.19
C GLU C 165 -13.45 -15.01 18.94
N ALA C 166 -14.41 -15.66 18.25
CA ALA C 166 -14.07 -16.43 17.05
C ALA C 166 -13.53 -15.53 15.95
N TYR C 167 -14.14 -14.36 15.76
CA TYR C 167 -13.64 -13.47 14.72
C TYR C 167 -12.27 -12.89 15.08
N ARG C 168 -12.07 -12.57 16.37
CA ARG C 168 -10.76 -12.11 16.82
C ARG C 168 -9.71 -13.22 16.70
N TRP C 169 -10.08 -14.46 17.01
CA TRP C 169 -9.18 -15.60 16.80
C TRP C 169 -8.74 -15.68 15.35
N ALA C 170 -9.67 -15.50 14.41
CA ALA C 170 -9.36 -15.65 12.99
C ALA C 170 -8.41 -14.55 12.52
N VAL C 171 -8.67 -13.31 12.92
CA VAL C 171 -7.78 -12.23 12.52
C VAL C 171 -6.40 -12.45 13.13
N GLY C 172 -6.36 -12.91 14.38
CA GLY C 172 -5.13 -13.15 15.11
C GLY C 172 -4.41 -14.45 14.83
N ASN C 173 -4.90 -15.27 13.89
CA ASN C 173 -4.30 -16.56 13.58
C ASN C 173 -3.37 -16.39 12.38
N ASP C 174 -2.05 -16.36 12.65
CA ASP C 174 -1.05 -16.12 11.61
C ASP C 174 -1.14 -17.12 10.48
N VAL C 175 -1.33 -18.41 10.80
CA VAL C 175 -1.34 -19.43 9.75
C VAL C 175 -2.58 -19.28 8.89
N LEU C 176 -3.72 -18.97 9.51
CA LEU C 176 -4.92 -18.72 8.69
C LEU C 176 -4.68 -17.54 7.77
N GLN C 177 -4.02 -16.50 8.27
CA GLN C 177 -3.71 -15.33 7.45
C GLN C 177 -2.81 -15.70 6.28
N GLN C 178 -1.81 -16.55 6.54
CA GLN C 178 -0.93 -16.99 5.46
C GLN C 178 -1.69 -17.79 4.41
N ARG C 179 -2.63 -18.63 4.83
CA ARG C 179 -3.41 -19.42 3.88
C ARG C 179 -4.22 -18.53 2.96
N VAL C 180 -4.96 -17.57 3.53
CA VAL C 180 -5.86 -16.76 2.72
C VAL C 180 -5.07 -15.83 1.82
N THR C 181 -4.01 -15.21 2.35
CA THR C 181 -3.23 -14.29 1.54
C THR C 181 -2.46 -15.01 0.45
N THR C 182 -2.06 -16.27 0.69
CA THR C 182 -1.43 -17.04 -0.38
C THR C 182 -2.36 -17.12 -1.59
N VAL C 183 -3.64 -17.38 -1.34
CA VAL C 183 -4.60 -17.47 -2.43
C VAL C 183 -4.86 -16.08 -3.02
N LEU C 184 -5.06 -15.08 -2.17
CA LEU C 184 -5.38 -13.74 -2.66
C LEU C 184 -4.30 -13.21 -3.59
N CYS C 185 -3.04 -13.52 -3.32
CA CYS C 185 -1.95 -13.04 -4.17
C CYS C 185 -2.04 -13.65 -5.57
N GLU C 186 -2.45 -14.92 -5.66
CA GLU C 186 -2.55 -15.52 -6.99
C GLU C 186 -3.68 -14.91 -7.80
N TYR C 187 -4.73 -14.40 -7.14
CA TYR C 187 -5.79 -13.72 -7.88
C TYR C 187 -5.31 -12.45 -8.55
N GLU C 188 -4.16 -11.92 -8.15
CA GLU C 188 -3.53 -10.76 -8.79
C GLU C 188 -2.62 -11.14 -9.95
N SER C 189 -2.43 -12.44 -10.19
CA SER C 189 -1.48 -12.88 -11.20
C SER C 189 -1.84 -12.34 -12.57
N GLU C 190 -0.83 -11.97 -13.34
CA GLU C 190 -1.06 -11.60 -14.73
C GLU C 190 -1.41 -12.80 -15.60
N ASP C 191 -1.21 -14.03 -15.12
CA ASP C 191 -1.58 -15.21 -15.88
C ASP C 191 -2.99 -15.63 -15.49
N PRO C 192 -3.98 -15.51 -16.38
CA PRO C 192 -5.36 -15.88 -16.01
C PRO C 192 -5.52 -17.31 -15.57
N LEU C 193 -4.67 -18.22 -16.07
CA LEU C 193 -4.83 -19.62 -15.69
C LEU C 193 -4.35 -19.86 -14.26
N LYS C 194 -3.43 -19.02 -13.75
CA LYS C 194 -3.09 -19.10 -12.34
C LYS C 194 -4.28 -18.72 -11.47
N ARG C 195 -5.05 -17.70 -11.88
CA ARG C 195 -6.27 -17.38 -11.15
C ARG C 195 -7.19 -18.57 -11.08
N LYS C 196 -7.30 -19.33 -12.19
CA LYS C 196 -8.21 -20.47 -12.24
C LYS C 196 -7.72 -21.62 -11.38
N ILE C 197 -6.42 -21.89 -11.41
CA ILE C 197 -5.86 -22.92 -10.53
C ILE C 197 -6.17 -22.60 -9.08
N ALA C 198 -5.94 -21.34 -8.67
CA ALA C 198 -6.22 -20.94 -7.30
C ALA C 198 -7.70 -21.12 -6.97
N ALA C 199 -8.60 -20.70 -7.87
CA ALA C 199 -10.03 -20.83 -7.63
C ALA C 199 -10.43 -22.29 -7.47
N THR C 200 -9.90 -23.17 -8.32
CA THR C 200 -10.17 -24.60 -8.20
C THR C 200 -9.65 -25.16 -6.87
N MET C 201 -8.46 -24.74 -6.45
CA MET C 201 -7.97 -25.17 -5.14
C MET C 201 -8.94 -24.75 -4.03
N LEU C 202 -9.46 -23.52 -4.11
CA LEU C 202 -10.30 -23.04 -3.03
C LEU C 202 -11.59 -23.84 -2.95
N SER C 203 -12.24 -24.05 -4.09
CA SER C 203 -13.54 -24.73 -4.12
C SER C 203 -13.43 -26.23 -3.91
N SER C 204 -12.32 -26.85 -4.33
CA SER C 204 -12.20 -28.29 -4.29
C SER C 204 -11.27 -28.81 -3.20
N LEU C 205 -10.59 -27.92 -2.47
CA LEU C 205 -9.64 -28.40 -1.45
C LEU C 205 -9.68 -27.62 -0.14
N LEU C 206 -9.56 -26.29 -0.19
CA LEU C 206 -9.09 -25.55 0.97
C LEU C 206 -10.06 -25.60 2.16
N LEU C 207 -11.35 -25.82 1.92
CA LEU C 207 -12.31 -25.83 3.01
C LEU C 207 -12.56 -27.22 3.59
N TYR C 208 -11.99 -28.28 3.01
CA TYR C 208 -12.45 -29.62 3.35
C TYR C 208 -11.94 -30.11 4.69
N ALA C 209 -10.77 -29.66 5.15
CA ALA C 209 -10.39 -29.98 6.53
C ALA C 209 -11.40 -29.40 7.51
N GLY C 210 -12.04 -28.29 7.13
CA GLY C 210 -13.07 -27.69 7.94
C GLY C 210 -14.40 -28.41 7.80
N PHE C 211 -14.80 -28.73 6.56
CA PHE C 211 -16.04 -29.48 6.35
C PHE C 211 -16.01 -30.85 7.02
N TYR C 212 -14.81 -31.40 7.25
CA TYR C 212 -14.71 -32.66 7.99
C TYR C 212 -15.48 -32.61 9.30
N LEU C 213 -15.41 -31.47 10.01
CA LEU C 213 -15.98 -31.42 11.36
C LEU C 213 -17.49 -31.60 11.38
N PRO C 214 -18.29 -30.81 10.64
CA PRO C 214 -19.74 -31.09 10.60
C PRO C 214 -20.07 -32.48 10.07
N LEU C 215 -19.28 -33.01 9.14
CA LEU C 215 -19.51 -34.37 8.66
C LEU C 215 -19.24 -35.38 9.78
N TYR C 216 -18.22 -35.11 10.59
CA TYR C 216 -17.96 -35.94 11.76
C TYR C 216 -19.14 -35.89 12.73
N PHE C 217 -19.64 -34.69 13.03
CA PHE C 217 -20.79 -34.58 13.92
C PHE C 217 -21.97 -35.38 13.40
N ALA C 218 -22.30 -35.21 12.11
CA ALA C 218 -23.43 -35.94 11.52
C ALA C 218 -23.20 -37.44 11.57
N SER C 219 -21.97 -37.89 11.33
CA SER C 219 -21.69 -39.33 11.44
C SER C 219 -21.95 -39.83 12.87
N ARG C 220 -21.85 -38.95 13.86
CA ARG C 220 -22.15 -39.29 15.25
CA ARG C 220 -22.15 -39.31 15.24
C ARG C 220 -23.59 -38.99 15.64
N GLY C 221 -24.42 -38.57 14.69
CA GLY C 221 -25.80 -38.27 15.01
C GLY C 221 -26.05 -36.91 15.60
N LYS C 222 -25.11 -35.98 15.46
CA LYS C 222 -25.24 -34.66 16.04
C LYS C 222 -25.23 -33.60 14.94
N MET C 223 -25.81 -32.43 15.27
CA MET C 223 -25.80 -31.27 14.39
C MET C 223 -26.36 -31.63 13.02
N MET C 224 -27.52 -32.29 13.03
CA MET C 224 -28.05 -32.90 11.82
C MET C 224 -28.56 -31.87 10.82
N ASN C 225 -29.13 -30.77 11.29
CA ASN C 225 -29.66 -29.79 10.36
C ASN C 225 -28.54 -28.93 9.79
N THR C 226 -27.55 -28.61 10.62
CA THR C 226 -26.35 -27.95 10.13
C THR C 226 -25.70 -28.77 9.01
N ALA C 227 -25.66 -30.09 9.18
CA ALA C 227 -25.08 -30.97 8.16
C ALA C 227 -25.82 -30.83 6.83
N ASP C 228 -27.15 -30.69 6.88
CA ASP C 228 -27.91 -30.48 5.65
C ASP C 228 -27.46 -29.22 4.93
N MET C 229 -27.33 -28.13 5.66
CA MET C 229 -26.84 -26.90 5.04
C MET C 229 -25.45 -27.07 4.48
N ILE C 230 -24.56 -27.74 5.22
CA ILE C 230 -23.21 -27.99 4.70
C ILE C 230 -23.28 -28.75 3.38
N ARG C 231 -24.22 -29.69 3.26
CA ARG C 231 -24.32 -30.43 2.01
C ARG C 231 -24.86 -29.58 0.88
N LEU C 232 -25.69 -28.57 1.18
CA LEU C 232 -26.08 -27.60 0.15
C LEU C 232 -24.86 -26.82 -0.33
N ILE C 233 -23.99 -26.43 0.60
CA ILE C 233 -22.75 -25.75 0.24
C ILE C 233 -21.90 -26.64 -0.65
N LEU C 234 -21.68 -27.90 -0.22
CA LEU C 234 -20.89 -28.85 -0.99
C LEU C 234 -21.48 -29.08 -2.38
N ARG C 235 -22.80 -29.15 -2.47
CA ARG C 235 -23.44 -29.32 -3.78
C ARG C 235 -23.04 -28.18 -4.71
N ASP C 236 -22.88 -26.97 -4.18
CA ASP C 236 -22.44 -25.85 -5.00
C ASP C 236 -20.95 -25.97 -5.32
N LYS C 237 -20.13 -26.20 -4.29
CA LYS C 237 -18.68 -26.13 -4.48
C LYS C 237 -18.18 -27.22 -5.41
N ALA C 238 -18.83 -28.39 -5.42
CA ALA C 238 -18.42 -29.45 -6.34
C ALA C 238 -18.51 -28.97 -7.80
N ILE C 239 -19.60 -28.28 -8.14
CA ILE C 239 -19.71 -27.72 -9.48
C ILE C 239 -18.74 -26.57 -9.66
N HIS C 240 -18.61 -25.70 -8.66
CA HIS C 240 -17.71 -24.56 -8.78
C HIS C 240 -16.29 -25.03 -9.12
N GLY C 241 -15.79 -26.02 -8.38
CA GLY C 241 -14.43 -26.49 -8.61
C GLY C 241 -14.30 -27.27 -9.91
N TYR C 242 -15.30 -28.09 -10.23
CA TYR C 242 -15.30 -28.74 -11.54
C TYR C 242 -15.24 -27.71 -12.66
N TYR C 243 -16.02 -26.62 -12.53
CA TYR C 243 -16.12 -25.67 -13.63
C TYR C 243 -14.85 -24.86 -13.79
N SER C 244 -14.28 -24.39 -12.68
CA SER C 244 -12.98 -23.73 -12.68
C SER C 244 -11.94 -24.60 -13.38
N GLY C 245 -11.89 -25.88 -13.01
CA GLY C 245 -10.89 -26.76 -13.61
C GLY C 245 -11.15 -27.02 -15.07
N TYR C 246 -12.43 -27.15 -15.44
CA TYR C 246 -12.78 -27.31 -16.85
C TYR C 246 -12.29 -26.13 -17.67
N LYS C 247 -12.58 -24.91 -17.21
CA LYS C 247 -12.17 -23.73 -17.95
C LYS C 247 -10.65 -23.59 -17.96
N PHE C 248 -10.00 -23.96 -16.87
CA PHE C 248 -8.54 -24.02 -16.87
C PHE C 248 -8.04 -24.89 -18.00
N GLN C 249 -8.60 -26.10 -18.14
CA GLN C 249 -8.13 -27.01 -19.18
C GLN C 249 -8.41 -26.47 -20.58
N ARG C 250 -9.52 -25.76 -20.77
CA ARG C 250 -9.78 -25.18 -22.09
CA ARG C 250 -9.79 -25.16 -22.08
C ARG C 250 -8.76 -24.08 -22.40
N GLY C 251 -8.38 -23.28 -21.40
CA GLY C 251 -7.32 -22.31 -21.63
C GLY C 251 -5.96 -22.96 -21.81
N LEU C 252 -5.71 -24.05 -21.10
CA LEU C 252 -4.37 -24.65 -21.08
C LEU C 252 -4.00 -25.24 -22.45
N GLU C 253 -4.97 -25.81 -23.16
CA GLU C 253 -4.66 -26.46 -24.43
C GLU C 253 -4.25 -25.46 -25.52
N LEU C 254 -4.43 -24.17 -25.29
CA LEU C 254 -3.94 -23.16 -26.23
C LEU C 254 -2.57 -22.60 -25.84
N ARG C 255 -1.96 -23.09 -24.76
CA ARG C 255 -0.69 -22.54 -24.29
C ARG C 255 0.48 -23.34 -24.84
N SER C 256 1.64 -22.70 -24.89
CA SER C 256 2.85 -23.35 -25.35
C SER C 256 3.26 -24.48 -24.42
N GLU C 257 4.15 -25.33 -24.91
CA GLU C 257 4.62 -26.46 -24.12
C GLU C 257 5.36 -26.00 -22.87
N ASN C 258 6.15 -24.92 -23.00
CA ASN C 258 6.89 -24.45 -21.83
C ASN C 258 5.93 -23.88 -20.79
N ASP C 259 4.89 -23.18 -21.23
CA ASP C 259 3.90 -22.66 -20.29
C ASP C 259 3.15 -23.78 -19.60
N LYS C 260 2.81 -24.85 -20.33
CA LYS C 260 2.14 -25.98 -19.70
C LYS C 260 3.02 -26.58 -18.61
N LYS C 261 4.31 -26.73 -18.89
CA LYS C 261 5.22 -27.30 -17.91
C LYS C 261 5.31 -26.41 -16.67
N ASN C 262 5.43 -25.11 -16.88
CA ASN C 262 5.53 -24.18 -15.75
C ASN C 262 4.25 -24.16 -14.94
N LEU C 263 3.10 -24.24 -15.61
CA LEU C 263 1.83 -24.19 -14.90
C LEU C 263 1.61 -25.44 -14.07
N GLU C 264 2.06 -26.59 -14.57
CA GLU C 264 1.99 -27.78 -13.73
C GLU C 264 2.89 -27.66 -12.52
N LYS C 265 4.13 -27.16 -12.71
CA LYS C 265 5.03 -26.99 -11.57
C LYS C 265 4.44 -26.01 -10.57
N PHE C 266 3.89 -24.90 -11.06
CA PHE C 266 3.27 -23.92 -10.17
C PHE C 266 2.12 -24.55 -9.39
N THR C 267 1.30 -25.35 -10.08
CA THR C 267 0.19 -26.03 -9.42
C THR C 267 0.69 -26.92 -8.29
N MET C 268 1.73 -27.71 -8.54
CA MET C 268 2.24 -28.58 -7.48
C MET C 268 2.90 -27.77 -6.37
N ASN C 269 3.49 -26.62 -6.70
CA ASN C 269 4.07 -25.75 -5.67
C ASN C 269 2.98 -25.14 -4.80
N LEU C 270 1.93 -24.62 -5.44
CA LEU C 270 0.77 -24.09 -4.72
C LEU C 270 0.14 -25.16 -3.83
N LEU C 271 -0.12 -26.34 -4.41
CA LEU C 271 -0.75 -27.41 -3.65
C LEU C 271 0.10 -27.79 -2.45
N ASP C 272 1.40 -27.99 -2.67
CA ASP C 272 2.27 -28.43 -1.58
C ASP C 272 2.36 -27.37 -0.48
N THR C 273 2.44 -26.08 -0.86
CA THR C 273 2.42 -25.00 0.12
C THR C 273 1.11 -24.97 0.90
N LEU C 274 -0.01 -25.10 0.19
CA LEU C 274 -1.31 -25.05 0.86
C LEU C 274 -1.55 -26.28 1.73
N TYR C 275 -1.02 -27.44 1.33
CA TYR C 275 -1.15 -28.64 2.15
C TYR C 275 -0.39 -28.47 3.46
N ASP C 276 0.89 -28.09 3.39
CA ASP C 276 1.66 -27.87 4.61
C ASP C 276 0.98 -26.86 5.53
N LEU C 277 0.44 -25.78 4.95
CA LEU C 277 -0.26 -24.79 5.75
C LEU C 277 -1.51 -25.41 6.40
N GLU C 278 -2.21 -26.28 5.67
CA GLU C 278 -3.37 -26.97 6.25
C GLU C 278 -2.97 -27.81 7.46
N VAL C 279 -1.87 -28.55 7.35
CA VAL C 279 -1.38 -29.36 8.47
C VAL C 279 -1.10 -28.46 9.67
N GLU C 280 -0.41 -27.34 9.43
CA GLU C 280 -0.13 -26.39 10.50
C GLU C 280 -1.42 -25.83 11.11
N TYR C 281 -2.35 -25.40 10.25
CA TYR C 281 -3.57 -24.72 10.70
C TYR C 281 -4.58 -25.69 11.33
N SER C 282 -4.97 -26.72 10.60
CA SER C 282 -5.99 -27.64 11.08
C SER C 282 -5.42 -28.68 12.03
N GLY C 283 -4.14 -29.04 11.87
CA GLY C 283 -3.48 -29.87 12.88
C GLY C 283 -3.55 -29.26 14.26
N GLN C 284 -3.32 -27.96 14.35
CA GLN C 284 -3.43 -27.27 15.64
C GLN C 284 -4.87 -27.21 16.11
N ILE C 285 -5.82 -26.94 15.20
CA ILE C 285 -7.22 -26.79 15.58
C ILE C 285 -7.77 -28.10 16.13
N TYR C 286 -7.43 -29.21 15.48
CA TYR C 286 -7.94 -30.53 15.85
C TYR C 286 -7.02 -31.29 16.80
N GLU C 287 -6.10 -30.60 17.48
CA GLU C 287 -5.13 -31.27 18.34
C GLU C 287 -5.78 -32.03 19.49
N GLY C 288 -6.89 -31.52 20.03
CA GLY C 288 -7.59 -32.13 21.13
C GLY C 288 -8.62 -33.16 20.73
N PHE C 289 -8.62 -33.58 19.46
CA PHE C 289 -9.57 -34.55 18.92
C PHE C 289 -8.81 -35.76 18.38
N ASP C 290 -9.42 -36.94 18.51
CA ASP C 290 -8.69 -38.13 18.09
C ASP C 290 -8.81 -38.43 16.60
N PHE C 291 -9.61 -37.67 15.86
CA PHE C 291 -9.76 -37.93 14.42
C PHE C 291 -8.71 -37.20 13.59
N HIS C 292 -7.56 -36.90 14.18
CA HIS C 292 -6.53 -36.09 13.52
C HIS C 292 -6.09 -36.70 12.19
N ASP C 293 -5.66 -37.98 12.21
CA ASP C 293 -5.19 -38.64 11.01
C ASP C 293 -6.27 -38.70 9.93
N ASP C 294 -7.52 -38.97 10.31
CA ASP C 294 -8.58 -39.08 9.31
C ASP C 294 -8.82 -37.75 8.59
N VAL C 295 -8.62 -36.62 9.29
CA VAL C 295 -8.80 -35.32 8.64
C VAL C 295 -7.89 -35.20 7.43
N PHE C 296 -6.63 -35.59 7.59
CA PHE C 296 -5.69 -35.39 6.50
C PHE C 296 -5.79 -36.45 5.41
N ASP C 297 -6.28 -37.65 5.74
CA ASP C 297 -6.74 -38.55 4.67
C ASP C 297 -7.82 -37.86 3.85
N PHE C 298 -8.74 -37.16 4.51
CA PHE C 298 -9.82 -36.46 3.83
C PHE C 298 -9.28 -35.26 3.04
N VAL C 299 -8.30 -34.55 3.59
CA VAL C 299 -7.67 -33.44 2.87
C VAL C 299 -7.02 -33.95 1.58
N ARG C 300 -6.17 -34.99 1.69
CA ARG C 300 -5.46 -35.51 0.52
C ARG C 300 -6.44 -36.09 -0.50
N TYR C 301 -7.50 -36.74 -0.02
CA TYR C 301 -8.55 -37.23 -0.90
C TYR C 301 -9.12 -36.10 -1.76
N ASN C 302 -9.46 -34.98 -1.14
CA ASN C 302 -10.01 -33.86 -1.90
C ASN C 302 -8.94 -33.15 -2.73
N ALA C 303 -7.68 -33.20 -2.29
CA ALA C 303 -6.59 -32.68 -3.11
C ALA C 303 -6.52 -33.40 -4.45
N ASN C 304 -6.66 -34.73 -4.43
CA ASN C 304 -6.69 -35.50 -5.67
C ASN C 304 -7.83 -35.06 -6.58
N LYS C 305 -9.02 -34.84 -6.02
CA LYS C 305 -10.13 -34.33 -6.84
C LYS C 305 -9.81 -32.96 -7.42
N ALA C 306 -9.23 -32.07 -6.61
CA ALA C 306 -8.82 -30.77 -7.11
C ALA C 306 -7.88 -30.91 -8.30
N LEU C 307 -6.87 -31.77 -8.19
CA LEU C 307 -5.95 -32.02 -9.30
C LEU C 307 -6.69 -32.61 -10.49
N MET C 308 -7.60 -33.55 -10.24
CA MET C 308 -8.36 -34.15 -11.33
C MET C 308 -9.23 -33.12 -12.02
N ASN C 309 -9.85 -32.23 -11.25
CA ASN C 309 -10.63 -31.15 -11.87
C ASN C 309 -9.77 -30.31 -12.80
N LEU C 310 -8.47 -30.20 -12.50
CA LEU C 310 -7.53 -29.46 -13.33
C LEU C 310 -6.98 -30.32 -14.46
N GLY C 311 -7.34 -31.60 -14.52
CA GLY C 311 -6.81 -32.49 -15.52
C GLY C 311 -5.44 -33.08 -15.20
N TYR C 312 -4.97 -32.95 -13.94
CA TYR C 312 -3.66 -33.51 -13.58
C TYR C 312 -3.83 -34.85 -12.86
N PRO C 313 -2.83 -35.73 -12.90
CA PRO C 313 -2.93 -37.01 -12.18
C PRO C 313 -3.06 -36.81 -10.68
N ALA C 314 -3.65 -37.81 -10.02
CA ALA C 314 -3.69 -37.83 -8.57
C ALA C 314 -2.28 -37.77 -7.99
N LYS C 315 -2.11 -37.06 -6.88
CA LYS C 315 -0.83 -37.00 -6.20
C LYS C 315 -0.72 -37.97 -5.05
N TYR C 316 -1.81 -38.24 -4.36
CA TYR C 316 -1.79 -39.05 -3.15
C TYR C 316 -2.33 -40.44 -3.44
N SER C 317 -1.71 -41.44 -2.81
CA SER C 317 -2.02 -42.83 -3.07
C SER C 317 -3.34 -43.23 -2.43
N GLU C 318 -3.81 -44.42 -2.83
CA GLU C 318 -5.01 -44.97 -2.20
C GLU C 318 -4.85 -45.09 -0.70
N GLU C 319 -3.65 -45.49 -0.26
CA GLU C 319 -3.36 -45.61 1.17
C GLU C 319 -3.46 -44.25 1.87
N GLU C 320 -3.05 -43.17 1.20
CA GLU C 320 -3.03 -41.85 1.79
C GLU C 320 -4.38 -41.14 1.75
N THR C 321 -5.38 -41.71 1.09
CA THR C 321 -6.66 -41.03 0.90
C THR C 321 -7.82 -41.88 1.42
N HIS C 322 -7.52 -42.74 2.39
CA HIS C 322 -8.47 -43.73 2.90
C HIS C 322 -9.36 -43.09 3.96
N VAL C 323 -10.36 -42.35 3.48
CA VAL C 323 -11.39 -41.75 4.32
C VAL C 323 -12.26 -42.82 4.98
N SER C 324 -12.54 -42.64 6.27
CA SER C 324 -13.37 -43.60 6.98
C SER C 324 -14.77 -43.66 6.35
N PRO C 325 -15.40 -44.83 6.33
CA PRO C 325 -16.71 -44.94 5.66
C PRO C 325 -17.83 -44.19 6.36
N GLU C 326 -17.69 -43.88 7.65
CA GLU C 326 -18.70 -43.05 8.32
C GLU C 326 -18.69 -41.63 7.76
N ILE C 327 -17.51 -41.09 7.49
CA ILE C 327 -17.42 -39.74 6.94
C ILE C 327 -17.94 -39.71 5.51
N LEU C 328 -17.62 -40.73 4.72
CA LEU C 328 -18.09 -40.77 3.34
C LEU C 328 -19.61 -40.90 3.28
N ALA C 329 -20.20 -41.68 4.18
CA ALA C 329 -21.65 -41.81 4.21
C ALA C 329 -22.32 -40.49 4.56
N ALA C 330 -21.73 -39.72 5.48
CA ALA C 330 -22.27 -38.43 5.86
C ALA C 330 -22.19 -37.41 4.74
N LEU C 331 -21.35 -37.66 3.72
CA LEU C 331 -21.30 -36.76 2.56
C LEU C 331 -22.60 -36.79 1.77
N SER C 332 -23.26 -37.94 1.71
CA SER C 332 -24.40 -38.10 0.82
C SER C 332 -25.75 -37.81 1.50
N THR D 7 15.08 -14.47 -2.84
CA THR D 7 14.25 -13.64 -3.70
C THR D 7 14.96 -13.35 -5.04
N ALA D 8 15.11 -14.40 -5.84
CA ALA D 8 16.05 -14.40 -6.96
C ALA D 8 15.58 -13.54 -8.13
N LEU D 9 16.53 -13.20 -9.00
CA LEU D 9 16.37 -12.28 -10.12
C LEU D 9 17.70 -12.20 -10.86
N ASP D 10 17.68 -12.20 -12.19
CA ASP D 10 18.90 -12.02 -12.98
C ASP D 10 19.62 -10.75 -12.55
N PRO D 11 20.95 -10.78 -12.40
CA PRO D 11 21.66 -9.62 -11.81
C PRO D 11 21.57 -8.33 -12.59
N THR D 12 21.24 -8.38 -13.89
CA THR D 12 21.12 -7.14 -14.66
C THR D 12 19.73 -6.51 -14.56
N GLU D 13 18.80 -7.15 -13.87
CA GLU D 13 17.40 -6.75 -13.89
C GLU D 13 17.07 -5.79 -12.75
N LEU D 14 16.08 -4.94 -13.01
CA LEU D 14 15.62 -3.99 -12.01
C LEU D 14 14.67 -4.67 -11.03
N ARG D 15 14.85 -4.38 -9.74
CA ARG D 15 14.00 -4.99 -8.73
C ARG D 15 12.54 -4.60 -8.90
N SER D 16 12.28 -3.41 -9.43
CA SER D 16 10.91 -2.98 -9.67
C SER D 16 10.20 -3.85 -10.70
N SER D 17 10.94 -4.57 -11.54
CA SER D 17 10.32 -5.46 -12.52
C SER D 17 9.57 -6.61 -11.87
N LEU D 18 9.78 -6.88 -10.58
CA LEU D 18 9.01 -7.87 -9.85
C LEU D 18 7.56 -7.43 -9.60
N ASP D 19 7.30 -6.12 -9.64
CA ASP D 19 6.01 -5.55 -9.28
C ASP D 19 5.26 -5.13 -10.52
N LYS D 20 3.92 -5.22 -10.46
CA LYS D 20 3.09 -4.67 -11.51
C LYS D 20 3.32 -3.16 -11.60
N PRO D 21 3.66 -2.62 -12.76
CA PRO D 21 4.00 -1.20 -12.83
C PRO D 21 2.76 -0.32 -12.68
N PHE D 22 3.01 0.94 -12.30
CA PHE D 22 1.96 1.94 -12.40
C PHE D 22 1.55 2.12 -13.86
N GLY D 23 0.33 2.59 -14.07
CA GLY D 23 -0.17 2.84 -15.41
C GLY D 23 0.38 4.14 -15.96
N THR D 24 -0.43 4.80 -16.81
CA THR D 24 -0.07 6.09 -17.39
C THR D 24 -1.10 7.16 -17.07
N ASN D 25 -1.94 6.95 -16.05
CA ASN D 25 -2.91 7.97 -15.67
C ASN D 25 -2.22 9.15 -15.02
N ARG D 26 -2.81 10.33 -15.23
CA ARG D 26 -2.36 11.54 -14.55
C ARG D 26 -3.62 12.23 -14.05
N VAL D 27 -3.90 12.07 -12.75
CA VAL D 27 -5.10 12.63 -12.16
C VAL D 27 -4.67 13.52 -10.99
N ILE D 28 -5.59 14.39 -10.60
CA ILE D 28 -5.48 15.14 -9.35
C ILE D 28 -6.07 14.24 -8.28
N ALA D 29 -5.20 13.63 -7.46
CA ALA D 29 -5.61 12.61 -6.49
C ALA D 29 -6.81 13.06 -5.64
N ASP D 30 -7.81 12.19 -5.53
CA ASP D 30 -8.93 12.44 -4.62
C ASP D 30 -8.50 12.24 -3.16
N ASP D 31 -9.43 12.57 -2.25
CA ASP D 31 -9.14 12.52 -0.82
C ASP D 31 -8.70 11.13 -0.38
N ALA D 32 -9.35 10.09 -0.90
CA ALA D 32 -9.02 8.73 -0.46
C ALA D 32 -7.65 8.31 -0.96
N MET D 33 -7.34 8.62 -2.21
CA MET D 33 -6.01 8.34 -2.74
C MET D 33 -4.93 9.04 -1.90
N MET D 34 -5.18 10.29 -1.49
CA MET D 34 -4.21 10.99 -0.65
C MET D 34 -4.10 10.34 0.72
N ALA D 35 -5.23 9.91 1.30
CA ALA D 35 -5.21 9.25 2.61
C ALA D 35 -4.43 7.94 2.56
N ASP D 36 -4.40 7.27 1.41
CA ASP D 36 -3.71 5.99 1.30
C ASP D 36 -2.25 6.12 0.89
N SER D 37 -1.81 7.32 0.49
CA SER D 37 -0.41 7.45 0.10
C SER D 37 0.47 7.31 1.33
N ILE D 38 1.76 7.04 1.12
CA ILE D 38 2.65 6.67 2.21
C ILE D 38 3.98 7.40 2.06
N THR D 39 4.78 7.41 3.14
CA THR D 39 6.09 8.04 3.06
C THR D 39 7.07 7.10 2.35
N PRO D 40 8.12 7.66 1.72
CA PRO D 40 9.11 6.80 1.05
C PRO D 40 9.68 5.70 1.95
N ALA D 41 9.94 5.99 3.23
CA ALA D 41 10.51 4.96 4.11
C ALA D 41 9.55 3.84 4.40
N GLN D 42 8.26 4.00 4.10
CA GLN D 42 7.33 2.88 4.28
C GLN D 42 7.16 2.06 3.02
N TYR D 43 7.78 2.45 1.90
CA TYR D 43 7.50 1.77 0.63
C TYR D 43 7.94 0.31 0.65
N ARG D 44 9.04 0.01 1.38
CA ARG D 44 9.55 -1.35 1.44
CA ARG D 44 9.57 -1.35 1.47
C ARG D 44 8.48 -2.34 1.85
N TYR D 45 7.59 -1.94 2.74
CA TYR D 45 6.57 -2.84 3.24
C TYR D 45 5.25 -2.72 2.49
N HIS D 46 5.21 -1.95 1.42
CA HIS D 46 3.94 -1.64 0.77
C HIS D 46 4.15 -1.38 -0.73
N HIS D 47 4.78 -2.32 -1.42
CA HIS D 47 5.00 -2.12 -2.85
C HIS D 47 3.68 -1.92 -3.58
N GLY D 48 3.69 -1.08 -4.60
CA GLY D 48 2.48 -0.71 -5.30
C GLY D 48 1.71 0.46 -4.70
N SER D 49 1.97 0.81 -3.44
CA SER D 49 1.37 2.00 -2.87
C SER D 49 1.97 3.27 -3.49
N ARG D 50 1.23 4.36 -3.43
CA ARG D 50 1.69 5.64 -3.93
C ARG D 50 2.44 6.39 -2.85
N VAL D 51 3.57 7.01 -3.22
CA VAL D 51 4.49 7.65 -2.31
C VAL D 51 4.31 9.17 -2.37
N ARG D 52 4.39 9.83 -1.21
CA ARG D 52 3.98 11.22 -1.07
C ARG D 52 5.17 12.08 -0.66
N PRO D 53 5.39 13.23 -1.28
CA PRO D 53 6.47 14.12 -0.84
C PRO D 53 6.11 14.83 0.45
N VAL D 54 7.14 15.17 1.24
CA VAL D 54 6.92 15.86 2.50
C VAL D 54 6.33 17.24 2.21
N ASN D 55 5.43 17.69 3.07
CA ASN D 55 4.70 18.94 2.85
C ASN D 55 4.82 19.76 4.13
N TRP D 56 5.72 20.73 4.13
CA TRP D 56 5.93 21.54 5.32
C TRP D 56 4.88 22.63 5.50
N ASN D 57 3.95 22.78 4.56
CA ASN D 57 2.78 23.63 4.73
C ASN D 57 1.54 22.83 5.13
N ASN D 58 1.72 21.57 5.52
CA ASN D 58 0.62 20.74 6.01
C ASN D 58 1.16 19.98 7.24
N ILE D 59 1.37 20.71 8.33
CA ILE D 59 1.92 20.15 9.56
C ILE D 59 0.84 19.33 10.26
N VAL D 60 1.17 18.07 10.60
CA VAL D 60 0.22 17.20 11.29
C VAL D 60 0.27 17.44 12.79
N ASP D 61 1.47 17.59 13.35
CA ASP D 61 1.69 17.82 14.78
C ASP D 61 2.54 19.07 14.92
N ASP D 62 1.98 20.14 15.48
CA ASP D 62 2.71 21.40 15.60
C ASP D 62 4.02 21.24 16.35
N LYS D 63 4.11 20.25 17.25
CA LYS D 63 5.35 20.03 17.98
C LYS D 63 6.51 19.70 17.03
N ASP D 64 6.24 19.03 15.92
CA ASP D 64 7.29 18.74 14.94
C ASP D 64 7.89 20.02 14.36
N LEU D 65 7.05 20.99 14.00
CA LEU D 65 7.59 22.22 13.45
C LEU D 65 8.44 22.95 14.48
N ASP D 66 7.98 23.01 15.74
CA ASP D 66 8.76 23.65 16.78
C ASP D 66 10.09 22.96 17.01
N VAL D 67 10.10 21.62 17.04
CA VAL D 67 11.35 20.91 17.31
C VAL D 67 12.32 21.06 16.15
N TRP D 68 11.83 20.90 14.92
CA TRP D 68 12.65 21.14 13.73
C TRP D 68 13.31 22.51 13.79
N ASN D 69 12.52 23.56 13.99
CA ASN D 69 13.04 24.92 14.00
C ASN D 69 14.09 25.11 15.09
N ARG D 70 13.86 24.54 16.27
CA ARG D 70 14.82 24.75 17.36
C ARG D 70 16.13 24.00 17.11
N LEU D 71 16.06 22.76 16.62
CA LEU D 71 17.27 21.99 16.36
C LEU D 71 18.12 22.65 15.29
N ILE D 72 17.47 23.13 14.22
CA ILE D 72 18.18 23.77 13.12
C ILE D 72 18.86 25.05 13.61
N ALA D 73 18.15 25.86 14.39
CA ALA D 73 18.72 27.11 14.90
C ALA D 73 19.90 26.87 15.83
N ASN D 74 19.98 25.69 16.47
CA ASN D 74 21.07 25.37 17.38
C ASN D 74 22.24 24.68 16.69
N PHE D 75 22.25 24.62 15.35
CA PHE D 75 23.38 24.09 14.60
C PHE D 75 24.69 24.72 15.09
N TRP D 76 25.72 23.89 15.23
CA TRP D 76 27.06 24.30 15.67
C TRP D 76 28.06 23.29 15.13
N LEU D 77 29.32 23.71 15.09
CA LEU D 77 30.45 22.88 14.67
C LEU D 77 31.56 22.98 15.70
N PRO D 78 32.27 21.89 15.98
CA PRO D 78 33.35 21.97 16.98
C PRO D 78 34.45 22.94 16.59
N GLU D 79 34.67 23.14 15.28
CA GLU D 79 35.65 24.11 14.80
C GLU D 79 35.41 25.52 15.32
N LYS D 80 34.19 25.85 15.75
CA LYS D 80 33.90 27.19 16.25
C LYS D 80 34.20 27.37 17.74
N VAL D 81 34.57 26.30 18.44
CA VAL D 81 34.93 26.37 19.85
C VAL D 81 36.45 26.48 19.96
N PRO D 82 36.98 27.43 20.73
CA PRO D 82 38.45 27.58 20.83
C PRO D 82 39.05 26.59 21.83
N LEU D 83 39.06 25.32 21.42
CA LEU D 83 39.53 24.25 22.30
C LEU D 83 41.00 24.41 22.66
N SER D 84 41.81 24.95 21.75
CA SER D 84 43.23 25.05 22.04
C SER D 84 43.50 25.99 23.23
N ASN D 85 42.53 26.79 23.64
CA ASN D 85 42.76 27.60 24.82
C ASN D 85 42.71 26.78 26.11
N ASP D 86 42.33 25.50 26.04
CA ASP D 86 42.36 24.56 27.16
C ASP D 86 43.69 23.83 27.31
N ILE D 87 44.64 24.04 26.40
CA ILE D 87 45.89 23.27 26.44
C ILE D 87 46.65 23.47 27.74
N PRO D 88 46.85 24.71 28.25
CA PRO D 88 47.50 24.82 29.57
C PRO D 88 46.71 24.13 30.67
N SER D 89 45.39 24.29 30.71
CA SER D 89 44.58 23.61 31.71
C SER D 89 44.72 22.10 31.62
N TRP D 90 44.73 21.57 30.40
CA TRP D 90 44.87 20.13 30.20
C TRP D 90 46.19 19.63 30.77
N ARG D 91 47.25 20.39 30.56
CA ARG D 91 48.55 20.02 31.07
C ARG D 91 48.66 20.17 32.58
N SER D 92 47.83 21.01 33.21
CA SER D 92 47.88 21.13 34.66
C SER D 92 47.23 19.94 35.37
N LEU D 93 46.47 19.12 34.65
CA LEU D 93 45.82 17.96 35.23
C LEU D 93 46.86 16.90 35.61
N THR D 94 46.40 15.86 36.31
CA THR D 94 47.21 14.70 36.59
C THR D 94 47.16 13.73 35.42
N ASP D 95 48.09 12.76 35.42
CA ASP D 95 48.06 11.70 34.41
C ASP D 95 46.76 10.92 34.47
N LEU D 96 46.28 10.60 35.67
CA LEU D 96 45.02 9.88 35.79
C LEU D 96 43.89 10.68 35.16
N GLU D 97 43.83 11.98 35.47
CA GLU D 97 42.76 12.82 34.91
C GLU D 97 42.80 12.85 33.38
N ARG D 98 43.99 12.96 32.79
CA ARG D 98 44.07 13.02 31.33
C ARG D 98 43.68 11.68 30.71
N LYS D 99 44.21 10.58 31.25
CA LYS D 99 43.89 9.26 30.73
C LYS D 99 42.42 8.96 30.87
N THR D 100 41.85 9.22 32.06
CA THR D 100 40.42 9.01 32.27
C THR D 100 39.59 9.80 31.27
N THR D 101 40.01 11.03 30.96
CA THR D 101 39.21 11.86 30.04
C THR D 101 39.17 11.27 28.65
N THR D 102 40.32 10.81 28.14
CA THR D 102 40.33 10.28 26.78
C THR D 102 39.52 8.99 26.69
N ARG D 103 39.52 8.20 27.76
CA ARG D 103 38.76 6.95 27.76
C ARG D 103 37.27 7.23 27.88
N VAL D 104 36.88 8.09 28.84
CA VAL D 104 35.47 8.45 28.96
C VAL D 104 34.95 8.97 27.63
N PHE D 105 35.68 9.91 27.02
CA PHE D 105 35.22 10.52 25.78
C PHE D 105 35.20 9.53 24.62
N THR D 106 36.11 8.57 24.61
CA THR D 106 36.05 7.57 23.55
C THR D 106 34.83 6.66 23.72
N GLY D 107 34.50 6.32 24.97
CA GLY D 107 33.25 5.60 25.22
C GLY D 107 32.02 6.41 24.85
N LEU D 108 32.05 7.73 25.09
CA LEU D 108 30.92 8.56 24.64
C LEU D 108 30.82 8.58 23.13
N THR D 109 31.97 8.69 22.44
CA THR D 109 32.01 8.57 20.99
C THR D 109 31.35 7.29 20.51
N LEU D 110 31.54 6.19 21.24
CA LEU D 110 30.93 4.93 20.80
C LEU D 110 29.41 5.05 20.81
N LEU D 111 28.84 5.61 21.87
CA LEU D 111 27.39 5.72 21.95
C LEU D 111 26.84 6.65 20.88
N ASP D 112 27.49 7.80 20.66
CA ASP D 112 27.00 8.75 19.66
C ASP D 112 27.21 8.24 18.24
N THR D 113 28.29 7.50 17.99
CA THR D 113 28.47 6.84 16.69
C THR D 113 27.31 5.89 16.42
N SER D 114 26.94 5.08 17.41
CA SER D 114 25.86 4.12 17.23
C SER D 114 24.54 4.83 16.99
N GLN D 115 24.27 5.90 17.74
CA GLN D 115 23.00 6.60 17.54
C GLN D 115 22.94 7.25 16.16
N ALA D 116 24.05 7.87 15.74
CA ALA D 116 24.06 8.63 14.50
C ALA D 116 23.86 7.72 13.30
N THR D 117 24.43 6.51 13.32
CA THR D 117 24.50 5.69 12.12
C THR D 117 23.50 4.55 12.09
N ILE D 118 22.72 4.37 13.15
CA ILE D 118 21.63 3.39 13.11
C ILE D 118 20.57 3.71 14.17
N GLY D 119 21.00 4.06 15.38
CA GLY D 119 20.10 4.32 16.48
C GLY D 119 18.97 5.29 16.20
N GLU D 120 19.30 6.52 15.79
CA GLU D 120 18.25 7.47 15.45
C GLU D 120 17.64 7.16 14.10
N LEU D 121 18.41 6.57 13.19
CA LEU D 121 17.92 6.35 11.84
C LEU D 121 16.86 5.27 11.78
N CYS D 122 16.90 4.30 12.69
CA CYS D 122 15.90 3.24 12.67
C CYS D 122 14.55 3.71 13.20
N GLN D 123 14.47 4.95 13.70
CA GLN D 123 13.21 5.55 14.13
C GLN D 123 12.39 6.09 12.97
N ILE D 124 12.98 6.16 11.77
CA ILE D 124 12.32 6.84 10.65
C ILE D 124 11.17 6.00 10.12
N GLU D 125 11.40 4.71 9.90
CA GLU D 125 10.43 3.96 9.12
C GLU D 125 9.08 3.87 9.81
N HIS D 126 9.06 3.86 11.16
CA HIS D 126 7.76 3.82 11.84
C HIS D 126 7.41 5.16 12.48
N ALA D 127 8.00 6.25 12.01
CA ALA D 127 7.66 7.57 12.53
C ALA D 127 6.18 7.89 12.29
N ARG D 128 5.60 8.67 13.21
CA ARG D 128 4.20 9.00 13.10
C ARG D 128 3.93 10.06 12.03
N THR D 129 4.86 10.99 11.79
CA THR D 129 4.65 12.03 10.77
C THR D 129 5.85 12.11 9.85
N GLU D 130 5.61 12.62 8.63
CA GLU D 130 6.71 12.83 7.69
C GLU D 130 7.69 13.87 8.19
N HIS D 131 7.22 14.85 8.97
CA HIS D 131 8.13 15.89 9.45
C HIS D 131 9.05 15.35 10.53
N GLU D 132 8.52 14.44 11.35
CA GLU D 132 9.33 13.72 12.32
C GLU D 132 10.46 12.96 11.63
N GLN D 133 10.17 12.33 10.49
CA GLN D 133 11.21 11.65 9.73
C GLN D 133 12.33 12.61 9.34
N ALA D 134 11.96 13.81 8.85
CA ALA D 134 12.98 14.81 8.55
C ALA D 134 13.79 15.15 9.78
N ILE D 135 13.12 15.31 10.92
CA ILE D 135 13.82 15.65 12.15
C ILE D 135 14.86 14.61 12.51
N TYR D 136 14.55 13.32 12.35
CA TYR D 136 15.54 12.29 12.65
C TYR D 136 16.77 12.41 11.75
N THR D 137 16.62 12.85 10.50
CA THR D 137 17.82 13.07 9.71
C THR D 137 18.68 14.18 10.29
N ASN D 138 18.05 15.22 10.85
CA ASN D 138 18.84 16.26 11.50
C ASN D 138 19.49 15.76 12.78
N ILE D 139 18.74 15.01 13.59
CA ILE D 139 19.28 14.54 14.87
C ILE D 139 20.47 13.62 14.62
N ALA D 140 20.34 12.72 13.64
CA ALA D 140 21.43 11.80 13.35
C ALA D 140 22.67 12.55 12.85
N PHE D 141 22.49 13.56 12.00
CA PHE D 141 23.62 14.38 11.59
C PHE D 141 24.27 15.03 12.80
N MET D 142 23.47 15.60 13.71
CA MET D 142 24.06 16.28 14.85
C MET D 142 24.72 15.30 15.81
N GLN D 143 24.21 14.06 15.90
CA GLN D 143 24.92 13.03 16.65
C GLN D 143 26.25 12.68 15.99
N SER D 144 26.33 12.75 14.67
CA SER D 144 27.62 12.60 14.01
C SER D 144 28.56 13.74 14.39
N ILE D 145 28.00 14.95 14.55
CA ILE D 145 28.77 16.10 15.00
C ILE D 145 29.26 15.88 16.43
N HIS D 146 28.37 15.42 17.33
CA HIS D 146 28.78 15.12 18.69
C HIS D 146 29.95 14.15 18.69
N ALA D 147 29.83 13.08 17.91
CA ALA D 147 30.90 12.08 17.87
C ALA D 147 32.19 12.68 17.35
N ARG D 148 32.08 13.51 16.31
CA ARG D 148 33.25 14.11 15.70
C ARG D 148 33.91 15.08 16.68
N SER D 149 33.12 15.76 17.50
CA SER D 149 33.64 16.78 18.39
C SER D 149 34.58 16.17 19.45
N SER D 151 36.59 13.75 18.90
CA SER D 151 37.84 13.65 18.13
C SER D 151 38.52 15.02 17.98
N SER D 152 37.71 16.08 17.88
CA SER D 152 38.27 17.44 17.82
C SER D 152 39.02 17.76 19.10
N ILE D 153 38.45 17.38 20.26
CA ILE D 153 39.16 17.51 21.53
C ILE D 153 40.47 16.76 21.49
N PHE D 154 40.42 15.48 21.10
CA PHE D 154 41.63 14.66 21.06
C PHE D 154 42.68 15.28 20.15
N SER D 155 42.27 15.75 18.98
CA SER D 155 43.20 16.36 18.05
C SER D 155 43.86 17.59 18.65
N THR D 156 43.13 18.33 19.49
CA THR D 156 43.69 19.55 20.06
C THR D 156 44.63 19.24 21.22
N LEU D 157 44.29 18.23 22.03
CA LEU D 157 44.95 18.02 23.31
C LEU D 157 45.88 16.82 23.36
N CYS D 158 45.63 15.77 22.58
CA CYS D 158 46.23 14.47 22.83
C CYS D 158 47.34 14.12 21.85
N SER D 159 48.20 13.20 22.27
CA SER D 159 49.19 12.61 21.37
C SER D 159 48.55 11.50 20.54
N SER D 160 49.24 11.12 19.46
CA SER D 160 48.79 9.96 18.69
C SER D 160 48.70 8.72 19.56
N GLU D 161 49.66 8.53 20.47
CA GLU D 161 49.68 7.34 21.31
C GLU D 161 48.49 7.30 22.24
N GLU D 162 48.17 8.45 22.87
CA GLU D 162 47.02 8.53 23.76
C GLU D 162 45.74 8.20 23.02
N ILE D 163 45.56 8.77 21.82
CA ILE D 163 44.37 8.48 21.01
C ILE D 163 44.30 6.99 20.69
N ASP D 164 45.40 6.43 20.16
CA ASP D 164 45.46 5.02 19.80
C ASP D 164 45.05 4.14 20.97
N GLU D 165 45.64 4.36 22.15
CA GLU D 165 45.35 3.48 23.27
C GLU D 165 43.90 3.62 23.74
N ALA D 166 43.32 4.82 23.66
CA ALA D 166 41.96 5.00 24.14
C ALA D 166 40.95 4.28 23.25
N TYR D 167 41.20 4.24 21.94
CA TYR D 167 40.29 3.51 21.06
C TYR D 167 40.45 2.01 21.24
N ARG D 168 41.67 1.54 21.51
CA ARG D 168 41.87 0.12 21.78
C ARG D 168 41.25 -0.26 23.13
N TRP D 169 41.39 0.63 24.12
CA TRP D 169 40.71 0.44 25.40
C TRP D 169 39.19 0.33 25.20
N ALA D 170 38.63 1.15 24.33
CA ALA D 170 37.18 1.12 24.09
C ALA D 170 36.76 -0.22 23.52
N VAL D 171 37.45 -0.68 22.47
CA VAL D 171 37.12 -1.97 21.88
C VAL D 171 37.34 -3.09 22.90
N GLY D 172 38.38 -2.96 23.72
CA GLY D 172 38.73 -3.97 24.69
C GLY D 172 37.95 -4.00 25.98
N ASN D 173 36.97 -3.11 26.15
CA ASN D 173 36.25 -2.98 27.42
C ASN D 173 34.96 -3.79 27.33
N ASP D 174 34.95 -4.98 27.94
CA ASP D 174 33.79 -5.87 27.79
C ASP D 174 32.50 -5.20 28.26
N VAL D 175 32.57 -4.46 29.36
CA VAL D 175 31.37 -3.83 29.90
C VAL D 175 30.87 -2.73 28.96
N LEU D 176 31.79 -1.93 28.42
CA LEU D 176 31.40 -0.94 27.41
C LEU D 176 30.74 -1.61 26.22
N GLN D 177 31.26 -2.76 25.79
CA GLN D 177 30.65 -3.47 24.68
C GLN D 177 29.26 -3.98 25.05
N GLN D 178 29.09 -4.46 26.29
CA GLN D 178 27.77 -4.89 26.73
C GLN D 178 26.79 -3.72 26.73
N ARG D 179 27.25 -2.54 27.14
CA ARG D 179 26.37 -1.38 27.16
C ARG D 179 25.89 -1.03 25.75
N VAL D 180 26.81 -0.93 24.79
CA VAL D 180 26.40 -0.46 23.46
C VAL D 180 25.58 -1.53 22.75
N THR D 181 25.95 -2.81 22.89
CA THR D 181 25.22 -3.84 22.17
C THR D 181 23.84 -4.08 22.78
N THR D 182 23.69 -3.80 24.08
CA THR D 182 22.36 -3.86 24.68
C THR D 182 21.41 -2.91 23.99
N VAL D 183 21.86 -1.68 23.72
CA VAL D 183 21.00 -0.71 23.05
C VAL D 183 20.84 -1.07 21.58
N LEU D 184 21.91 -1.49 20.91
CA LEU D 184 21.82 -1.78 19.47
C LEU D 184 20.83 -2.91 19.20
N CYS D 185 20.68 -3.83 20.15
CA CYS D 185 19.77 -4.95 19.98
C CYS D 185 18.32 -4.50 19.99
N GLU D 186 17.98 -3.48 20.80
CA GLU D 186 16.60 -3.01 20.84
C GLU D 186 16.25 -2.23 19.59
N TYR D 187 17.25 -1.65 18.91
CA TYR D 187 17.01 -1.01 17.64
C TYR D 187 16.59 -2.00 16.56
N GLU D 188 16.86 -3.27 16.78
CA GLU D 188 16.41 -4.31 15.87
C GLU D 188 15.00 -4.79 16.17
N SER D 189 14.38 -4.28 17.23
CA SER D 189 13.09 -4.82 17.63
C SER D 189 12.02 -4.50 16.60
N GLU D 190 11.11 -5.44 16.43
CA GLU D 190 9.98 -5.15 15.55
CA GLU D 190 9.91 -5.26 15.63
C GLU D 190 8.97 -4.21 16.21
N ASP D 191 9.03 -3.98 17.53
CA ASP D 191 8.16 -3.02 18.18
C ASP D 191 8.76 -1.62 18.06
N PRO D 192 8.18 -0.72 17.27
CA PRO D 192 8.74 0.64 17.14
C PRO D 192 8.90 1.36 18.46
N LEU D 193 8.02 1.10 19.44
CA LEU D 193 8.07 1.82 20.70
C LEU D 193 9.26 1.39 21.53
N LYS D 194 9.75 0.16 21.35
CA LYS D 194 10.98 -0.25 22.02
C LYS D 194 12.18 0.50 21.45
N ARG D 195 12.20 0.72 20.13
CA ARG D 195 13.24 1.57 19.54
C ARG D 195 13.22 2.96 20.16
N LYS D 196 12.03 3.51 20.37
CA LYS D 196 11.92 4.85 20.93
C LYS D 196 12.41 4.89 22.38
N ILE D 197 12.04 3.87 23.17
CA ILE D 197 12.50 3.80 24.56
C ILE D 197 14.02 3.76 24.61
N ALA D 198 14.63 2.92 23.76
CA ALA D 198 16.09 2.83 23.74
C ALA D 198 16.72 4.17 23.36
N ALA D 199 16.16 4.86 22.35
CA ALA D 199 16.71 6.15 21.93
C ALA D 199 16.62 7.18 23.05
N THR D 200 15.48 7.23 23.75
CA THR D 200 15.35 8.13 24.89
C THR D 200 16.39 7.82 25.96
N MET D 201 16.62 6.53 26.24
CA MET D 201 17.65 6.16 27.20
C MET D 201 19.01 6.66 26.77
N LEU D 202 19.34 6.53 25.48
CA LEU D 202 20.65 6.96 25.02
C LEU D 202 20.83 8.46 25.19
N SER D 203 19.84 9.25 24.73
CA SER D 203 19.98 10.70 24.75
C SER D 203 19.79 11.29 26.14
N SER D 204 19.01 10.65 27.00
CA SER D 204 18.68 11.25 28.28
C SER D 204 19.40 10.61 29.46
N LEU D 205 20.13 9.51 29.26
CA LEU D 205 20.76 8.84 30.39
C LEU D 205 22.18 8.36 30.11
N LEU D 206 22.40 7.66 29.00
CA LEU D 206 23.55 6.76 28.92
C LEU D 206 24.89 7.48 28.90
N LEU D 207 24.94 8.74 28.50
CA LEU D 207 26.21 9.44 28.43
C LEU D 207 26.48 10.30 29.68
N TYR D 208 25.53 10.40 30.61
CA TYR D 208 25.66 11.43 31.63
C TYR D 208 26.70 11.10 32.69
N ALA D 209 26.93 9.81 32.97
CA ALA D 209 28.06 9.49 33.85
C ALA D 209 29.36 10.00 33.26
N GLY D 210 29.44 10.05 31.92
CA GLY D 210 30.59 10.58 31.23
C GLY D 210 30.61 12.10 31.23
N PHE D 211 29.46 12.73 30.96
CA PHE D 211 29.41 14.19 30.94
C PHE D 211 29.73 14.76 32.31
N TYR D 212 29.49 14.00 33.38
CA TYR D 212 29.86 14.44 34.72
C TYR D 212 31.30 14.94 34.74
N LEU D 213 32.21 14.22 34.08
CA LEU D 213 33.64 14.53 34.19
C LEU D 213 33.99 15.93 33.71
N PRO D 214 33.68 16.34 32.45
CA PRO D 214 33.98 17.73 32.06
C PRO D 214 33.23 18.75 32.89
N LEU D 215 32.02 18.42 33.35
CA LEU D 215 31.33 19.31 34.27
C LEU D 215 32.09 19.46 35.57
N TYR D 216 32.66 18.35 36.07
CA TYR D 216 33.48 18.41 37.28
C TYR D 216 34.70 19.31 37.07
N PHE D 217 35.42 19.12 35.96
CA PHE D 217 36.57 19.99 35.65
C PHE D 217 36.16 21.45 35.62
N ALA D 218 35.10 21.77 34.88
CA ALA D 218 34.64 23.16 34.82
C ALA D 218 34.29 23.69 36.21
N SER D 219 33.65 22.85 37.02
CA SER D 219 33.34 23.27 38.39
C SER D 219 34.60 23.57 39.19
N ARG D 220 35.76 23.02 38.80
CA ARG D 220 37.03 23.31 39.45
CA ARG D 220 37.03 23.30 39.45
C ARG D 220 37.85 24.35 38.70
N GLY D 221 37.26 25.01 37.71
CA GLY D 221 37.97 26.04 36.97
C GLY D 221 38.88 25.54 35.88
N LYS D 222 38.66 24.31 35.40
CA LYS D 222 39.54 23.62 34.46
C LYS D 222 38.79 23.25 33.20
N MET D 223 39.52 23.15 32.09
CA MET D 223 38.96 22.68 30.82
C MET D 223 37.72 23.47 30.43
N MET D 224 37.86 24.81 30.44
CA MET D 224 36.69 25.68 30.39
C MET D 224 36.07 25.73 28.99
N ASN D 225 36.90 25.73 27.94
CA ASN D 225 36.34 25.78 26.60
C ASN D 225 35.74 24.45 26.21
N THR D 226 36.37 23.35 26.66
CA THR D 226 35.78 22.03 26.45
C THR D 226 34.39 21.96 27.06
N ALA D 227 34.23 22.55 28.25
CA ALA D 227 32.92 22.58 28.90
C ALA D 227 31.88 23.29 28.05
N ASP D 228 32.26 24.39 27.39
CA ASP D 228 31.34 25.07 26.49
C ASP D 228 30.86 24.13 25.39
N MET D 229 31.78 23.36 24.81
CA MET D 229 31.37 22.43 23.76
C MET D 229 30.47 21.33 24.30
N ILE D 230 30.79 20.82 25.50
CA ILE D 230 29.92 19.83 26.13
C ILE D 230 28.52 20.39 26.30
N ARG D 231 28.41 21.66 26.71
CA ARG D 231 27.09 22.25 26.89
C ARG D 231 26.35 22.41 25.57
N LEU D 232 27.06 22.61 24.46
CA LEU D 232 26.41 22.58 23.15
C LEU D 232 25.82 21.20 22.86
N ILE D 233 26.57 20.15 23.21
CA ILE D 233 26.06 18.78 23.04
C ILE D 233 24.83 18.57 23.91
N LEU D 234 24.91 18.98 25.18
CA LEU D 234 23.78 18.78 26.10
C LEU D 234 22.54 19.50 25.59
N ARG D 235 22.72 20.71 25.06
CA ARG D 235 21.59 21.46 24.53
C ARG D 235 20.87 20.68 23.44
N ASP D 236 21.63 19.97 22.58
CA ASP D 236 21.02 19.08 21.61
C ASP D 236 20.37 17.88 22.29
N LYS D 237 21.13 17.18 23.14
CA LYS D 237 20.63 15.91 23.66
C LYS D 237 19.37 16.09 24.50
N ALA D 238 19.24 17.22 25.20
CA ALA D 238 18.03 17.45 25.98
C ALA D 238 16.79 17.42 25.08
N ILE D 239 16.88 18.06 23.91
CA ILE D 239 15.74 18.05 23.00
C ILE D 239 15.57 16.68 22.37
N HIS D 240 16.69 16.02 22.01
CA HIS D 240 16.60 14.69 21.42
C HIS D 240 15.84 13.74 22.33
N GLY D 241 16.18 13.72 23.61
CA GLY D 241 15.53 12.77 24.53
C GLY D 241 14.10 13.15 24.84
N TYR D 242 13.83 14.45 25.00
CA TYR D 242 12.46 14.91 25.11
C TYR D 242 11.62 14.46 23.92
N TYR D 243 12.17 14.63 22.71
CA TYR D 243 11.39 14.36 21.49
C TYR D 243 11.16 12.87 21.31
N SER D 244 12.19 12.06 21.54
CA SER D 244 12.02 10.60 21.53
C SER D 244 10.94 10.18 22.50
N GLY D 245 10.96 10.72 23.72
CA GLY D 245 9.97 10.33 24.71
C GLY D 245 8.57 10.82 24.35
N TYR D 246 8.49 12.04 23.81
CA TYR D 246 7.20 12.56 23.35
C TYR D 246 6.58 11.65 22.31
N LYS D 247 7.35 11.28 21.27
CA LYS D 247 6.81 10.40 20.23
C LYS D 247 6.51 9.01 20.78
N PHE D 248 7.29 8.54 21.75
CA PHE D 248 6.90 7.32 22.44
C PHE D 248 5.51 7.43 23.03
N GLN D 249 5.23 8.56 23.71
CA GLN D 249 3.94 8.71 24.36
C GLN D 249 2.80 8.82 23.36
N ARG D 250 3.02 9.44 22.21
CA ARG D 250 2.00 9.51 21.18
CA ARG D 250 1.97 9.50 21.20
C ARG D 250 1.67 8.13 20.62
N GLY D 251 2.66 7.27 20.50
CA GLY D 251 2.44 5.91 20.05
C GLY D 251 1.83 5.04 21.15
N LEU D 252 2.25 5.27 22.39
CA LEU D 252 1.84 4.41 23.50
C LEU D 252 0.34 4.51 23.77
N GLU D 253 -0.22 5.72 23.65
CA GLU D 253 -1.63 5.92 23.97
C GLU D 253 -2.56 5.20 23.00
N LEU D 254 -2.05 4.71 21.87
CA LEU D 254 -2.84 3.94 20.92
C LEU D 254 -2.73 2.43 21.15
N ARG D 255 -1.96 2.00 22.13
CA ARG D 255 -1.74 0.59 22.39
C ARG D 255 -2.73 0.09 23.45
N SER D 256 -2.97 -1.21 23.44
CA SER D 256 -3.87 -1.81 24.41
C SER D 256 -3.33 -1.61 25.82
N GLU D 257 -4.21 -1.75 26.81
CA GLU D 257 -3.77 -1.67 28.20
C GLU D 257 -2.73 -2.74 28.50
N ASN D 258 -2.85 -3.92 27.89
CA ASN D 258 -1.87 -4.97 28.14
C ASN D 258 -0.51 -4.63 27.55
N ASP D 259 -0.48 -4.09 26.33
CA ASP D 259 0.79 -3.63 25.77
C ASP D 259 1.41 -2.54 26.62
N LYS D 260 0.59 -1.63 27.15
CA LYS D 260 1.11 -0.58 28.03
C LYS D 260 1.77 -1.19 29.25
N LYS D 261 1.12 -2.19 29.84
CA LYS D 261 1.70 -2.89 30.98
C LYS D 261 3.06 -3.48 30.62
N ASN D 262 3.14 -4.16 29.48
CA ASN D 262 4.37 -4.83 29.08
C ASN D 262 5.49 -3.84 28.77
N LEU D 263 5.17 -2.75 28.05
CA LEU D 263 6.20 -1.77 27.73
C LEU D 263 6.75 -1.10 28.97
N GLU D 264 5.90 -0.89 29.98
CA GLU D 264 6.35 -0.34 31.26
C GLU D 264 7.35 -1.27 31.92
N LYS D 265 7.04 -2.57 31.96
CA LYS D 265 7.97 -3.52 32.57
C LYS D 265 9.23 -3.64 31.74
N PHE D 266 9.10 -3.61 30.41
CA PHE D 266 10.27 -3.64 29.57
C PHE D 266 11.16 -2.43 29.83
N THR D 267 10.55 -1.26 29.98
CA THR D 267 11.32 -0.06 30.26
C THR D 267 12.09 -0.20 31.57
N MET D 268 11.43 -0.67 32.63
CA MET D 268 12.13 -0.84 33.90
C MET D 268 13.20 -1.91 33.81
N ASN D 269 12.97 -2.95 32.99
CA ASN D 269 13.99 -3.97 32.78
C ASN D 269 15.22 -3.38 32.11
N LEU D 270 15.00 -2.61 31.04
CA LEU D 270 16.10 -1.99 30.32
C LEU D 270 16.84 -0.97 31.18
N LEU D 271 16.09 -0.13 31.90
CA LEU D 271 16.71 0.83 32.79
C LEU D 271 17.52 0.13 33.89
N ASP D 272 16.99 -0.95 34.45
CA ASP D 272 17.71 -1.66 35.51
C ASP D 272 19.02 -2.25 34.97
N THR D 273 18.97 -2.86 33.79
CA THR D 273 20.18 -3.44 33.19
C THR D 273 21.20 -2.37 32.85
N LEU D 274 20.76 -1.27 32.24
CA LEU D 274 21.70 -0.23 31.86
C LEU D 274 22.28 0.47 33.08
N TYR D 275 21.50 0.61 34.14
CA TYR D 275 22.02 1.20 35.37
C TYR D 275 23.11 0.32 35.98
N ASP D 276 22.83 -0.97 36.13
CA ASP D 276 23.83 -1.89 36.68
C ASP D 276 25.11 -1.86 35.87
N LEU D 277 24.99 -1.88 34.55
CA LEU D 277 26.15 -1.74 33.67
C LEU D 277 26.85 -0.40 33.87
N GLU D 278 26.12 0.67 34.17
CA GLU D 278 26.79 1.94 34.40
C GLU D 278 27.61 1.90 35.69
N VAL D 279 27.07 1.29 36.76
CA VAL D 279 27.86 1.11 37.98
C VAL D 279 29.12 0.34 37.65
N GLU D 280 28.99 -0.78 36.94
CA GLU D 280 30.14 -1.58 36.54
C GLU D 280 31.12 -0.74 35.73
N TYR D 281 30.61 -0.05 34.70
CA TYR D 281 31.44 0.67 33.74
C TYR D 281 32.07 1.92 34.35
N SER D 282 31.24 2.85 34.83
CA SER D 282 31.77 4.11 35.34
C SER D 282 32.34 3.95 36.74
N GLY D 283 31.82 2.99 37.52
CA GLY D 283 32.42 2.73 38.82
C GLY D 283 33.87 2.32 38.69
N GLN D 284 34.19 1.53 37.67
CA GLN D 284 35.58 1.13 37.45
C GLN D 284 36.41 2.32 36.97
N ILE D 285 35.86 3.11 36.06
CA ILE D 285 36.59 4.23 35.49
C ILE D 285 36.94 5.25 36.57
N TYR D 286 35.98 5.52 37.46
CA TYR D 286 36.10 6.58 38.44
C TYR D 286 36.56 6.08 39.80
N GLU D 287 37.17 4.89 39.85
CA GLU D 287 37.61 4.32 41.12
CA GLU D 287 37.63 4.31 41.12
C GLU D 287 38.45 5.30 41.92
N GLY D 288 39.53 5.83 41.31
CA GLY D 288 40.46 6.66 42.05
C GLY D 288 40.09 8.13 42.12
N PHE D 289 38.79 8.43 42.09
CA PHE D 289 38.28 9.79 42.18
C PHE D 289 37.30 9.87 43.34
N ASP D 290 37.27 11.02 44.01
CA ASP D 290 36.44 11.15 45.20
C ASP D 290 35.00 11.55 44.88
N PHE D 291 34.70 11.91 43.64
CA PHE D 291 33.33 12.23 43.26
C PHE D 291 32.51 11.00 42.89
N HIS D 292 32.99 9.81 43.26
CA HIS D 292 32.36 8.56 42.83
C HIS D 292 30.88 8.53 43.18
N ASP D 293 30.54 8.76 44.46
CA ASP D 293 29.14 8.75 44.87
C ASP D 293 28.33 9.81 44.12
N ASP D 294 28.89 11.01 43.96
CA ASP D 294 28.17 12.08 43.29
C ASP D 294 27.89 11.74 41.83
N VAL D 295 28.78 11.00 41.17
CA VAL D 295 28.53 10.57 39.79
C VAL D 295 27.21 9.82 39.70
N PHE D 296 26.96 8.92 40.64
CA PHE D 296 25.77 8.09 40.50
C PHE D 296 24.51 8.74 41.03
N ASP D 297 24.64 9.72 41.95
CA ASP D 297 23.53 10.64 42.17
C ASP D 297 23.12 11.30 40.87
N PHE D 298 24.10 11.67 40.05
CA PHE D 298 23.85 12.35 38.78
C PHE D 298 23.27 11.38 37.74
N VAL D 299 23.74 10.13 37.74
CA VAL D 299 23.17 9.11 36.87
C VAL D 299 21.69 8.92 37.19
N ARG D 300 21.36 8.78 38.48
CA ARG D 300 19.98 8.55 38.88
C ARG D 300 19.11 9.79 38.63
N TYR D 301 19.67 10.99 38.86
CA TYR D 301 18.98 12.23 38.53
C TYR D 301 18.55 12.26 37.07
N ASN D 302 19.46 11.85 36.18
CA ASN D 302 19.14 11.86 34.76
C ASN D 302 18.28 10.65 34.36
N ALA D 303 18.37 9.55 35.10
CA ALA D 303 17.45 8.44 34.86
C ALA D 303 16.01 8.86 35.08
N ASN D 304 15.76 9.62 36.15
CA ASN D 304 14.43 10.18 36.37
C ASN D 304 14.01 11.08 35.21
N LYS D 305 14.93 11.89 34.68
CA LYS D 305 14.61 12.72 33.53
C LYS D 305 14.20 11.86 32.34
N ALA D 306 14.96 10.79 32.08
CA ALA D 306 14.64 9.87 30.99
C ALA D 306 13.25 9.27 31.18
N LEU D 307 12.94 8.81 32.39
CA LEU D 307 11.62 8.25 32.66
C LEU D 307 10.54 9.30 32.45
N MET D 308 10.77 10.52 32.95
CA MET D 308 9.78 11.58 32.81
C MET D 308 9.54 11.90 31.34
N ASN D 309 10.60 11.90 30.52
CA ASN D 309 10.45 12.10 29.08
C ASN D 309 9.55 11.05 28.46
N LEU D 310 9.57 9.82 28.98
CA LEU D 310 8.73 8.73 28.49
C LEU D 310 7.34 8.74 29.11
N GLY D 311 7.07 9.64 30.04
CA GLY D 311 5.77 9.68 30.71
C GLY D 311 5.66 8.83 31.95
N TYR D 312 6.78 8.18 32.41
CA TYR D 312 6.74 7.29 33.57
C TYR D 312 7.12 8.05 34.84
N PRO D 313 6.65 7.60 36.00
CA PRO D 313 7.03 8.26 37.26
C PRO D 313 8.52 8.14 37.53
N ALA D 314 9.00 9.02 38.42
CA ALA D 314 10.38 8.95 38.87
C ALA D 314 10.63 7.63 39.61
N LYS D 315 11.80 7.05 39.39
CA LYS D 315 12.19 5.81 40.05
C LYS D 315 13.01 6.04 41.31
N TYR D 316 13.79 7.11 41.35
CA TYR D 316 14.75 7.38 42.42
C TYR D 316 14.30 8.57 43.24
N SER D 317 14.49 8.47 44.55
CA SER D 317 14.06 9.48 45.50
C SER D 317 14.96 10.72 45.40
N GLU D 318 14.57 11.77 46.14
CA GLU D 318 15.40 12.96 46.24
C GLU D 318 16.77 12.64 46.83
N GLU D 319 16.80 11.80 47.88
CA GLU D 319 18.08 11.47 48.52
C GLU D 319 19.01 10.76 47.56
N GLU D 320 18.46 9.93 46.68
CA GLU D 320 19.26 9.21 45.70
C GLU D 320 19.66 10.08 44.51
N THR D 321 19.18 11.32 44.41
CA THR D 321 19.42 12.12 43.21
C THR D 321 19.87 13.54 43.58
N HIS D 322 20.54 13.68 44.73
CA HIS D 322 21.02 14.97 45.20
C HIS D 322 22.39 15.22 44.60
N VAL D 323 22.40 15.77 43.39
CA VAL D 323 23.63 16.21 42.73
C VAL D 323 24.18 17.43 43.45
N SER D 324 25.51 17.48 43.59
CA SER D 324 26.15 18.59 44.27
C SER D 324 25.81 19.90 43.56
N PRO D 325 25.66 20.99 44.32
CA PRO D 325 25.33 22.29 43.68
C PRO D 325 26.38 22.74 42.68
N GLU D 326 27.65 22.40 42.90
CA GLU D 326 28.70 22.80 41.96
C GLU D 326 28.49 22.18 40.59
N ILE D 327 28.11 20.90 40.54
CA ILE D 327 27.90 20.25 39.26
C ILE D 327 26.68 20.83 38.56
N LEU D 328 25.59 21.01 39.30
CA LEU D 328 24.38 21.60 38.71
C LEU D 328 24.67 22.97 38.15
N ALA D 329 25.48 23.76 38.85
CA ALA D 329 25.84 25.10 38.38
C ALA D 329 26.65 25.05 37.10
N ALA D 330 27.46 23.99 36.91
CA ALA D 330 28.25 23.86 35.69
C ALA D 330 27.39 23.48 34.49
N LEU D 331 26.15 23.00 34.72
CA LEU D 331 25.26 22.69 33.61
C LEU D 331 24.86 23.94 32.84
N SER D 332 24.78 25.09 33.50
CA SER D 332 24.32 26.30 32.83
C SER D 332 25.46 27.17 32.34
#